data_7YNH
#
_entry.id   7YNH
#
_cell.length_a   192.510
_cell.length_b   64.610
_cell.length_c   158.240
_cell.angle_alpha   90.000
_cell.angle_beta   116.860
_cell.angle_gamma   90.000
#
_symmetry.space_group_name_H-M   'C 1 2 1'
#
loop_
_entity.id
_entity.type
_entity.pdbx_description
1 polymer 'Phenylethylamine oxidase'
2 non-polymer 'SODIUM ION'
3 non-polymer PHENYLACETALDEHYDE
4 non-polymer 'COPPER (II) ION'
5 water water
#
_entity_poly.entity_id   1
_entity_poly.type   'polypeptide(L)'
_entity_poly.pdbx_seq_one_letter_code
;ASPFRLASAGEISEVQGILRTAGLLGPEKRIAYLGVLDPARGAGSEAEDRRFRVFIHDVSGARPQEVTVSVTNGTVISAV
ELDTAATGELPVLEEEFEVVEQLLATDERWLKALAARNLDVSKVRVAPLSAGVFEYAEERGRRILRGLAFVQDFPEDSAW
AHPVDGLVAYVDVVSKEVTRVIDTGVFPVPAEHGNYTDPELTGPLRTTQKPISITQPEGPSFTVTGGNHIEWEKWSLDVG
FDVREGVVLHNIAFRDGDRLRPIINRASIAEMVVPYGDPSPIRSWQNYFDTGEYLVGQYANSLELGCDCLGDITYLSPVI
SDAFGNPREIRNGICMHEEDWGILAKHSDLWSGINYTRRNRRMVISFFTTIGN(TYQ)DYGFYWYLYLDGTIEFEAKATG
VVFTSAFPEGGSDNISQLAPGLGAPFHQHIFSARLDMAIDGFTNRVEEEDVVRQTMGPGNERGNAFSRKRTVLTRESEAV
READARTGRTWIISNPESKNRLNEPVGYKLHAHNQPTLLADPGSSIARRAAFATKDLWVTRYADDERYPTGDFVNQHSGG
AGLPSYIAQDRDIDGQDIVVWHTFGLTHFPRVEDWPIMPVDTVGFKLRPEGFFDRSPVLDVPAN
;
_entity_poly.pdbx_strand_id   A,B
#
loop_
_chem_comp.id
_chem_comp.type
_chem_comp.name
_chem_comp.formula
CU non-polymer 'COPPER (II) ION' 'Cu 2'
HY1 non-polymer PHENYLACETALDEHYDE 'C8 H8 O'
NA non-polymer 'SODIUM ION' 'Na 1'
#
# COMPACT_ATOMS: atom_id res chain seq x y z
N ALA A 1 8.48 -31.00 20.16
CA ALA A 1 9.39 -30.30 19.25
C ALA A 1 8.65 -29.78 18.01
N SER A 2 7.32 -29.85 18.03
CA SER A 2 6.54 -29.61 16.81
C SER A 2 6.41 -28.11 16.53
N PRO A 3 6.69 -27.66 15.32
CA PRO A 3 6.49 -26.23 15.00
C PRO A 3 5.05 -25.78 15.09
N PHE A 4 4.08 -26.70 15.13
CA PHE A 4 2.67 -26.35 15.25
C PHE A 4 2.19 -26.37 16.69
N ARG A 5 3.11 -26.50 17.64
CA ARG A 5 2.72 -26.48 19.05
C ARG A 5 2.10 -25.15 19.42
N LEU A 6 1.24 -25.18 20.43
CA LEU A 6 0.63 -23.96 20.93
C LEU A 6 1.71 -23.04 21.48
N ALA A 7 1.44 -21.73 21.45
CA ALA A 7 2.29 -20.76 22.13
C ALA A 7 2.33 -21.05 23.62
N SER A 8 3.50 -20.92 24.21
CA SER A 8 3.65 -21.12 25.64
C SER A 8 3.67 -19.78 26.34
N ALA A 9 3.45 -19.80 27.66
CA ALA A 9 3.58 -18.59 28.46
C ALA A 9 4.99 -18.02 28.37
N GLY A 10 6.00 -18.90 28.32
CA GLY A 10 7.37 -18.42 28.20
C GLY A 10 7.62 -17.73 26.88
N GLU A 11 7.05 -18.26 25.79
CA GLU A 11 7.16 -17.58 24.50
C GLU A 11 6.53 -16.20 24.55
N ILE A 12 5.33 -16.09 25.15
CA ILE A 12 4.69 -14.78 25.28
C ILE A 12 5.60 -13.84 26.06
N SER A 13 6.17 -14.32 27.17
CA SER A 13 7.02 -13.47 28.01
C SER A 13 8.25 -13.01 27.24
N GLU A 14 8.82 -13.90 26.44
CA GLU A 14 9.99 -13.51 25.65
C GLU A 14 9.62 -12.46 24.63
N VAL A 15 8.46 -12.60 24.01
CA VAL A 15 8.01 -11.61 23.02
C VAL A 15 7.89 -10.25 23.69
N GLN A 16 7.27 -10.22 24.88
CA GLN A 16 7.16 -8.98 25.63
C GLN A 16 8.54 -8.41 25.95
N GLY A 17 9.46 -9.28 26.39
CA GLY A 17 10.81 -8.81 26.66
C GLY A 17 11.46 -8.19 25.44
N ILE A 18 11.32 -8.84 24.28
CA ILE A 18 11.93 -8.35 23.05
C ILE A 18 11.32 -7.01 22.64
N LEU A 19 9.99 -6.90 22.68
CA LEU A 19 9.36 -5.64 22.32
C LEU A 19 9.76 -4.53 23.28
N ARG A 20 9.83 -4.84 24.57
CA ARG A 20 10.20 -3.84 25.56
C ARG A 20 11.59 -3.28 25.27
N THR A 21 12.56 -4.18 25.09
CA THR A 21 13.95 -3.78 24.87
CA THR A 21 13.94 -3.75 24.88
C THR A 21 14.09 -2.93 23.61
N ALA A 22 13.30 -3.22 22.58
CA ALA A 22 13.36 -2.50 21.33
C ALA A 22 12.72 -1.12 21.41
N GLY A 23 12.14 -0.76 22.55
CA GLY A 23 11.44 0.50 22.67
C GLY A 23 10.04 0.50 22.10
N LEU A 24 9.48 -0.67 21.80
CA LEU A 24 8.17 -0.75 21.18
C LEU A 24 7.02 -1.01 22.14
N LEU A 25 7.28 -1.13 23.45
CA LEU A 25 6.21 -1.42 24.41
C LEU A 25 6.22 -0.42 25.57
N GLY A 26 6.25 0.87 25.24
CA GLY A 26 6.16 1.89 26.26
C GLY A 26 4.82 1.91 26.97
N PRO A 27 4.72 2.72 28.03
CA PRO A 27 3.50 2.70 28.84
C PRO A 27 2.24 3.12 28.09
N GLU A 28 2.37 3.78 26.94
CA GLU A 28 1.23 4.17 26.11
C GLU A 28 0.94 3.18 24.98
N LYS A 29 1.64 2.05 24.93
CA LYS A 29 1.39 1.02 23.94
C LYS A 29 0.41 -0.01 24.49
N ARG A 30 -0.34 -0.63 23.59
CA ARG A 30 -1.18 -1.76 23.92
C ARG A 30 -1.05 -2.79 22.80
N ILE A 31 -0.96 -4.06 23.18
CA ILE A 31 -0.95 -5.12 22.18
C ILE A 31 -2.39 -5.43 21.81
N ALA A 32 -2.76 -5.16 20.56
CA ALA A 32 -4.13 -5.40 20.10
C ALA A 32 -4.31 -6.77 19.46
N TYR A 33 -3.21 -7.43 19.09
CA TYR A 33 -3.26 -8.78 18.56
C TYR A 33 -1.87 -9.38 18.75
N LEU A 34 -1.83 -10.64 19.19
CA LEU A 34 -0.57 -11.36 19.25
C LEU A 34 -0.84 -12.79 18.82
N GLY A 35 -0.10 -13.28 17.85
CA GLY A 35 -0.30 -14.65 17.42
C GLY A 35 0.94 -15.23 16.78
N VAL A 36 1.05 -16.55 16.88
CA VAL A 36 2.15 -17.25 16.24
C VAL A 36 1.91 -17.32 14.73
N LEU A 37 2.98 -17.27 13.94
CA LEU A 37 2.89 -17.44 12.49
C LEU A 37 3.09 -18.90 12.12
N ASP A 38 2.29 -19.40 11.18
CA ASP A 38 2.52 -20.75 10.70
C ASP A 38 3.88 -20.82 10.00
N PRO A 39 4.51 -22.00 10.02
CA PRO A 39 5.74 -22.18 9.22
C PRO A 39 5.49 -21.87 7.75
N ALA A 40 6.48 -21.24 7.12
CA ALA A 40 6.39 -21.00 5.69
C ALA A 40 6.43 -22.33 4.95
N ARG A 41 5.94 -22.33 3.72
CA ARG A 41 5.96 -23.52 2.89
C ARG A 41 7.38 -24.02 2.66
N GLY A 42 7.58 -25.33 2.82
CA GLY A 42 8.90 -25.89 2.73
C GLY A 42 9.59 -25.96 4.08
N ALA A 43 8.87 -26.49 5.07
CA ALA A 43 9.40 -26.71 6.40
C ALA A 43 10.31 -27.93 6.48
N GLY A 44 10.65 -28.52 5.34
CA GLY A 44 11.48 -29.71 5.29
C GLY A 44 12.91 -29.48 5.75
N SER A 45 13.24 -28.23 6.06
CA SER A 45 14.55 -27.94 6.64
C SER A 45 14.60 -28.25 8.13
N GLU A 46 13.45 -28.19 8.80
CA GLU A 46 13.31 -28.24 10.25
C GLU A 46 14.11 -27.14 10.96
N ALA A 47 14.65 -26.18 10.22
CA ALA A 47 15.18 -24.97 10.82
C ALA A 47 14.02 -24.24 11.49
N GLU A 48 13.62 -24.70 12.68
CA GLU A 48 12.45 -24.18 13.36
C GLU A 48 12.71 -22.72 13.75
N ASP A 49 11.82 -21.83 13.31
CA ASP A 49 11.85 -20.43 13.72
C ASP A 49 10.47 -20.07 14.21
N ARG A 50 10.29 -20.00 15.53
CA ARG A 50 9.02 -19.58 16.11
C ARG A 50 8.90 -18.06 15.97
N ARG A 51 8.00 -17.62 15.10
CA ARG A 51 7.80 -16.21 14.80
C ARG A 51 6.41 -15.80 15.27
N PHE A 52 6.30 -14.57 15.77
CA PHE A 52 5.03 -14.03 16.23
C PHE A 52 4.75 -12.71 15.54
N ARG A 53 3.48 -12.51 15.22
CA ARG A 53 2.98 -11.26 14.66
C ARG A 53 2.25 -10.49 15.75
N VAL A 54 2.50 -9.18 15.83
CA VAL A 54 1.95 -8.32 16.88
C VAL A 54 1.42 -7.02 16.26
N PHE A 55 0.20 -6.64 16.63
CA PHE A 55 -0.36 -5.32 16.33
C PHE A 55 -0.25 -4.48 17.60
N ILE A 56 0.39 -3.32 17.50
CA ILE A 56 0.69 -2.50 18.67
C ILE A 56 -0.04 -1.18 18.50
N HIS A 57 -1.00 -0.92 19.39
CA HIS A 57 -1.78 0.29 19.42
C HIS A 57 -1.12 1.33 20.33
N ASP A 58 -1.40 2.61 20.07
CA ASP A 58 -0.84 3.71 20.85
C ASP A 58 -2.00 4.59 21.34
N VAL A 59 -2.16 4.66 22.67
CA VAL A 59 -3.32 5.35 23.24
C VAL A 59 -3.15 6.86 23.24
N SER A 60 -2.02 7.37 22.74
CA SER A 60 -1.70 8.78 22.76
C SER A 60 -1.77 9.44 21.39
N GLY A 61 -2.21 8.71 20.37
CA GLY A 61 -2.36 9.28 19.04
C GLY A 61 -1.25 8.95 18.05
N ALA A 62 -0.13 8.38 18.50
CA ALA A 62 0.93 7.99 17.60
C ALA A 62 0.47 6.85 16.70
N ARG A 63 1.18 6.67 15.57
CA ARG A 63 0.74 5.66 14.61
C ARG A 63 0.96 4.27 15.19
N PRO A 64 0.03 3.35 14.99
CA PRO A 64 0.24 1.97 15.46
C PRO A 64 1.27 1.29 14.60
N GLN A 65 1.74 0.13 15.05
CA GLN A 65 2.76 -0.61 14.32
C GLN A 65 2.35 -2.09 14.15
N GLU A 66 2.80 -2.67 13.05
CA GLU A 66 2.76 -4.11 12.88
C GLU A 66 4.18 -4.62 13.02
N VAL A 67 4.37 -5.63 13.87
CA VAL A 67 5.71 -6.09 14.25
C VAL A 67 5.75 -7.60 14.17
N THR A 68 6.81 -8.11 13.55
CA THR A 68 7.09 -9.54 13.50
C THR A 68 8.33 -9.79 14.34
N VAL A 69 8.24 -10.76 15.23
CA VAL A 69 9.27 -11.05 16.21
C VAL A 69 9.63 -12.53 16.10
N SER A 70 10.90 -12.85 16.31
CA SER A 70 11.36 -14.23 16.36
C SER A 70 11.79 -14.53 17.79
N VAL A 71 11.05 -15.42 18.48
CA VAL A 71 11.48 -15.85 19.80
CA VAL A 71 11.47 -15.87 19.80
C VAL A 71 12.64 -16.82 19.68
N THR A 72 12.75 -17.51 18.54
CA THR A 72 13.86 -18.43 18.34
C THR A 72 15.20 -17.71 18.31
N ASN A 73 15.26 -16.55 17.63
CA ASN A 73 16.48 -15.76 17.55
C ASN A 73 16.48 -14.56 18.48
N GLY A 74 15.37 -14.28 19.16
CA GLY A 74 15.30 -13.16 20.07
C GLY A 74 15.46 -11.79 19.44
N THR A 75 14.95 -11.61 18.22
CA THR A 75 15.10 -10.35 17.50
C THR A 75 13.76 -9.86 16.96
N VAL A 76 13.69 -8.56 16.70
CA VAL A 76 12.62 -7.99 15.91
C VAL A 76 12.97 -8.19 14.45
N ILE A 77 12.07 -8.80 13.70
CA ILE A 77 12.35 -9.07 12.29
C ILE A 77 11.92 -7.91 11.41
N SER A 78 10.76 -7.31 11.69
CA SER A 78 10.31 -6.13 10.97
C SER A 78 9.33 -5.38 11.86
N ALA A 79 9.25 -4.08 11.63
CA ALA A 79 8.35 -3.22 12.38
C ALA A 79 7.95 -2.08 11.45
N VAL A 80 6.67 -2.00 11.13
CA VAL A 80 6.14 -1.03 10.16
C VAL A 80 5.14 -0.15 10.89
N GLU A 81 5.22 1.18 10.68
CA GLU A 81 4.15 2.05 11.15
C GLU A 81 3.01 2.04 10.15
N LEU A 82 1.79 2.05 10.66
CA LEU A 82 0.59 1.87 9.84
C LEU A 82 -0.11 3.21 9.63
N ASP A 83 -0.46 3.49 8.38
CA ASP A 83 -1.32 4.63 8.10
C ASP A 83 -2.74 4.09 8.13
N THR A 84 -3.45 4.27 9.26
CA THR A 84 -4.73 3.59 9.44
C THR A 84 -5.81 4.16 8.56
N ALA A 85 -5.68 5.42 8.12
CA ALA A 85 -6.64 5.96 7.17
C ALA A 85 -6.61 5.17 5.86
N ALA A 86 -5.47 4.58 5.51
CA ALA A 86 -5.32 3.80 4.29
C ALA A 86 -5.66 2.33 4.52
N THR A 87 -4.99 1.68 5.48
CA THR A 87 -5.05 0.24 5.63
C THR A 87 -6.02 -0.25 6.71
N GLY A 88 -6.67 0.64 7.46
CA GLY A 88 -7.66 0.24 8.43
C GLY A 88 -7.17 0.39 9.87
N GLU A 89 -8.12 0.47 10.79
CA GLU A 89 -7.74 0.57 12.20
C GLU A 89 -7.45 -0.82 12.79
N LEU A 90 -6.78 -0.82 13.94
CA LEU A 90 -6.52 -2.04 14.69
C LEU A 90 -7.81 -2.57 15.32
N PRO A 91 -7.84 -3.86 15.68
CA PRO A 91 -9.06 -4.43 16.29
C PRO A 91 -9.40 -3.72 17.60
N VAL A 92 -10.68 -3.83 17.99
CA VAL A 92 -11.14 -3.21 19.22
C VAL A 92 -10.40 -3.81 20.40
N LEU A 93 -10.03 -2.95 21.37
CA LEU A 93 -9.40 -3.42 22.59
C LEU A 93 -10.47 -3.70 23.64
N GLU A 94 -10.26 -4.74 24.44
CA GLU A 94 -11.16 -5.04 25.55
C GLU A 94 -11.31 -3.83 26.48
N GLU A 95 -10.21 -3.13 26.75
CA GLU A 95 -10.30 -1.98 27.64
C GLU A 95 -11.07 -0.82 27.04
N GLU A 96 -11.36 -0.83 25.74
CA GLU A 96 -12.20 0.23 25.18
C GLU A 96 -13.68 -0.03 25.38
N PHE A 97 -14.08 -1.25 25.79
CA PHE A 97 -15.48 -1.55 26.05
C PHE A 97 -16.11 -0.55 27.02
N GLU A 98 -15.40 -0.23 28.11
CA GLU A 98 -15.93 0.66 29.13
C GLU A 98 -15.84 2.12 28.74
N VAL A 99 -14.95 2.46 27.80
CA VAL A 99 -14.61 3.86 27.58
C VAL A 99 -15.78 4.60 26.95
N VAL A 100 -16.54 3.92 26.10
CA VAL A 100 -17.66 4.58 25.43
C VAL A 100 -18.68 5.07 26.45
N GLU A 101 -19.05 4.21 27.40
CA GLU A 101 -20.03 4.59 28.41
C GLU A 101 -19.51 5.74 29.25
N GLN A 102 -18.25 5.68 29.67
CA GLN A 102 -17.71 6.71 30.55
C GLN A 102 -17.57 8.05 29.85
N LEU A 103 -17.14 8.09 28.59
CA LEU A 103 -17.06 9.38 27.89
C LEU A 103 -18.44 10.00 27.72
N LEU A 104 -19.45 9.17 27.46
CA LEU A 104 -20.78 9.71 27.24
C LEU A 104 -21.38 10.24 28.53
N ALA A 105 -21.04 9.63 29.66
CA ALA A 105 -21.64 9.98 30.95
C ALA A 105 -21.35 11.42 31.39
N THR A 106 -20.34 12.08 30.80
CA THR A 106 -20.10 13.48 31.10
C THR A 106 -20.50 14.42 29.98
N ASP A 107 -20.93 13.90 28.83
CA ASP A 107 -21.25 14.76 27.70
C ASP A 107 -22.62 15.40 27.89
N GLU A 108 -22.70 16.73 27.74
N GLU A 108 -22.68 16.73 27.72
CA GLU A 108 -23.96 17.42 28.00
CA GLU A 108 -23.92 17.46 27.96
C GLU A 108 -25.05 16.98 27.02
C GLU A 108 -25.03 17.01 27.02
N ARG A 109 -24.69 16.72 25.76
CA ARG A 109 -25.72 16.28 24.81
C ARG A 109 -26.28 14.91 25.20
N TRP A 110 -25.40 13.99 25.59
CA TRP A 110 -25.86 12.68 26.06
C TRP A 110 -26.75 12.82 27.29
N LEU A 111 -26.33 13.65 28.25
CA LEU A 111 -27.14 13.82 29.46
C LEU A 111 -28.48 14.46 29.15
N LYS A 112 -28.53 15.37 28.17
CA LYS A 112 -29.80 15.99 27.81
C LYS A 112 -30.75 14.97 27.22
N ALA A 113 -30.24 14.05 26.39
CA ALA A 113 -31.08 12.98 25.84
C ALA A 113 -31.63 12.08 26.94
N LEU A 114 -30.78 11.68 27.89
CA LEU A 114 -31.22 10.82 28.98
C LEU A 114 -32.22 11.52 29.90
N ALA A 115 -31.98 12.81 30.19
CA ALA A 115 -32.88 13.53 31.08
C ALA A 115 -34.27 13.64 30.47
N ALA A 116 -34.34 13.82 29.15
CA ALA A 116 -35.62 13.86 28.44
C ALA A 116 -36.38 12.54 28.59
N ARG A 117 -35.67 11.44 28.75
CA ARG A 117 -36.31 10.14 28.92
C ARG A 117 -36.40 9.74 30.38
N ASN A 118 -35.96 10.61 31.30
CA ASN A 118 -36.03 10.38 32.73
C ASN A 118 -35.20 9.17 33.15
N LEU A 119 -34.07 8.98 32.48
CA LEU A 119 -33.20 7.84 32.74
C LEU A 119 -32.03 8.29 33.60
N ASP A 120 -31.77 7.57 34.69
CA ASP A 120 -30.64 7.91 35.54
C ASP A 120 -29.36 7.42 34.84
N VAL A 121 -28.41 8.33 34.62
CA VAL A 121 -27.18 8.01 33.89
C VAL A 121 -26.49 6.80 34.50
N SER A 122 -26.59 6.63 35.82
CA SER A 122 -25.90 5.52 36.46
C SER A 122 -26.48 4.16 36.09
N LYS A 123 -27.66 4.12 35.50
N LYS A 123 -27.68 4.11 35.50
CA LYS A 123 -28.32 2.87 35.12
CA LYS A 123 -28.32 2.87 35.11
C LYS A 123 -28.27 2.61 33.61
C LYS A 123 -28.13 2.52 33.64
N VAL A 124 -27.50 3.38 32.86
CA VAL A 124 -27.50 3.26 31.40
C VAL A 124 -26.18 2.63 30.96
N ARG A 125 -26.28 1.41 30.43
CA ARG A 125 -25.14 0.76 29.77
C ARG A 125 -25.08 1.17 28.31
N VAL A 126 -23.86 1.31 27.80
CA VAL A 126 -23.62 1.71 26.42
C VAL A 126 -22.78 0.63 25.77
N ALA A 127 -23.32 0.02 24.74
CA ALA A 127 -22.66 -1.05 24.03
C ALA A 127 -21.56 -0.48 23.15
N PRO A 128 -20.33 -1.03 23.20
CA PRO A 128 -19.24 -0.49 22.37
C PRO A 128 -19.19 -1.14 21.01
N LEU A 129 -19.74 -0.47 20.00
CA LEU A 129 -20.02 -1.07 18.71
C LEU A 129 -19.07 -0.55 17.65
N SER A 130 -18.58 -1.44 16.80
CA SER A 130 -17.68 -1.03 15.73
C SER A 130 -18.42 -0.10 14.79
N ALA A 131 -17.67 0.84 14.21
CA ALA A 131 -18.24 1.99 13.52
C ALA A 131 -18.54 1.74 12.04
N GLY A 132 -17.78 0.87 11.40
CA GLY A 132 -17.85 0.79 9.96
C GLY A 132 -17.33 2.06 9.31
N VAL A 133 -17.69 2.21 8.03
CA VAL A 133 -17.27 3.35 7.24
C VAL A 133 -18.51 3.86 6.53
N PHE A 134 -18.90 5.10 6.82
CA PHE A 134 -20.05 5.64 6.12
C PHE A 134 -19.73 7.05 5.61
N GLU A 135 -20.62 8.00 5.85
CA GLU A 135 -20.57 9.30 5.19
C GLU A 135 -19.91 10.38 6.03
N TYR A 136 -19.32 10.03 7.17
CA TYR A 136 -18.80 11.03 8.10
C TYR A 136 -17.32 11.21 7.80
N ALA A 137 -17.00 12.25 7.02
CA ALA A 137 -15.63 12.47 6.57
C ALA A 137 -14.67 12.66 7.73
N GLU A 138 -15.15 13.16 8.87
CA GLU A 138 -14.28 13.42 10.01
C GLU A 138 -13.80 12.14 10.68
N GLU A 139 -14.36 10.98 10.35
CA GLU A 139 -13.94 9.75 11.00
C GLU A 139 -12.73 9.10 10.32
N ARG A 140 -12.38 9.52 9.10
CA ARG A 140 -11.29 8.88 8.37
C ARG A 140 -9.96 9.03 9.12
N GLY A 141 -9.35 7.90 9.48
CA GLY A 141 -8.12 7.92 10.24
C GLY A 141 -8.28 8.16 11.72
N ARG A 142 -9.50 8.30 12.22
CA ARG A 142 -9.76 8.37 13.66
C ARG A 142 -10.33 7.05 14.14
N ARG A 143 -10.04 6.73 15.39
CA ARG A 143 -10.48 5.48 15.99
C ARG A 143 -11.82 5.72 16.67
N ILE A 144 -12.91 5.26 16.04
CA ILE A 144 -14.29 5.62 16.42
C ILE A 144 -15.00 4.36 16.92
N LEU A 145 -15.76 4.50 18.01
CA LEU A 145 -16.78 3.52 18.38
C LEU A 145 -18.13 4.20 18.41
N ARG A 146 -19.17 3.45 18.12
CA ARG A 146 -20.53 3.95 18.26
C ARG A 146 -21.20 3.33 19.47
N GLY A 147 -22.12 4.08 20.07
CA GLY A 147 -22.75 3.64 21.29
C GLY A 147 -24.26 3.59 21.17
N LEU A 148 -24.83 2.46 21.59
CA LEU A 148 -26.27 2.30 21.75
C LEU A 148 -26.54 1.98 23.22
N ALA A 149 -27.61 2.52 23.76
CA ALA A 149 -27.84 2.51 25.20
C ALA A 149 -28.90 1.48 25.59
N PHE A 150 -28.72 0.90 26.78
CA PHE A 150 -29.60 -0.09 27.38
C PHE A 150 -29.69 0.19 28.88
N VAL A 151 -30.89 0.11 29.45
CA VAL A 151 -31.09 0.41 30.87
C VAL A 151 -31.00 -0.89 31.68
N GLN A 152 -30.19 -0.87 32.73
CA GLN A 152 -30.18 -1.92 33.75
C GLN A 152 -30.92 -1.41 34.97
N ASP A 153 -32.03 -2.07 35.36
CA ASP A 153 -32.80 -1.58 36.52
C ASP A 153 -32.09 -1.83 37.85
N PHE A 154 -31.21 -2.82 37.89
CA PHE A 154 -30.42 -3.18 39.05
C PHE A 154 -29.25 -4.00 38.53
N PRO A 155 -28.19 -4.20 39.34
CA PRO A 155 -26.93 -4.68 38.73
C PRO A 155 -27.00 -6.05 38.08
N GLU A 156 -27.91 -6.93 38.51
CA GLU A 156 -28.09 -8.23 37.91
C GLU A 156 -29.18 -8.25 36.84
N ASP A 157 -29.70 -7.09 36.44
CA ASP A 157 -30.74 -7.00 35.42
C ASP A 157 -30.16 -7.21 34.02
N SER A 158 -30.95 -7.85 33.16
CA SER A 158 -30.58 -8.00 31.76
C SER A 158 -30.90 -6.71 31.03
N ALA A 159 -29.87 -5.96 30.62
CA ALA A 159 -30.10 -4.65 30.04
C ALA A 159 -30.74 -4.74 28.66
N TRP A 160 -30.53 -5.88 27.98
CA TRP A 160 -31.02 -6.08 26.63
C TRP A 160 -32.53 -5.94 26.54
N ALA A 161 -33.24 -6.22 27.63
CA ALA A 161 -34.69 -6.04 27.62
C ALA A 161 -35.11 -4.58 27.63
N HIS A 162 -34.19 -3.64 27.89
CA HIS A 162 -34.53 -2.22 28.00
C HIS A 162 -33.70 -1.35 27.04
N PRO A 163 -33.83 -1.56 25.73
CA PRO A 163 -33.11 -0.68 24.78
C PRO A 163 -33.65 0.74 24.79
N VAL A 164 -32.74 1.70 24.61
CA VAL A 164 -33.07 3.12 24.50
C VAL A 164 -33.01 3.46 23.02
N ASP A 165 -34.14 3.44 22.35
CA ASP A 165 -34.19 3.66 20.91
C ASP A 165 -34.23 5.15 20.59
N GLY A 166 -33.93 5.46 19.34
CA GLY A 166 -33.93 6.83 18.88
C GLY A 166 -32.72 7.62 19.33
N LEU A 167 -31.68 6.96 19.83
CA LEU A 167 -30.53 7.66 20.37
C LEU A 167 -29.29 6.87 19.97
N VAL A 168 -28.28 7.57 19.46
CA VAL A 168 -27.00 6.92 19.16
C VAL A 168 -25.93 7.99 19.27
N ALA A 169 -24.72 7.57 19.65
CA ALA A 169 -23.59 8.50 19.77
C ALA A 169 -22.36 7.89 19.14
N TYR A 170 -21.45 8.76 18.70
CA TYR A 170 -20.19 8.38 18.09
C TYR A 170 -19.08 8.97 18.95
N VAL A 171 -18.05 8.17 19.23
CA VAL A 171 -16.99 8.56 20.14
CA VAL A 171 -16.99 8.52 20.17
C VAL A 171 -15.62 8.29 19.50
N ASP A 172 -14.76 9.29 19.55
CA ASP A 172 -13.34 9.14 19.19
C ASP A 172 -12.63 8.69 20.45
N VAL A 173 -12.22 7.43 20.47
CA VAL A 173 -11.80 6.77 21.71
C VAL A 173 -10.34 7.05 22.05
N VAL A 174 -9.58 7.69 21.16
CA VAL A 174 -8.19 8.07 21.43
C VAL A 174 -8.08 9.51 21.91
N SER A 175 -8.72 10.43 21.22
CA SER A 175 -8.75 11.81 21.69
C SER A 175 -9.80 12.01 22.78
N LYS A 176 -10.60 10.97 23.06
CA LYS A 176 -11.56 10.96 24.17
C LYS A 176 -12.59 12.07 23.99
N GLU A 177 -13.29 11.99 22.87
CA GLU A 177 -14.15 13.07 22.41
C GLU A 177 -15.43 12.50 21.82
N VAL A 178 -16.56 13.09 22.17
CA VAL A 178 -17.84 12.67 21.63
C VAL A 178 -18.12 13.51 20.39
N THR A 179 -18.09 12.88 19.23
CA THR A 179 -18.12 13.63 17.98
C THR A 179 -19.54 13.96 17.55
N ARG A 180 -20.49 13.06 17.79
CA ARG A 180 -21.88 13.32 17.45
C ARG A 180 -22.77 12.64 18.47
N VAL A 181 -23.89 13.30 18.80
CA VAL A 181 -25.00 12.70 19.50
C VAL A 181 -26.23 12.92 18.63
N ILE A 182 -26.90 11.83 18.28
CA ILE A 182 -28.05 11.90 17.38
C ILE A 182 -29.26 11.39 18.13
N ASP A 183 -30.25 12.25 18.29
CA ASP A 183 -31.51 11.93 18.96
C ASP A 183 -32.61 12.12 17.94
N THR A 184 -33.16 11.01 17.42
CA THR A 184 -34.17 11.09 16.38
C THR A 184 -35.60 11.06 16.93
N GLY A 185 -35.75 10.93 18.22
CA GLY A 185 -37.08 10.95 18.83
C GLY A 185 -37.09 10.05 20.05
N VAL A 186 -38.06 10.31 20.92
CA VAL A 186 -38.21 9.50 22.11
C VAL A 186 -39.05 8.27 21.77
N PHE A 187 -38.60 7.11 22.28
CA PHE A 187 -39.34 5.87 22.29
C PHE A 187 -39.50 5.41 23.73
N PRO A 188 -40.66 4.89 24.11
CA PRO A 188 -40.78 4.23 25.41
C PRO A 188 -39.69 3.19 25.59
N VAL A 189 -39.09 3.16 26.77
CA VAL A 189 -38.14 2.09 27.07
C VAL A 189 -38.98 0.88 27.45
N PRO A 190 -38.86 -0.23 26.75
CA PRO A 190 -39.67 -1.41 27.09
C PRO A 190 -39.48 -1.80 28.55
N ALA A 191 -40.59 -2.10 29.21
CA ALA A 191 -40.61 -2.20 30.66
C ALA A 191 -40.44 -3.63 31.20
N GLU A 192 -40.90 -4.65 30.48
CA GLU A 192 -40.77 -6.03 30.94
C GLU A 192 -39.31 -6.43 31.12
N HIS A 193 -39.02 -7.16 32.19
CA HIS A 193 -37.66 -7.64 32.35
C HIS A 193 -37.45 -8.94 31.56
N GLY A 194 -36.19 -9.23 31.29
CA GLY A 194 -35.85 -10.43 30.56
C GLY A 194 -34.88 -11.30 31.35
N ASN A 195 -35.14 -11.45 32.65
CA ASN A 195 -34.20 -12.09 33.56
C ASN A 195 -34.54 -13.57 33.64
N TYR A 196 -33.88 -14.36 32.79
CA TYR A 196 -34.16 -15.77 32.59
C TYR A 196 -33.73 -16.62 33.77
N THR A 197 -33.17 -16.03 34.81
CA THR A 197 -32.97 -16.75 36.07
C THR A 197 -33.96 -16.33 37.15
N ASP A 198 -34.85 -15.38 36.88
CA ASP A 198 -35.86 -14.99 37.87
C ASP A 198 -36.91 -16.07 38.01
N PRO A 199 -37.14 -16.61 39.21
CA PRO A 199 -38.21 -17.61 39.40
C PRO A 199 -39.58 -17.14 38.95
N GLU A 200 -39.85 -15.83 39.04
CA GLU A 200 -41.12 -15.27 38.61
C GLU A 200 -41.31 -15.41 37.11
N LEU A 201 -40.21 -15.46 36.36
CA LEU A 201 -40.26 -15.68 34.91
C LEU A 201 -40.15 -17.15 34.55
N THR A 202 -39.30 -17.91 35.24
CA THR A 202 -39.12 -19.31 34.86
C THR A 202 -40.27 -20.18 35.35
N GLY A 203 -40.91 -19.79 36.44
CA GLY A 203 -41.78 -20.71 37.14
C GLY A 203 -40.95 -21.74 37.87
N PRO A 204 -41.62 -22.69 38.52
CA PRO A 204 -40.90 -23.81 39.15
C PRO A 204 -40.11 -24.58 38.11
N LEU A 205 -38.87 -24.90 38.45
CA LEU A 205 -38.02 -25.65 37.54
C LEU A 205 -38.53 -27.08 37.40
N ARG A 206 -38.32 -27.66 36.21
CA ARG A 206 -38.74 -29.03 35.98
C ARG A 206 -38.07 -29.99 36.96
N THR A 207 -38.83 -30.97 37.41
CA THR A 207 -38.30 -32.04 38.24
C THR A 207 -38.33 -33.37 37.52
N THR A 208 -38.55 -33.36 36.21
CA THR A 208 -38.80 -34.57 35.45
C THR A 208 -37.57 -35.10 34.73
N GLN A 209 -36.51 -34.31 34.61
CA GLN A 209 -35.37 -34.74 33.81
C GLN A 209 -34.48 -35.66 34.62
N LYS A 210 -34.23 -36.75 34.10
CA LYS A 210 -33.39 -37.72 34.78
C LYS A 210 -32.00 -37.74 34.13
N PRO A 211 -30.96 -38.07 34.91
CA PRO A 211 -29.60 -37.88 34.40
C PRO A 211 -29.23 -38.87 33.30
N ILE A 212 -28.46 -38.38 32.34
CA ILE A 212 -27.81 -39.20 31.33
C ILE A 212 -26.34 -39.23 31.68
N SER A 213 -25.83 -40.41 31.99
CA SER A 213 -24.43 -40.58 32.35
C SER A 213 -23.66 -41.10 31.13
N ILE A 214 -22.65 -40.35 30.70
CA ILE A 214 -21.77 -40.76 29.62
C ILE A 214 -20.37 -40.88 30.18
N THR A 215 -19.86 -42.11 30.22
CA THR A 215 -18.54 -42.36 30.74
C THR A 215 -17.77 -43.22 29.74
N GLN A 216 -16.45 -43.20 29.88
CA GLN A 216 -15.60 -44.14 29.14
C GLN A 216 -14.78 -44.90 30.18
N PRO A 217 -15.19 -46.12 30.51
CA PRO A 217 -14.56 -46.83 31.64
C PRO A 217 -13.10 -47.14 31.41
N GLU A 218 -12.64 -47.14 30.16
CA GLU A 218 -11.26 -47.45 29.81
C GLU A 218 -10.51 -46.23 29.30
N GLY A 219 -11.10 -45.04 29.40
CA GLY A 219 -10.50 -43.85 28.86
C GLY A 219 -10.93 -43.61 27.43
N PRO A 220 -10.54 -42.46 26.88
CA PRO A 220 -10.91 -42.12 25.50
C PRO A 220 -10.03 -42.84 24.49
N SER A 221 -10.54 -42.91 23.25
CA SER A 221 -9.83 -43.62 22.21
C SER A 221 -8.76 -42.78 21.53
N PHE A 222 -8.70 -41.48 21.78
CA PHE A 222 -7.70 -40.64 21.15
C PHE A 222 -6.54 -40.40 22.11
N THR A 223 -5.40 -40.01 21.54
CA THR A 223 -4.22 -39.65 22.33
C THR A 223 -3.76 -38.25 21.95
N VAL A 224 -3.32 -37.52 22.97
CA VAL A 224 -2.76 -36.18 22.82
C VAL A 224 -1.28 -36.26 23.21
N THR A 225 -0.39 -35.85 22.29
CA THR A 225 1.03 -35.75 22.58
C THR A 225 1.55 -34.42 22.09
N GLY A 226 2.72 -34.03 22.62
CA GLY A 226 3.27 -32.73 22.33
C GLY A 226 2.33 -31.59 22.66
N GLY A 227 1.42 -31.79 23.60
CA GLY A 227 0.47 -30.75 23.97
C GLY A 227 -0.79 -30.63 23.12
N ASN A 228 -0.66 -30.69 21.79
CA ASN A 228 -1.80 -30.41 20.95
C ASN A 228 -1.88 -31.33 19.72
N HIS A 229 -1.16 -32.45 19.70
CA HIS A 229 -1.23 -33.37 18.58
C HIS A 229 -2.21 -34.50 18.89
N ILE A 230 -3.16 -34.72 18.00
CA ILE A 230 -4.24 -35.66 18.21
C ILE A 230 -4.08 -36.84 17.25
N GLU A 231 -4.26 -38.05 17.77
CA GLU A 231 -4.39 -39.26 16.97
C GLU A 231 -5.67 -39.94 17.41
N TRP A 232 -6.57 -40.19 16.46
CA TRP A 232 -7.86 -40.80 16.78
C TRP A 232 -8.38 -41.54 15.57
N GLU A 233 -8.53 -42.87 15.69
CA GLU A 233 -9.23 -43.69 14.70
C GLU A 233 -8.76 -43.37 13.29
N LYS A 234 -7.44 -43.40 13.10
CA LYS A 234 -6.71 -43.17 11.85
C LYS A 234 -6.56 -41.70 11.49
N TRP A 235 -7.27 -40.79 12.16
CA TRP A 235 -7.06 -39.36 11.98
C TRP A 235 -5.82 -38.89 12.73
N SER A 236 -5.12 -37.91 12.15
CA SER A 236 -4.03 -37.21 12.80
C SER A 236 -4.17 -35.72 12.50
N LEU A 237 -3.91 -34.88 13.49
CA LEU A 237 -3.97 -33.42 13.30
C LEU A 237 -3.38 -32.72 14.51
N ASP A 238 -3.14 -31.41 14.35
CA ASP A 238 -2.73 -30.55 15.43
C ASP A 238 -3.79 -29.48 15.68
N VAL A 239 -4.09 -29.24 16.94
CA VAL A 239 -5.10 -28.25 17.32
C VAL A 239 -4.37 -26.98 17.70
N GLY A 240 -4.49 -25.93 16.87
CA GLY A 240 -3.91 -24.64 17.18
C GLY A 240 -4.94 -23.71 17.76
N PHE A 241 -4.47 -22.56 18.23
CA PHE A 241 -5.40 -21.59 18.77
C PHE A 241 -4.83 -20.21 18.52
N ASP A 242 -5.64 -19.35 17.94
CA ASP A 242 -5.25 -18.00 17.58
C ASP A 242 -6.27 -17.03 18.13
N VAL A 243 -5.78 -15.92 18.71
CA VAL A 243 -6.67 -15.02 19.43
C VAL A 243 -7.73 -14.41 18.50
N ARG A 244 -7.42 -14.28 17.21
CA ARG A 244 -8.38 -13.76 16.24
C ARG A 244 -9.34 -14.84 15.75
N GLU A 245 -8.81 -15.97 15.30
CA GLU A 245 -9.62 -16.99 14.64
C GLU A 245 -10.26 -17.98 15.61
N GLY A 246 -9.67 -18.18 16.79
CA GLY A 246 -10.08 -19.25 17.69
C GLY A 246 -9.36 -20.57 17.39
N VAL A 247 -10.09 -21.69 17.49
CA VAL A 247 -9.50 -22.98 17.19
C VAL A 247 -9.16 -23.03 15.71
N VAL A 248 -7.95 -23.48 15.41
CA VAL A 248 -7.46 -23.67 14.05
C VAL A 248 -7.02 -25.12 13.98
N LEU A 249 -7.38 -25.82 12.88
CA LEU A 249 -6.91 -27.19 12.69
C LEU A 249 -5.78 -27.22 11.65
N HIS A 250 -4.66 -27.84 12.03
CA HIS A 250 -3.49 -27.98 11.16
C HIS A 250 -3.25 -29.44 10.79
N ASN A 251 -2.74 -29.68 9.58
CA ASN A 251 -2.20 -31.00 9.22
C ASN A 251 -3.23 -32.12 9.40
N ILE A 252 -4.44 -31.92 8.90
CA ILE A 252 -5.44 -32.96 9.00
C ILE A 252 -5.06 -34.08 8.03
N ALA A 253 -4.83 -35.28 8.56
CA ALA A 253 -4.37 -36.41 7.76
C ALA A 253 -5.09 -37.69 8.20
N PHE A 254 -5.10 -38.68 7.33
CA PHE A 254 -5.77 -39.95 7.59
C PHE A 254 -4.80 -41.08 7.25
N ARG A 255 -4.60 -41.98 8.21
N ARG A 255 -4.58 -41.97 8.21
CA ARG A 255 -3.69 -43.13 8.05
CA ARG A 255 -3.67 -43.10 8.01
C ARG A 255 -4.43 -44.23 7.29
C ARG A 255 -4.41 -44.21 7.28
N ASP A 256 -4.11 -44.39 6.01
CA ASP A 256 -4.76 -45.37 5.15
C ASP A 256 -3.75 -46.48 4.89
N GLY A 257 -3.87 -47.57 5.64
CA GLY A 257 -2.85 -48.61 5.58
C GLY A 257 -1.62 -48.15 6.35
N ASP A 258 -0.48 -48.19 5.69
CA ASP A 258 0.79 -47.80 6.30
C ASP A 258 1.17 -46.38 5.92
N ARG A 259 0.25 -45.62 5.35
CA ARG A 259 0.58 -44.38 4.68
C ARG A 259 -0.26 -43.25 5.27
N LEU A 260 0.38 -42.15 5.62
CA LEU A 260 -0.30 -41.00 6.19
C LEU A 260 -0.70 -40.07 5.04
N ARG A 261 -2.00 -39.95 4.77
CA ARG A 261 -2.44 -39.14 3.63
C ARG A 261 -2.94 -37.78 4.08
N PRO A 262 -2.32 -36.69 3.63
CA PRO A 262 -2.87 -35.36 3.94
C PRO A 262 -4.22 -35.17 3.28
N ILE A 263 -5.03 -34.31 3.91
CA ILE A 263 -6.35 -33.95 3.42
C ILE A 263 -6.49 -32.43 3.47
N ILE A 264 -6.27 -31.84 4.63
CA ILE A 264 -6.38 -30.38 4.78
C ILE A 264 -5.18 -29.87 5.56
N ASN A 265 -4.53 -28.84 5.04
CA ASN A 265 -3.33 -28.29 5.69
C ASN A 265 -3.69 -27.35 6.82
N ARG A 266 -4.70 -26.51 6.61
CA ARG A 266 -5.12 -25.59 7.66
C ARG A 266 -6.60 -25.29 7.45
N ALA A 267 -7.38 -25.45 8.52
CA ALA A 267 -8.80 -25.16 8.50
C ALA A 267 -9.11 -24.16 9.61
N SER A 268 -9.84 -23.09 9.27
CA SER A 268 -10.24 -22.13 10.29
C SER A 268 -11.50 -21.41 9.84
N ILE A 269 -12.15 -20.77 10.81
CA ILE A 269 -13.18 -19.78 10.52
C ILE A 269 -12.45 -18.44 10.48
N ALA A 270 -12.19 -17.94 9.27
CA ALA A 270 -11.29 -16.80 9.10
C ALA A 270 -11.98 -15.45 9.24
N GLU A 271 -13.31 -15.46 9.32
CA GLU A 271 -14.07 -14.22 9.46
C GLU A 271 -15.52 -14.56 9.75
N MET A 272 -16.18 -13.66 10.45
CA MET A 272 -17.62 -13.80 10.60
C MET A 272 -18.21 -12.41 10.78
N VAL A 273 -19.32 -12.16 10.11
CA VAL A 273 -19.92 -10.84 10.10
C VAL A 273 -21.41 -10.97 10.43
N VAL A 274 -21.93 -9.99 11.18
CA VAL A 274 -23.35 -9.92 11.54
C VAL A 274 -23.92 -8.61 11.01
N PRO A 275 -24.46 -8.59 9.80
CA PRO A 275 -25.11 -7.39 9.25
C PRO A 275 -26.55 -7.31 9.69
N TYR A 276 -26.99 -6.10 10.05
CA TYR A 276 -28.35 -5.85 10.47
C TYR A 276 -29.17 -5.21 9.36
N GLY A 277 -30.46 -5.55 9.33
CA GLY A 277 -31.30 -5.22 8.20
C GLY A 277 -32.32 -4.14 8.47
N ASP A 278 -32.08 -3.33 9.52
CA ASP A 278 -33.01 -2.27 9.94
C ASP A 278 -32.57 -0.95 9.32
N PRO A 279 -33.39 -0.32 8.48
CA PRO A 279 -32.96 0.94 7.84
C PRO A 279 -33.02 2.16 8.73
N SER A 280 -33.43 2.03 9.99
CA SER A 280 -33.42 3.16 10.91
C SER A 280 -32.02 3.75 11.02
N PRO A 281 -31.86 5.08 10.94
CA PRO A 281 -30.51 5.66 11.12
C PRO A 281 -29.90 5.35 12.48
N ILE A 282 -30.69 4.93 13.46
CA ILE A 282 -30.13 4.52 14.73
C ILE A 282 -29.27 3.27 14.58
N ARG A 283 -29.62 2.39 13.63
CA ARG A 283 -28.95 1.09 13.54
C ARG A 283 -28.49 0.71 12.13
N SER A 284 -28.76 1.54 11.12
CA SER A 284 -28.49 1.09 9.74
C SER A 284 -27.00 0.94 9.44
N TRP A 285 -26.11 1.48 10.29
CA TRP A 285 -24.67 1.36 10.17
C TRP A 285 -24.14 0.05 10.77
N GLN A 286 -25.00 -0.74 11.38
CA GLN A 286 -24.57 -1.78 12.31
C GLN A 286 -24.19 -3.06 11.56
N ASN A 287 -22.89 -3.38 11.56
CA ASN A 287 -22.35 -4.63 11.02
C ASN A 287 -21.15 -5.02 11.85
N TYR A 288 -21.19 -6.09 12.62
CA TYR A 288 -20.06 -6.46 13.46
CA TYR A 288 -20.02 -6.41 13.42
C TYR A 288 -19.29 -7.61 12.83
N PHE A 289 -17.99 -7.41 12.64
CA PHE A 289 -17.07 -8.48 12.25
C PHE A 289 -16.52 -9.02 13.56
N ASP A 290 -17.24 -9.99 14.13
CA ASP A 290 -16.82 -10.55 15.42
C ASP A 290 -15.38 -11.05 15.35
N THR A 291 -15.03 -11.74 14.26
CA THR A 291 -13.67 -12.25 14.15
C THR A 291 -12.68 -11.14 13.86
N GLY A 292 -12.93 -10.34 12.81
CA GLY A 292 -11.95 -9.37 12.35
C GLY A 292 -11.83 -8.13 13.22
N GLU A 293 -12.96 -7.65 13.77
CA GLU A 293 -12.94 -6.45 14.58
C GLU A 293 -12.73 -6.74 16.07
N TYR A 294 -13.34 -7.81 16.60
CA TYR A 294 -13.31 -8.01 18.05
C TYR A 294 -12.36 -9.11 18.51
N LEU A 295 -12.00 -10.06 17.63
CA LEU A 295 -11.14 -11.22 17.91
C LEU A 295 -11.85 -12.25 18.77
N VAL A 296 -12.46 -13.26 18.15
CA VAL A 296 -13.35 -14.15 18.90
C VAL A 296 -12.58 -15.02 19.89
N GLY A 297 -11.32 -15.34 19.59
CA GLY A 297 -10.56 -16.21 20.47
C GLY A 297 -10.24 -15.59 21.82
N GLN A 298 -10.14 -14.26 21.89
CA GLN A 298 -9.81 -13.72 23.19
C GLN A 298 -11.00 -13.72 24.14
N TYR A 299 -12.21 -13.94 23.65
CA TYR A 299 -13.39 -14.02 24.49
C TYR A 299 -13.85 -15.45 24.70
N ALA A 300 -13.00 -16.44 24.39
CA ALA A 300 -13.38 -17.82 24.64
C ALA A 300 -13.72 -18.02 26.11
N ASN A 301 -14.80 -18.76 26.36
CA ASN A 301 -15.23 -19.12 27.71
C ASN A 301 -14.36 -20.24 28.29
N SER A 302 -14.28 -20.28 29.62
CA SER A 302 -13.84 -21.48 30.31
C SER A 302 -15.00 -22.47 30.35
N LEU A 303 -14.80 -23.67 29.82
CA LEU A 303 -15.89 -24.65 29.66
C LEU A 303 -15.96 -25.58 30.86
N GLU A 304 -17.17 -25.72 31.43
CA GLU A 304 -17.38 -26.44 32.67
C GLU A 304 -17.75 -27.89 32.40
N LEU A 305 -17.06 -28.81 33.08
CA LEU A 305 -17.38 -30.23 32.97
C LEU A 305 -18.81 -30.48 33.43
N GLY A 306 -19.55 -31.25 32.63
CA GLY A 306 -20.90 -31.61 32.95
C GLY A 306 -21.94 -30.65 32.43
N CYS A 307 -21.59 -29.36 32.30
CA CYS A 307 -22.51 -28.35 31.79
C CYS A 307 -22.23 -28.03 30.33
N ASP A 308 -21.00 -27.60 30.03
CA ASP A 308 -20.64 -27.24 28.66
C ASP A 308 -20.21 -28.43 27.83
N CYS A 309 -19.45 -29.34 28.42
CA CYS A 309 -18.91 -30.52 27.75
C CYS A 309 -19.17 -31.71 28.65
N LEU A 310 -19.88 -32.71 28.12
CA LEU A 310 -20.39 -33.85 28.87
C LEU A 310 -19.74 -35.13 28.37
N GLY A 311 -19.26 -35.95 29.31
CA GLY A 311 -18.57 -37.18 28.97
C GLY A 311 -17.13 -37.15 29.45
N ASP A 312 -16.28 -37.89 28.74
CA ASP A 312 -14.86 -37.99 29.10
C ASP A 312 -14.13 -36.91 28.31
N ILE A 313 -13.89 -35.78 28.97
CA ILE A 313 -13.43 -34.57 28.32
C ILE A 313 -11.94 -34.42 28.55
N THR A 314 -11.20 -34.14 27.48
CA THR A 314 -9.83 -33.68 27.57
C THR A 314 -9.80 -32.21 27.20
N TYR A 315 -9.20 -31.38 28.06
CA TYR A 315 -9.16 -29.95 27.81
C TYR A 315 -7.82 -29.51 27.28
N LEU A 316 -7.84 -28.47 26.47
CA LEU A 316 -6.67 -27.63 26.22
C LEU A 316 -6.94 -26.26 26.84
N SER A 317 -5.88 -25.65 27.38
CA SER A 317 -5.96 -24.33 27.99
C SER A 317 -5.00 -23.44 27.21
N PRO A 318 -5.45 -22.80 26.13
CA PRO A 318 -4.51 -22.02 25.31
C PRO A 318 -4.07 -20.75 26.03
N VAL A 319 -2.94 -20.21 25.60
CA VAL A 319 -2.34 -19.03 26.22
C VAL A 319 -2.38 -17.94 25.18
N ILE A 320 -2.80 -16.74 25.61
CA ILE A 320 -2.82 -15.57 24.77
C ILE A 320 -2.12 -14.45 25.53
N SER A 321 -1.94 -13.31 24.88
CA SER A 321 -1.32 -12.14 25.47
C SER A 321 -2.40 -11.15 25.91
N ASP A 322 -2.19 -10.50 27.06
CA ASP A 322 -3.08 -9.41 27.42
C ASP A 322 -2.57 -8.14 26.75
N ALA A 323 -3.18 -7.00 27.04
CA ALA A 323 -2.83 -5.79 26.32
C ALA A 323 -1.39 -5.33 26.59
N PHE A 324 -0.79 -5.81 27.67
CA PHE A 324 0.56 -5.39 28.03
C PHE A 324 1.60 -6.44 27.72
N GLY A 325 1.22 -7.53 27.07
CA GLY A 325 2.17 -8.58 26.78
C GLY A 325 2.32 -9.62 27.86
N ASN A 326 1.46 -9.62 28.86
CA ASN A 326 1.56 -10.68 29.85
C ASN A 326 0.82 -11.92 29.36
N PRO A 327 1.33 -13.12 29.65
CA PRO A 327 0.59 -14.33 29.27
C PRO A 327 -0.67 -14.46 30.09
N ARG A 328 -1.76 -14.85 29.45
CA ARG A 328 -2.96 -15.22 30.18
C ARG A 328 -3.49 -16.55 29.66
N GLU A 329 -3.77 -17.44 30.60
CA GLU A 329 -4.31 -18.76 30.32
C GLU A 329 -5.83 -18.67 30.17
N ILE A 330 -6.35 -19.24 29.09
CA ILE A 330 -7.79 -19.49 28.99
C ILE A 330 -7.99 -20.92 29.48
N ARG A 331 -8.30 -21.04 30.76
CA ARG A 331 -8.41 -22.36 31.38
CA ARG A 331 -8.42 -22.35 31.40
C ARG A 331 -9.60 -23.12 30.81
N ASN A 332 -9.34 -24.36 30.41
CA ASN A 332 -10.39 -25.23 29.86
C ASN A 332 -11.13 -24.55 28.71
N GLY A 333 -10.35 -23.88 27.86
CA GLY A 333 -10.94 -23.13 26.76
C GLY A 333 -11.35 -23.98 25.58
N ILE A 334 -10.78 -25.17 25.44
CA ILE A 334 -11.07 -26.07 24.33
C ILE A 334 -11.44 -27.43 24.90
N CYS A 335 -12.58 -27.98 24.51
CA CYS A 335 -13.03 -29.31 24.89
CA CYS A 335 -12.85 -29.33 24.94
C CYS A 335 -12.79 -30.28 23.75
N MET A 336 -12.33 -31.49 24.06
CA MET A 336 -12.12 -32.55 23.08
C MET A 336 -12.69 -33.83 23.64
N HIS A 337 -13.51 -34.53 22.86
CA HIS A 337 -14.06 -35.79 23.32
C HIS A 337 -14.59 -36.53 22.11
N GLU A 338 -14.77 -37.84 22.26
CA GLU A 338 -15.45 -38.58 21.21
C GLU A 338 -16.89 -38.83 21.64
N GLU A 339 -17.79 -38.89 20.65
CA GLU A 339 -19.21 -39.10 20.89
C GLU A 339 -19.69 -40.28 20.06
N ASP A 340 -20.60 -41.09 20.62
CA ASP A 340 -21.30 -42.07 19.80
C ASP A 340 -22.13 -41.34 18.76
N TRP A 341 -22.18 -41.87 17.55
CA TRP A 341 -22.94 -41.23 16.48
C TRP A 341 -23.82 -42.23 15.76
N GLY A 342 -24.48 -43.12 16.50
CA GLY A 342 -25.53 -43.93 15.89
C GLY A 342 -24.97 -45.05 15.02
N ILE A 343 -25.73 -45.40 13.98
CA ILE A 343 -25.39 -46.49 13.09
C ILE A 343 -24.42 -46.01 12.03
N LEU A 344 -23.33 -46.76 11.84
CA LEU A 344 -22.40 -46.45 10.76
C LEU A 344 -22.79 -47.14 9.45
N ALA A 345 -23.09 -48.43 9.54
CA ALA A 345 -23.46 -49.22 8.38
C ALA A 345 -24.26 -50.41 8.88
N LYS A 346 -25.21 -50.85 8.06
CA LYS A 346 -26.11 -51.89 8.50
C LYS A 346 -26.65 -52.58 7.27
N HIS A 347 -26.68 -53.91 7.30
CA HIS A 347 -27.35 -54.68 6.27
C HIS A 347 -27.70 -56.07 6.80
N SER A 348 -28.94 -56.50 6.53
CA SER A 348 -29.37 -57.88 6.69
C SER A 348 -29.66 -58.44 5.31
N ASP A 349 -28.98 -59.50 4.93
CA ASP A 349 -29.02 -59.93 3.54
C ASP A 349 -29.93 -61.15 3.40
N LEU A 350 -30.89 -61.04 2.49
CA LEU A 350 -31.84 -62.13 2.30
C LEU A 350 -31.17 -63.39 1.77
N TRP A 351 -30.07 -63.26 1.03
CA TRP A 351 -29.52 -64.43 0.37
C TRP A 351 -28.32 -65.03 1.09
N SER A 352 -27.45 -64.21 1.69
CA SER A 352 -26.32 -64.76 2.43
C SER A 352 -26.68 -65.13 3.86
N GLY A 353 -27.77 -64.58 4.40
CA GLY A 353 -28.08 -64.79 5.81
C GLY A 353 -27.24 -63.99 6.78
N ILE A 354 -26.34 -63.12 6.29
CA ILE A 354 -25.49 -62.34 7.18
C ILE A 354 -26.23 -61.10 7.65
N ASN A 355 -26.24 -60.87 8.97
CA ASN A 355 -26.72 -59.64 9.60
C ASN A 355 -25.52 -58.82 10.07
N TYR A 356 -25.43 -57.57 9.64
CA TYR A 356 -24.25 -56.75 9.87
C TYR A 356 -24.69 -55.40 10.41
N THR A 357 -24.12 -54.99 11.55
CA THR A 357 -24.35 -53.64 12.09
C THR A 357 -23.05 -53.13 12.71
N ARG A 358 -22.69 -51.89 12.38
CA ARG A 358 -21.56 -51.22 13.01
C ARG A 358 -22.01 -49.84 13.48
N ARG A 359 -21.42 -49.37 14.57
CA ARG A 359 -21.78 -48.05 15.10
C ARG A 359 -20.74 -47.03 14.68
N ASN A 360 -21.21 -45.80 14.52
CA ASN A 360 -20.36 -44.69 14.13
C ASN A 360 -19.94 -43.94 15.39
N ARG A 361 -18.87 -43.15 15.27
CA ARG A 361 -18.58 -42.18 16.33
C ARG A 361 -17.89 -40.99 15.71
N ARG A 362 -17.79 -39.91 16.49
CA ARG A 362 -17.13 -38.71 16.00
C ARG A 362 -16.27 -38.12 17.10
N MET A 363 -15.16 -37.53 16.68
CA MET A 363 -14.29 -36.75 17.53
C MET A 363 -14.75 -35.29 17.46
N VAL A 364 -14.96 -34.67 18.63
CA VAL A 364 -15.48 -33.32 18.73
C VAL A 364 -14.36 -32.43 19.27
N ILE A 365 -14.13 -31.29 18.62
CA ILE A 365 -13.20 -30.27 19.11
C ILE A 365 -13.97 -28.96 19.10
N SER A 366 -14.06 -28.30 20.26
CA SER A 366 -14.99 -27.18 20.31
C SER A 366 -14.52 -26.11 21.30
N PHE A 367 -14.93 -24.89 21.03
CA PHE A 367 -14.81 -23.82 22.01
C PHE A 367 -16.03 -22.94 21.86
N PHE A 368 -16.22 -22.09 22.85
CA PHE A 368 -17.38 -21.22 22.94
C PHE A 368 -16.89 -19.81 23.21
N THR A 369 -17.39 -18.83 22.46
CA THR A 369 -16.97 -17.46 22.66
C THR A 369 -18.18 -16.58 22.94
N THR A 370 -17.94 -15.49 23.66
CA THR A 370 -18.98 -14.52 24.01
C THR A 370 -18.53 -13.14 23.58
N ILE A 371 -19.28 -12.50 22.69
CA ILE A 371 -18.96 -11.14 22.29
C ILE A 371 -20.20 -10.30 22.54
N GLY A 372 -20.25 -9.61 23.67
CA GLY A 372 -21.41 -8.79 23.99
C GLY A 372 -22.66 -9.62 24.25
N ASN A 373 -23.72 -9.39 23.49
CA ASN A 373 -24.97 -10.17 23.65
C ASN A 373 -24.89 -11.57 23.03
N TYQ A 374 -24.02 -11.77 22.05
CA TYQ A 374 -23.92 -13.03 21.33
CA TYQ A 374 -24.03 -13.06 21.40
C TYQ A 374 -22.99 -14.04 21.94
O TYQ A 374 -21.93 -13.75 22.49
CB TYQ A 374 -23.39 -12.95 19.91
CB TYQ A 374 -23.86 -12.94 19.88
CG TYQ A 374 -23.78 -11.74 19.15
CG TYQ A 374 -25.22 -12.75 19.29
CD1 TYQ A 374 -24.94 -11.79 18.37
CD1 TYQ A 374 -25.50 -11.76 18.32
CD2 TYQ A 374 -22.99 -10.59 19.18
CD2 TYQ A 374 -26.26 -13.57 19.73
CE1 TYQ A 374 -25.34 -10.69 17.60
CE1 TYQ A 374 -26.79 -11.61 17.79
CE2 TYQ A 374 -23.36 -9.46 18.42
CE2 TYQ A 374 -27.57 -13.45 19.21
CZ TYQ A 374 -24.55 -9.54 17.63
CZ TYQ A 374 -27.81 -12.45 18.23
OZ TYQ A 374 -25.76 -12.88 18.29
OZ TYQ A 374 -24.56 -10.89 17.83
N5 TYQ A 374 -22.59 -8.29 18.43
N5 TYQ A 374 -28.62 -14.29 19.64
OH TYQ A 374 -25.02 -8.51 16.85
OH TYQ A 374 -29.07 -12.28 17.69
N ASP A 375 -23.36 -15.31 21.81
CA ASP A 375 -22.52 -16.43 22.21
C ASP A 375 -22.51 -17.44 21.09
N TYR A 376 -21.33 -17.94 20.72
CA TYR A 376 -21.18 -18.85 19.58
C TYR A 376 -20.33 -20.02 20.00
N GLY A 377 -20.76 -21.23 19.68
CA GLY A 377 -19.94 -22.40 19.83
C GLY A 377 -19.44 -22.82 18.45
N PHE A 378 -18.15 -23.12 18.37
CA PHE A 378 -17.50 -23.58 17.14
C PHE A 378 -17.16 -25.05 17.32
N TYR A 379 -17.71 -25.92 16.48
CA TYR A 379 -17.55 -27.36 16.62
C TYR A 379 -16.92 -27.93 15.36
N TRP A 380 -15.79 -28.60 15.51
CA TRP A 380 -15.25 -29.42 14.42
C TRP A 380 -15.46 -30.90 14.75
N TYR A 381 -15.92 -31.66 13.75
CA TYR A 381 -16.25 -33.07 13.90
C TYR A 381 -15.44 -33.90 12.91
N LEU A 382 -14.82 -34.97 13.40
CA LEU A 382 -14.18 -35.99 12.56
C LEU A 382 -14.91 -37.30 12.76
N TYR A 383 -15.35 -37.91 11.67
CA TYR A 383 -16.11 -39.15 11.73
C TYR A 383 -15.26 -40.34 11.30
N LEU A 384 -15.70 -41.52 11.71
CA LEU A 384 -14.97 -42.74 11.37
C LEU A 384 -14.79 -42.90 9.87
N ASP A 385 -15.73 -42.43 9.07
CA ASP A 385 -15.76 -42.75 7.65
C ASP A 385 -15.03 -41.72 6.78
N GLY A 386 -14.22 -40.84 7.37
CA GLY A 386 -13.51 -39.83 6.61
C GLY A 386 -14.23 -38.49 6.48
N THR A 387 -15.48 -38.39 6.93
CA THR A 387 -16.19 -37.11 6.86
C THR A 387 -15.61 -36.10 7.85
N ILE A 388 -15.47 -34.86 7.40
CA ILE A 388 -15.12 -33.70 8.22
C ILE A 388 -16.30 -32.76 8.20
N GLU A 389 -16.71 -32.27 9.36
CA GLU A 389 -17.85 -31.38 9.44
C GLU A 389 -17.54 -30.21 10.36
N PHE A 390 -18.08 -29.05 10.04
CA PHE A 390 -18.04 -27.90 10.92
C PHE A 390 -19.46 -27.51 11.24
N GLU A 391 -19.69 -27.07 12.48
CA GLU A 391 -21.00 -26.61 12.92
C GLU A 391 -20.82 -25.42 13.84
N ALA A 392 -21.50 -24.32 13.53
CA ALA A 392 -21.56 -23.16 14.42
C ALA A 392 -22.89 -23.22 15.16
N LYS A 393 -22.85 -23.00 16.46
CA LYS A 393 -24.06 -22.98 17.29
C LYS A 393 -24.22 -21.56 17.82
N ALA A 394 -25.29 -20.90 17.41
CA ALA A 394 -25.55 -19.51 17.74
C ALA A 394 -26.54 -19.44 18.89
N THR A 395 -26.19 -18.72 19.96
CA THR A 395 -27.15 -18.55 21.06
C THR A 395 -26.86 -17.20 21.75
N GLY A 396 -27.20 -17.04 23.02
CA GLY A 396 -27.05 -15.74 23.68
C GLY A 396 -28.34 -14.96 23.68
N VAL A 397 -28.26 -13.63 23.65
CA VAL A 397 -29.44 -12.77 23.72
C VAL A 397 -29.50 -11.99 22.41
N VAL A 398 -30.69 -11.90 21.81
CA VAL A 398 -30.77 -11.16 20.55
C VAL A 398 -30.59 -9.67 20.82
N PHE A 399 -30.05 -8.98 19.84
CA PHE A 399 -29.92 -7.53 19.90
C PHE A 399 -31.28 -6.89 19.72
N THR A 400 -31.60 -5.95 20.60
CA THR A 400 -32.97 -5.46 20.68
C THR A 400 -33.06 -3.99 20.31
N SER A 401 -34.30 -3.55 20.17
CA SER A 401 -34.66 -2.17 19.87
C SER A 401 -36.07 -1.98 20.40
N ALA A 402 -36.61 -0.77 20.23
CA ALA A 402 -38.03 -0.61 20.43
C ALA A 402 -38.78 -1.25 19.27
N PHE A 403 -39.97 -1.73 19.54
CA PHE A 403 -40.85 -2.10 18.45
C PHE A 403 -41.72 -0.90 18.10
N PRO A 404 -41.64 -0.37 16.90
CA PRO A 404 -42.40 0.85 16.57
C PRO A 404 -43.89 0.60 16.67
N GLU A 405 -44.59 1.54 17.26
CA GLU A 405 -46.04 1.49 17.23
C GLU A 405 -46.47 1.54 15.76
N GLY A 406 -47.35 0.63 15.37
CA GLY A 406 -47.65 0.50 13.96
C GLY A 406 -46.74 -0.43 13.18
N GLY A 407 -45.89 -1.21 13.84
CA GLY A 407 -45.23 -2.33 13.19
C GLY A 407 -43.98 -1.95 12.40
N SER A 408 -43.37 -2.97 11.80
CA SER A 408 -42.14 -2.77 11.07
C SER A 408 -41.94 -3.90 10.08
N ASP A 409 -41.35 -3.57 8.93
CA ASP A 409 -40.98 -4.58 7.96
C ASP A 409 -39.61 -5.18 8.22
N ASN A 410 -38.86 -4.66 9.20
CA ASN A 410 -37.46 -5.05 9.36
C ASN A 410 -37.12 -5.47 10.78
N ILE A 411 -38.12 -5.54 11.65
CA ILE A 411 -37.95 -5.77 13.08
C ILE A 411 -39.06 -6.72 13.51
N SER A 412 -38.71 -7.71 14.33
CA SER A 412 -39.68 -8.64 14.94
C SER A 412 -40.09 -8.16 16.32
N GLN A 413 -41.36 -8.34 16.68
CA GLN A 413 -41.78 -7.99 18.04
C GLN A 413 -41.56 -9.20 18.94
N LEU A 414 -40.86 -8.99 20.04
CA LEU A 414 -40.54 -10.05 20.99
C LEU A 414 -41.39 -9.98 22.25
N ALA A 415 -41.76 -8.78 22.66
CA ALA A 415 -42.53 -8.52 23.87
C ALA A 415 -43.16 -7.17 23.69
N PRO A 416 -44.10 -6.79 24.55
CA PRO A 416 -44.74 -5.48 24.37
C PRO A 416 -43.71 -4.37 24.31
N GLY A 417 -43.70 -3.63 23.20
CA GLY A 417 -42.81 -2.50 23.04
C GLY A 417 -41.40 -2.86 22.63
N LEU A 418 -41.05 -4.16 22.57
CA LEU A 418 -39.67 -4.61 22.43
C LEU A 418 -39.49 -5.31 21.09
N GLY A 419 -38.50 -4.88 20.31
CA GLY A 419 -38.25 -5.43 19.00
C GLY A 419 -36.85 -6.04 18.86
N ALA A 420 -36.67 -6.83 17.78
CA ALA A 420 -35.40 -7.45 17.43
C ALA A 420 -35.17 -7.33 15.93
N PRO A 421 -34.27 -6.43 15.52
CA PRO A 421 -34.08 -6.18 14.09
C PRO A 421 -33.58 -7.42 13.38
N PHE A 422 -34.03 -7.60 12.14
CA PHE A 422 -33.54 -8.68 11.29
C PHE A 422 -32.04 -8.55 11.06
N HIS A 423 -31.35 -9.69 10.98
CA HIS A 423 -29.92 -9.67 10.75
C HIS A 423 -29.50 -11.02 10.18
N GLN A 424 -28.25 -11.12 9.79
CA GLN A 424 -27.63 -12.37 9.37
C GLN A 424 -26.41 -12.65 10.23
N HIS A 425 -26.01 -13.92 10.30
CA HIS A 425 -24.73 -14.33 10.88
C HIS A 425 -24.00 -15.07 9.79
N ILE A 426 -22.95 -14.48 9.24
CA ILE A 426 -22.31 -15.07 8.06
C ILE A 426 -20.87 -15.42 8.40
N PHE A 427 -20.47 -16.65 8.10
CA PHE A 427 -19.17 -17.20 8.42
C PHE A 427 -18.36 -17.39 7.14
N SER A 428 -17.04 -17.32 7.26
CA SER A 428 -16.13 -17.64 6.17
C SER A 428 -15.18 -18.74 6.67
N ALA A 429 -15.26 -19.92 6.08
CA ALA A 429 -14.30 -20.95 6.40
C ALA A 429 -13.17 -20.90 5.39
N ARG A 430 -11.94 -20.91 5.90
CA ARG A 430 -10.77 -20.92 5.04
C ARG A 430 -10.14 -22.30 5.13
N LEU A 431 -10.13 -23.01 4.01
CA LEU A 431 -9.71 -24.41 3.97
C LEU A 431 -8.49 -24.45 3.06
N ASP A 432 -7.30 -24.46 3.66
CA ASP A 432 -6.07 -24.62 2.91
C ASP A 432 -5.93 -26.11 2.62
N MET A 433 -6.33 -26.51 1.43
CA MET A 433 -6.38 -27.93 1.08
C MET A 433 -5.07 -28.55 0.70
N ALA A 434 -5.02 -29.86 0.93
CA ALA A 434 -3.83 -30.68 0.67
C ALA A 434 -4.28 -32.11 0.45
N ILE A 435 -5.28 -32.29 -0.41
CA ILE A 435 -5.81 -33.61 -0.77
C ILE A 435 -4.69 -34.45 -1.34
N ASP A 436 -4.17 -35.40 -0.54
CA ASP A 436 -3.01 -36.23 -0.90
C ASP A 436 -1.80 -35.39 -1.30
N GLY A 437 -1.69 -34.17 -0.82
CA GLY A 437 -0.57 -33.34 -1.20
C GLY A 437 -1.08 -32.03 -1.72
N PHE A 438 -0.16 -31.23 -2.29
CA PHE A 438 -0.50 -29.84 -2.55
C PHE A 438 -0.95 -29.56 -3.98
N THR A 439 -0.89 -30.53 -4.87
CA THR A 439 -1.38 -30.37 -6.23
CA THR A 439 -1.38 -30.35 -6.23
C THR A 439 -2.86 -30.68 -6.21
N ASN A 440 -3.70 -29.65 -6.08
CA ASN A 440 -5.15 -29.84 -5.98
C ASN A 440 -5.87 -29.00 -7.01
N ARG A 441 -7.13 -29.36 -7.27
CA ARG A 441 -7.97 -28.57 -8.15
CA ARG A 441 -7.97 -28.59 -8.18
C ARG A 441 -9.41 -28.68 -7.67
N VAL A 442 -10.23 -27.72 -8.08
CA VAL A 442 -11.64 -27.69 -7.68
C VAL A 442 -12.53 -27.89 -8.90
N GLU A 443 -13.51 -28.77 -8.77
CA GLU A 443 -14.52 -28.96 -9.81
C GLU A 443 -15.89 -28.63 -9.23
N GLU A 444 -16.69 -27.92 -10.02
CA GLU A 444 -18.09 -27.68 -9.71
C GLU A 444 -18.93 -28.79 -10.33
N GLU A 445 -19.70 -29.50 -9.52
CA GLU A 445 -20.49 -30.64 -10.00
C GLU A 445 -21.98 -30.31 -9.92
N ASP A 446 -22.66 -30.40 -11.05
CA ASP A 446 -24.09 -30.14 -11.15
C ASP A 446 -24.78 -31.40 -11.62
N VAL A 447 -25.98 -31.66 -11.10
CA VAL A 447 -26.86 -32.68 -11.66
CA VAL A 447 -26.82 -32.69 -11.68
C VAL A 447 -27.28 -32.24 -13.07
N VAL A 448 -27.33 -33.19 -14.01
CA VAL A 448 -27.75 -32.91 -15.37
C VAL A 448 -29.05 -33.66 -15.65
N ARG A 449 -30.10 -32.93 -16.03
CA ARG A 449 -31.33 -33.57 -16.41
CA ARG A 449 -31.36 -33.54 -16.42
C ARG A 449 -31.33 -33.82 -17.92
N GLN A 450 -31.87 -34.96 -18.30
CA GLN A 450 -31.87 -35.38 -19.70
C GLN A 450 -33.29 -35.47 -20.22
N THR A 451 -33.44 -35.14 -21.50
CA THR A 451 -34.74 -35.16 -22.15
CA THR A 451 -34.75 -35.16 -22.14
C THR A 451 -35.04 -36.56 -22.66
N MET A 452 -36.31 -36.94 -22.55
CA MET A 452 -36.74 -38.19 -23.14
C MET A 452 -36.56 -38.14 -24.66
N GLY A 453 -35.98 -39.20 -25.21
CA GLY A 453 -35.69 -39.26 -26.61
C GLY A 453 -34.72 -40.38 -26.90
N PRO A 454 -34.12 -40.36 -28.09
CA PRO A 454 -33.17 -41.42 -28.46
C PRO A 454 -32.05 -41.55 -27.46
N GLY A 455 -31.71 -42.80 -27.13
CA GLY A 455 -30.79 -43.06 -26.05
C GLY A 455 -31.37 -42.90 -24.66
N ASN A 456 -32.61 -42.41 -24.54
CA ASN A 456 -33.25 -42.22 -23.26
C ASN A 456 -34.77 -42.37 -23.47
N GLU A 457 -35.17 -43.49 -24.09
CA GLU A 457 -36.54 -43.64 -24.60
C GLU A 457 -37.58 -43.57 -23.49
N ARG A 458 -37.25 -44.04 -22.29
CA ARG A 458 -38.17 -44.03 -21.16
C ARG A 458 -38.08 -42.76 -20.32
N GLY A 459 -37.19 -41.82 -20.67
CA GLY A 459 -37.11 -40.55 -19.97
C GLY A 459 -36.74 -40.65 -18.50
N ASN A 460 -35.91 -41.64 -18.13
CA ASN A 460 -35.49 -41.83 -16.74
C ASN A 460 -34.06 -41.39 -16.47
N ALA A 461 -33.24 -41.24 -17.50
CA ALA A 461 -31.82 -41.01 -17.27
C ALA A 461 -31.57 -39.63 -16.67
N PHE A 462 -30.57 -39.57 -15.81
CA PHE A 462 -30.01 -38.30 -15.41
C PHE A 462 -28.54 -38.53 -15.18
N SER A 463 -27.80 -37.42 -15.13
CA SER A 463 -26.37 -37.53 -15.14
C SER A 463 -25.81 -36.45 -14.23
N ARG A 464 -24.52 -36.18 -14.39
CA ARG A 464 -23.84 -35.13 -13.64
CA ARG A 464 -23.84 -35.13 -13.64
C ARG A 464 -22.78 -34.54 -14.55
N LYS A 465 -22.41 -33.30 -14.29
CA LYS A 465 -21.31 -32.68 -15.05
C LYS A 465 -20.36 -32.00 -14.08
N ARG A 466 -19.07 -32.04 -14.41
CA ARG A 466 -18.04 -31.44 -13.59
C ARG A 466 -17.31 -30.40 -14.42
N THR A 467 -17.15 -29.20 -13.87
CA THR A 467 -16.42 -28.11 -14.52
C THR A 467 -15.20 -27.76 -13.68
N VAL A 468 -14.01 -27.92 -14.26
CA VAL A 468 -12.77 -27.54 -13.56
C VAL A 468 -12.67 -26.02 -13.49
N LEU A 469 -12.37 -25.49 -12.32
CA LEU A 469 -12.01 -24.09 -12.17
C LEU A 469 -10.50 -23.95 -12.39
N THR A 470 -10.11 -23.22 -13.43
CA THR A 470 -8.69 -23.21 -13.82
C THR A 470 -7.95 -21.94 -13.44
N ARG A 471 -8.65 -20.84 -13.25
CA ARG A 471 -8.04 -19.57 -12.90
C ARG A 471 -8.89 -18.87 -11.85
N GLU A 472 -8.24 -18.01 -11.04
CA GLU A 472 -8.95 -17.37 -9.95
C GLU A 472 -10.14 -16.55 -10.44
N SER A 473 -10.04 -15.97 -11.64
CA SER A 473 -11.12 -15.11 -12.10
C SER A 473 -12.40 -15.88 -12.42
N GLU A 474 -12.33 -17.20 -12.56
CA GLU A 474 -13.55 -17.97 -12.75
C GLU A 474 -13.91 -18.78 -11.52
N ALA A 475 -13.23 -18.56 -10.40
CA ALA A 475 -13.38 -19.43 -9.24
C ALA A 475 -14.19 -18.75 -8.15
N VAL A 476 -15.09 -17.85 -8.54
CA VAL A 476 -16.04 -17.24 -7.61
C VAL A 476 -17.40 -17.81 -7.95
N ARG A 477 -17.93 -18.68 -7.10
CA ARG A 477 -19.06 -19.54 -7.44
C ARG A 477 -20.23 -19.29 -6.51
N GLU A 478 -21.43 -19.48 -7.05
CA GLU A 478 -22.67 -19.40 -6.28
CA GLU A 478 -22.68 -19.39 -6.32
C GLU A 478 -23.28 -20.79 -6.13
N ALA A 479 -24.03 -20.95 -5.04
CA ALA A 479 -24.74 -22.20 -4.78
C ALA A 479 -25.84 -22.40 -5.82
N ASP A 480 -26.25 -23.66 -6.00
CA ASP A 480 -27.50 -23.90 -6.73
C ASP A 480 -28.12 -25.18 -6.18
N ALA A 481 -28.92 -25.03 -5.12
CA ALA A 481 -29.56 -26.18 -4.49
C ALA A 481 -30.38 -26.98 -5.50
N ARG A 482 -31.00 -26.28 -6.44
CA ARG A 482 -31.90 -26.92 -7.40
C ARG A 482 -31.18 -27.95 -8.26
N THR A 483 -29.94 -27.66 -8.65
CA THR A 483 -29.16 -28.60 -9.45
CA THR A 483 -29.17 -28.60 -9.45
C THR A 483 -28.23 -29.44 -8.59
N GLY A 484 -28.49 -29.50 -7.28
CA GLY A 484 -27.66 -30.30 -6.39
C GLY A 484 -26.18 -29.92 -6.43
N ARG A 485 -25.85 -28.64 -6.63
CA ARG A 485 -24.47 -28.25 -6.88
C ARG A 485 -23.57 -28.52 -5.68
N THR A 486 -22.45 -29.17 -5.92
CA THR A 486 -21.40 -29.32 -4.92
C THR A 486 -20.06 -29.05 -5.58
N TRP A 487 -19.01 -29.02 -4.77
CA TRP A 487 -17.67 -28.78 -5.28
C TRP A 487 -16.77 -29.92 -4.83
N ILE A 488 -15.94 -30.40 -5.74
CA ILE A 488 -15.03 -31.50 -5.47
C ILE A 488 -13.62 -30.96 -5.50
N ILE A 489 -12.86 -31.21 -4.45
CA ILE A 489 -11.43 -30.89 -4.44
C ILE A 489 -10.70 -32.20 -4.68
N SER A 490 -9.93 -32.27 -5.76
CA SER A 490 -9.23 -33.49 -6.10
C SER A 490 -7.75 -33.23 -6.32
N ASN A 491 -7.00 -34.31 -6.42
CA ASN A 491 -5.57 -34.27 -6.73
C ASN A 491 -5.42 -35.00 -8.05
N PRO A 492 -5.23 -34.27 -9.16
CA PRO A 492 -5.14 -34.92 -10.47
C PRO A 492 -3.93 -35.81 -10.64
N GLU A 493 -2.97 -35.73 -9.73
CA GLU A 493 -1.79 -36.56 -9.81
C GLU A 493 -1.84 -37.74 -8.85
N SER A 494 -2.90 -37.91 -8.09
CA SER A 494 -3.02 -39.02 -7.17
C SER A 494 -4.30 -39.78 -7.52
N LYS A 495 -4.17 -41.00 -8.02
CA LYS A 495 -5.32 -41.78 -8.46
C LYS A 495 -5.59 -42.94 -7.50
N ASN A 496 -6.86 -43.25 -7.34
CA ASN A 496 -7.26 -44.45 -6.62
C ASN A 496 -7.11 -45.66 -7.53
N ARG A 497 -7.44 -46.83 -7.01
CA ARG A 497 -7.16 -48.07 -7.72
C ARG A 497 -8.00 -48.21 -8.98
N LEU A 498 -9.03 -47.38 -9.16
CA LEU A 498 -9.79 -47.36 -10.39
C LEU A 498 -9.25 -46.35 -11.38
N ASN A 499 -8.09 -45.76 -11.09
CA ASN A 499 -7.42 -44.81 -11.96
CA ASN A 499 -7.41 -44.80 -11.94
C ASN A 499 -8.18 -43.49 -12.08
N GLU A 500 -9.04 -43.13 -11.03
CA GLU A 500 -9.66 -41.82 -10.98
CA GLU A 500 -9.67 -41.83 -10.97
C GLU A 500 -8.97 -40.95 -9.94
N PRO A 501 -8.90 -39.64 -10.15
CA PRO A 501 -8.25 -38.78 -9.17
C PRO A 501 -8.97 -38.82 -7.82
N VAL A 502 -8.19 -38.89 -6.74
CA VAL A 502 -8.78 -38.92 -5.40
C VAL A 502 -9.39 -37.55 -5.09
N GLY A 503 -10.42 -37.53 -4.26
CA GLY A 503 -11.13 -36.28 -4.02
C GLY A 503 -11.97 -36.28 -2.76
N TYR A 504 -12.40 -35.07 -2.40
CA TYR A 504 -13.32 -34.81 -1.30
C TYR A 504 -14.39 -33.88 -1.84
N LYS A 505 -15.63 -34.10 -1.41
CA LYS A 505 -16.75 -33.31 -1.91
C LYS A 505 -17.23 -32.37 -0.80
N LEU A 506 -17.37 -31.09 -1.11
CA LEU A 506 -17.89 -30.10 -0.17
CA LEU A 506 -17.89 -30.11 -0.17
C LEU A 506 -19.40 -30.03 -0.32
N HIS A 507 -20.13 -30.28 0.76
CA HIS A 507 -21.58 -30.21 0.78
C HIS A 507 -21.95 -28.99 1.62
N ALA A 508 -22.54 -27.98 0.97
CA ALA A 508 -22.96 -26.75 1.61
C ALA A 508 -24.44 -26.85 2.01
N HIS A 509 -24.85 -25.98 2.93
CA HIS A 509 -26.24 -25.93 3.37
C HIS A 509 -27.11 -25.07 2.47
N ASN A 510 -26.49 -24.28 1.58
CA ASN A 510 -27.18 -23.48 0.57
C ASN A 510 -28.14 -22.46 1.18
N GLN A 511 -27.74 -21.88 2.32
CA GLN A 511 -28.47 -20.76 2.91
C GLN A 511 -28.17 -19.46 2.15
N PRO A 512 -29.04 -18.45 2.26
CA PRO A 512 -28.81 -17.19 1.55
C PRO A 512 -27.48 -16.55 1.96
N THR A 513 -26.85 -15.92 0.99
CA THR A 513 -25.63 -15.15 1.25
C THR A 513 -26.03 -13.73 1.60
N LEU A 514 -25.10 -12.78 1.55
CA LEU A 514 -25.34 -11.41 2.03
C LEU A 514 -26.52 -10.76 1.33
N LEU A 515 -27.49 -10.26 2.12
CA LEU A 515 -28.70 -9.74 1.51
C LEU A 515 -28.59 -8.28 1.14
N ALA A 516 -27.62 -7.56 1.71
CA ALA A 516 -27.52 -6.12 1.53
C ALA A 516 -27.38 -5.75 0.06
N ASP A 517 -27.78 -4.53 -0.24
CA ASP A 517 -27.70 -4.03 -1.60
C ASP A 517 -26.25 -4.05 -2.07
N PRO A 518 -25.96 -4.54 -3.28
CA PRO A 518 -24.56 -4.65 -3.72
C PRO A 518 -23.80 -3.33 -3.69
N GLY A 519 -24.48 -2.18 -3.67
CA GLY A 519 -23.80 -0.91 -3.61
C GLY A 519 -23.57 -0.40 -2.20
N SER A 520 -23.83 -1.21 -1.18
CA SER A 520 -23.77 -0.77 0.20
C SER A 520 -22.34 -0.84 0.71
N SER A 521 -22.09 -0.08 1.79
CA SER A 521 -20.79 -0.17 2.46
C SER A 521 -20.52 -1.61 2.90
N ILE A 522 -21.52 -2.29 3.48
CA ILE A 522 -21.24 -3.63 3.97
C ILE A 522 -20.94 -4.60 2.82
N ALA A 523 -21.56 -4.41 1.65
CA ALA A 523 -21.27 -5.34 0.55
C ALA A 523 -19.85 -5.16 0.03
N ARG A 524 -19.28 -3.96 0.19
CA ARG A 524 -17.89 -3.75 -0.21
CA ARG A 524 -17.90 -3.75 -0.20
C ARG A 524 -16.93 -4.25 0.87
N ARG A 525 -17.25 -4.01 2.14
CA ARG A 525 -16.37 -4.46 3.22
C ARG A 525 -16.45 -5.97 3.44
N ALA A 526 -17.61 -6.57 3.20
CA ALA A 526 -17.73 -8.01 3.38
C ALA A 526 -17.98 -8.67 2.03
N ALA A 527 -17.14 -8.39 1.04
CA ALA A 527 -17.40 -8.90 -0.30
C ALA A 527 -17.42 -10.41 -0.32
N PHE A 528 -16.60 -11.05 0.53
CA PHE A 528 -16.57 -12.51 0.61
C PHE A 528 -17.97 -13.08 0.83
N ALA A 529 -18.85 -12.31 1.48
CA ALA A 529 -20.14 -12.84 1.92
C ALA A 529 -21.17 -12.85 0.81
N THR A 530 -20.86 -12.25 -0.35
CA THR A 530 -21.81 -12.18 -1.44
C THR A 530 -21.80 -13.42 -2.32
N LYS A 531 -20.87 -14.36 -2.11
CA LYS A 531 -20.77 -15.55 -2.92
C LYS A 531 -20.44 -16.74 -2.04
N ASP A 532 -20.86 -17.93 -2.47
CA ASP A 532 -20.75 -19.11 -1.62
C ASP A 532 -19.35 -19.69 -1.61
N LEU A 533 -18.62 -19.55 -2.72
CA LEU A 533 -17.36 -20.28 -2.79
C LEU A 533 -16.34 -19.49 -3.57
N TRP A 534 -15.15 -19.38 -2.99
CA TRP A 534 -14.00 -18.74 -3.63
C TRP A 534 -12.83 -19.70 -3.53
N VAL A 535 -12.00 -19.67 -4.58
CA VAL A 535 -10.76 -20.46 -4.60
C VAL A 535 -9.61 -19.53 -4.94
N THR A 536 -8.59 -19.51 -4.08
CA THR A 536 -7.39 -18.76 -4.41
C THR A 536 -6.18 -19.66 -4.47
N ARG A 537 -5.15 -19.16 -5.13
CA ARG A 537 -3.83 -19.75 -5.05
C ARG A 537 -3.25 -19.39 -3.69
N TYR A 538 -2.65 -20.37 -3.02
CA TYR A 538 -2.09 -20.09 -1.70
C TYR A 538 -1.00 -19.01 -1.77
N ALA A 539 -1.01 -18.13 -0.78
CA ALA A 539 0.08 -17.18 -0.54
C ALA A 539 0.12 -16.86 0.96
N ASP A 540 1.34 -16.68 1.46
CA ASP A 540 1.58 -16.52 2.90
C ASP A 540 0.76 -15.40 3.51
N ASP A 541 0.66 -14.27 2.81
CA ASP A 541 0.05 -13.10 3.40
C ASP A 541 -1.43 -12.99 3.12
N GLU A 542 -2.03 -14.01 2.51
CA GLU A 542 -3.46 -13.93 2.17
C GLU A 542 -4.19 -14.77 3.20
N ARG A 543 -4.40 -14.18 4.39
CA ARG A 543 -4.89 -14.95 5.53
C ARG A 543 -6.38 -14.80 5.80
N TYR A 544 -6.96 -13.63 5.55
CA TYR A 544 -8.32 -13.31 5.95
C TYR A 544 -9.09 -12.82 4.74
N PRO A 545 -10.38 -13.19 4.63
CA PRO A 545 -11.13 -12.82 3.43
C PRO A 545 -11.46 -11.35 3.39
N THR A 546 -11.25 -10.66 4.50
CA THR A 546 -11.50 -9.25 4.64
C THR A 546 -10.22 -8.43 4.75
N GLY A 547 -9.04 -9.05 4.67
CA GLY A 547 -7.80 -8.33 4.93
C GLY A 547 -7.41 -8.33 6.41
N ASP A 548 -6.22 -7.77 6.68
CA ASP A 548 -5.65 -7.81 8.03
C ASP A 548 -6.33 -6.87 8.99
N PHE A 549 -6.77 -5.70 8.53
CA PHE A 549 -7.28 -4.63 9.40
C PHE A 549 -8.70 -4.31 8.96
N VAL A 550 -9.68 -4.98 9.58
CA VAL A 550 -11.06 -4.87 9.13
C VAL A 550 -11.72 -3.62 9.70
N ASN A 551 -11.38 -3.29 10.94
CA ASN A 551 -11.98 -2.16 11.64
C ASN A 551 -11.84 -0.88 10.85
N GLN A 552 -12.99 -0.29 10.46
CA GLN A 552 -13.06 0.98 9.75
C GLN A 552 -12.28 0.97 8.43
N HIS A 553 -12.09 -0.20 7.83
CA HIS A 553 -11.47 -0.24 6.51
C HIS A 553 -12.53 0.01 5.45
N SER A 554 -12.19 0.78 4.43
CA SER A 554 -13.22 1.32 3.55
C SER A 554 -13.72 0.31 2.52
N GLY A 555 -13.07 -0.84 2.36
CA GLY A 555 -13.61 -1.91 1.55
C GLY A 555 -12.65 -2.36 0.48
N GLY A 556 -12.98 -3.51 -0.11
CA GLY A 556 -12.24 -4.02 -1.24
C GLY A 556 -11.11 -4.96 -0.92
N ALA A 557 -10.45 -4.79 0.23
CA ALA A 557 -9.35 -5.66 0.59
C ALA A 557 -9.84 -7.11 0.75
N GLY A 558 -8.87 -8.01 0.87
CA GLY A 558 -9.23 -9.41 0.98
C GLY A 558 -9.53 -10.02 -0.38
N LEU A 559 -10.48 -10.96 -0.38
CA LEU A 559 -10.72 -11.83 -1.53
C LEU A 559 -10.86 -11.13 -2.87
N PRO A 560 -11.65 -10.07 -3.02
CA PRO A 560 -11.72 -9.41 -4.33
C PRO A 560 -10.37 -8.95 -4.84
N SER A 561 -9.47 -8.53 -3.96
CA SER A 561 -8.15 -8.11 -4.41
CA SER A 561 -8.15 -8.11 -4.42
C SER A 561 -7.25 -9.30 -4.70
N TYR A 562 -7.36 -10.36 -3.88
CA TYR A 562 -6.55 -11.56 -4.16
C TYR A 562 -6.87 -12.11 -5.54
N ILE A 563 -8.15 -12.38 -5.81
CA ILE A 563 -8.50 -13.10 -7.03
C ILE A 563 -8.21 -12.27 -8.27
N ALA A 564 -8.05 -10.95 -8.11
CA ALA A 564 -7.67 -10.12 -9.26
C ALA A 564 -6.32 -10.53 -9.85
N GLN A 565 -5.48 -11.24 -9.10
CA GLN A 565 -4.22 -11.70 -9.67
C GLN A 565 -4.44 -12.80 -10.70
N ASP A 566 -5.59 -13.47 -10.70
CA ASP A 566 -5.97 -14.40 -11.74
C ASP A 566 -4.92 -15.53 -11.86
N ARG A 567 -4.54 -16.09 -10.73
CA ARG A 567 -3.47 -17.08 -10.74
C ARG A 567 -4.02 -18.46 -11.12
N ASP A 568 -3.11 -19.30 -11.61
CA ASP A 568 -3.43 -20.67 -11.98
C ASP A 568 -3.78 -21.49 -10.73
N ILE A 569 -4.92 -22.19 -10.76
CA ILE A 569 -5.34 -23.02 -9.63
C ILE A 569 -5.67 -24.43 -10.08
N ASP A 570 -5.23 -24.81 -11.27
CA ASP A 570 -5.52 -26.13 -11.82
C ASP A 570 -4.37 -27.05 -11.47
N GLY A 571 -4.51 -27.79 -10.36
CA GLY A 571 -3.42 -28.63 -9.91
C GLY A 571 -2.31 -27.86 -9.22
N GLN A 572 -2.69 -27.01 -8.25
CA GLN A 572 -1.75 -26.13 -7.56
C GLN A 572 -2.10 -26.11 -6.08
N ASP A 573 -1.28 -25.39 -5.32
CA ASP A 573 -1.47 -25.18 -3.89
C ASP A 573 -2.60 -24.15 -3.73
N ILE A 574 -3.79 -24.62 -3.36
CA ILE A 574 -4.98 -23.76 -3.39
C ILE A 574 -5.68 -23.73 -2.04
N VAL A 575 -6.53 -22.73 -1.91
CA VAL A 575 -7.25 -22.47 -0.66
C VAL A 575 -8.71 -22.26 -1.02
N VAL A 576 -9.60 -22.97 -0.33
CA VAL A 576 -11.02 -22.84 -0.58
C VAL A 576 -11.63 -21.95 0.50
N TRP A 577 -12.41 -20.96 0.08
CA TRP A 577 -13.08 -20.07 1.03
C TRP A 577 -14.57 -20.28 0.86
N HIS A 578 -15.22 -20.80 1.88
CA HIS A 578 -16.65 -21.11 1.80
C HIS A 578 -17.43 -20.18 2.73
N THR A 579 -18.39 -19.47 2.14
CA THR A 579 -19.30 -18.58 2.86
C THR A 579 -20.55 -19.35 3.23
N PHE A 580 -20.98 -19.23 4.50
CA PHE A 580 -22.22 -19.87 4.94
C PHE A 580 -22.78 -19.11 6.13
N GLY A 581 -24.10 -19.11 6.26
CA GLY A 581 -24.62 -18.35 7.38
C GLY A 581 -26.08 -18.61 7.66
N LEU A 582 -26.55 -17.93 8.70
CA LEU A 582 -27.94 -17.95 9.13
C LEU A 582 -28.57 -16.60 8.85
N THR A 583 -29.78 -16.62 8.30
CA THR A 583 -30.58 -15.41 8.19
C THR A 583 -31.62 -15.48 9.30
N HIS A 584 -31.57 -14.51 10.20
CA HIS A 584 -32.28 -14.61 11.46
C HIS A 584 -33.42 -13.59 11.50
N PHE A 585 -34.65 -14.08 11.35
CA PHE A 585 -35.83 -13.29 11.64
C PHE A 585 -36.26 -13.66 13.05
N PRO A 586 -35.93 -12.87 14.07
CA PRO A 586 -36.10 -13.34 15.45
C PRO A 586 -37.57 -13.69 15.74
N ARG A 587 -37.76 -14.76 16.51
CA ARG A 587 -39.09 -15.20 16.90
C ARG A 587 -39.25 -14.99 18.41
N VAL A 588 -40.51 -14.99 18.84
CA VAL A 588 -40.83 -14.88 20.26
C VAL A 588 -40.05 -15.91 21.07
N GLU A 589 -39.91 -17.12 20.53
CA GLU A 589 -39.17 -18.17 21.24
C GLU A 589 -37.69 -17.85 21.41
N ASP A 590 -37.16 -16.82 20.72
CA ASP A 590 -35.76 -16.43 20.91
C ASP A 590 -35.55 -15.59 22.15
N TRP A 591 -36.64 -15.18 22.83
CA TRP A 591 -36.64 -14.24 23.94
C TRP A 591 -37.07 -14.93 25.24
N PRO A 592 -36.40 -14.65 26.36
CA PRO A 592 -35.35 -13.67 26.65
C PRO A 592 -33.94 -14.21 26.49
N ILE A 593 -33.78 -15.51 26.23
CA ILE A 593 -32.49 -16.07 25.86
C ILE A 593 -32.71 -17.10 24.74
N MET A 594 -31.81 -17.09 23.75
CA MET A 594 -31.99 -17.80 22.46
C MET A 594 -31.70 -19.30 22.56
N PRO A 595 -32.62 -20.18 22.21
CA PRO A 595 -32.23 -21.58 21.99
C PRO A 595 -31.28 -21.68 20.81
N VAL A 596 -30.33 -22.60 20.90
CA VAL A 596 -29.28 -22.74 19.89
C VAL A 596 -29.89 -22.98 18.51
N ASP A 597 -29.36 -22.27 17.52
CA ASP A 597 -29.58 -22.57 16.11
C ASP A 597 -28.22 -22.81 15.45
N THR A 598 -28.21 -23.58 14.38
CA THR A 598 -26.97 -24.13 13.84
C THR A 598 -26.87 -23.90 12.34
N VAL A 599 -25.62 -23.85 11.86
CA VAL A 599 -25.34 -23.85 10.42
C VAL A 599 -23.92 -24.39 10.28
N GLY A 600 -23.58 -24.85 9.09
CA GLY A 600 -22.28 -25.47 8.92
C GLY A 600 -22.06 -25.96 7.50
N PHE A 601 -21.12 -26.88 7.37
CA PHE A 601 -20.83 -27.52 6.09
C PHE A 601 -20.13 -28.82 6.39
N LYS A 602 -19.96 -29.65 5.36
CA LYS A 602 -19.17 -30.85 5.57
C LYS A 602 -18.46 -31.24 4.30
N LEU A 603 -17.41 -32.05 4.47
CA LEU A 603 -16.65 -32.62 3.37
C LEU A 603 -16.65 -34.13 3.53
N ARG A 604 -16.98 -34.82 2.44
CA ARG A 604 -16.99 -36.28 2.45
C ARG A 604 -16.02 -36.80 1.39
N PRO A 605 -15.34 -37.91 1.67
CA PRO A 605 -14.46 -38.50 0.65
C PRO A 605 -15.26 -38.81 -0.62
N GLU A 606 -14.61 -38.60 -1.76
CA GLU A 606 -15.20 -38.84 -3.08
C GLU A 606 -14.16 -39.61 -3.90
N GLY A 607 -14.14 -40.93 -3.76
CA GLY A 607 -13.09 -41.73 -4.38
C GLY A 607 -11.71 -41.44 -3.82
N PHE A 608 -11.61 -40.97 -2.57
CA PHE A 608 -10.31 -40.83 -1.92
C PHE A 608 -9.75 -42.20 -1.54
N PHE A 609 -10.60 -43.08 -1.01
CA PHE A 609 -10.21 -44.42 -0.61
C PHE A 609 -10.53 -45.39 -1.74
N ASP A 610 -9.97 -46.60 -1.63
CA ASP A 610 -10.17 -47.64 -2.63
C ASP A 610 -11.39 -48.48 -2.36
N ARG A 611 -12.07 -48.24 -1.25
CA ARG A 611 -13.31 -48.90 -0.81
C ARG A 611 -13.67 -48.25 0.52
N SER A 612 -14.76 -48.68 1.14
CA SER A 612 -15.14 -48.13 2.42
C SER A 612 -13.95 -48.17 3.38
N PRO A 613 -13.60 -47.05 4.02
CA PRO A 613 -12.48 -47.05 4.97
C PRO A 613 -12.84 -47.55 6.36
N VAL A 614 -14.05 -48.07 6.56
CA VAL A 614 -14.50 -48.51 7.89
C VAL A 614 -14.86 -50.00 7.89
N LEU A 615 -14.24 -50.76 7.00
CA LEU A 615 -14.45 -52.21 7.01
C LEU A 615 -13.79 -52.86 8.21
N ASP A 616 -12.83 -52.20 8.83
CA ASP A 616 -12.08 -52.80 9.92
C ASP A 616 -12.59 -52.38 11.30
N VAL A 617 -13.71 -51.69 11.34
CA VAL A 617 -14.36 -51.34 12.61
C VAL A 617 -15.00 -52.59 13.19
N PRO A 618 -14.78 -52.90 14.46
CA PRO A 618 -15.35 -54.11 15.05
C PRO A 618 -16.77 -53.92 15.56
N ALA A 619 -17.44 -55.05 15.81
CA ALA A 619 -18.77 -55.01 16.41
C ALA A 619 -18.70 -54.55 17.85
N ASN A 620 -19.76 -53.88 18.30
CA ASN A 620 -19.77 -53.20 19.60
C ASN A 620 -19.65 -54.17 20.78
N ALA B 1 -0.56 13.56 10.58
CA ALA B 1 -1.80 14.21 10.16
C ALA B 1 -1.56 15.17 8.99
N SER B 2 -0.30 15.47 8.67
CA SER B 2 -0.01 16.44 7.62
C SER B 2 -0.39 15.89 6.25
N PRO B 3 -1.09 16.66 5.42
CA PRO B 3 -1.39 16.18 4.07
C PRO B 3 -0.18 16.12 3.17
N PHE B 4 0.97 16.67 3.58
CA PHE B 4 2.18 16.65 2.77
C PHE B 4 3.15 15.57 3.21
N ARG B 5 2.72 14.67 4.09
CA ARG B 5 3.60 13.58 4.50
C ARG B 5 3.94 12.70 3.29
N LEU B 6 5.10 12.04 3.37
CA LEU B 6 5.50 11.06 2.37
C LEU B 6 4.47 9.94 2.27
N ALA B 7 4.31 9.40 1.07
CA ALA B 7 3.52 8.18 0.90
C ALA B 7 4.12 7.05 1.74
N SER B 8 3.25 6.27 2.39
CA SER B 8 3.71 5.10 3.13
C SER B 8 3.53 3.82 2.31
N ALA B 9 4.20 2.75 2.75
CA ALA B 9 3.96 1.44 2.15
C ALA B 9 2.49 1.05 2.24
N GLY B 10 1.87 1.28 3.40
CA GLY B 10 0.45 0.98 3.53
C GLY B 10 -0.38 1.65 2.45
N GLU B 11 -0.09 2.93 2.18
CA GLU B 11 -0.83 3.66 1.15
C GLU B 11 -0.64 3.05 -0.22
N ILE B 12 0.60 2.65 -0.55
CA ILE B 12 0.88 2.06 -1.86
C ILE B 12 0.12 0.75 -2.00
N SER B 13 0.18 -0.09 -0.96
CA SER B 13 -0.55 -1.35 -0.97
C SER B 13 -2.03 -1.13 -1.13
N GLU B 14 -2.56 -0.08 -0.52
CA GLU B 14 -3.99 0.15 -0.66
C GLU B 14 -4.34 0.62 -2.06
N VAL B 15 -3.50 1.47 -2.64
CA VAL B 15 -3.66 1.82 -4.05
C VAL B 15 -3.73 0.56 -4.87
N GLN B 16 -2.81 -0.37 -4.61
CA GLN B 16 -2.77 -1.61 -5.37
C GLN B 16 -4.03 -2.43 -5.16
N GLY B 17 -4.54 -2.46 -3.93
CA GLY B 17 -5.77 -3.19 -3.66
C GLY B 17 -6.96 -2.56 -4.34
N ILE B 18 -7.09 -1.25 -4.23
CA ILE B 18 -8.17 -0.51 -4.91
C ILE B 18 -8.16 -0.80 -6.41
N LEU B 19 -6.98 -0.71 -7.04
CA LEU B 19 -6.90 -0.92 -8.49
C LEU B 19 -7.25 -2.35 -8.86
N ARG B 20 -6.80 -3.30 -8.03
CA ARG B 20 -7.09 -4.71 -8.29
C ARG B 20 -8.58 -4.99 -8.21
N THR B 21 -9.23 -4.52 -7.13
CA THR B 21 -10.66 -4.72 -6.93
CA THR B 21 -10.65 -4.77 -6.97
C THR B 21 -11.48 -4.05 -8.02
N ALA B 22 -11.01 -2.90 -8.52
CA ALA B 22 -11.69 -2.20 -9.59
C ALA B 22 -11.46 -2.85 -10.95
N GLY B 23 -10.66 -3.91 -11.03
CA GLY B 23 -10.36 -4.54 -12.29
C GLY B 23 -9.37 -3.80 -13.17
N LEU B 24 -8.54 -2.93 -12.60
CA LEU B 24 -7.61 -2.14 -13.39
C LEU B 24 -6.17 -2.65 -13.32
N LEU B 25 -5.90 -3.71 -12.55
CA LEU B 25 -4.52 -4.14 -12.33
C LEU B 25 -4.39 -5.66 -12.43
N GLY B 26 -4.88 -6.24 -13.53
CA GLY B 26 -4.67 -7.64 -13.79
C GLY B 26 -3.22 -7.93 -14.15
N PRO B 27 -2.95 -9.20 -14.50
CA PRO B 27 -1.56 -9.62 -14.71
C PRO B 27 -0.88 -9.00 -15.93
N GLU B 28 -1.64 -8.50 -16.90
CA GLU B 28 -1.04 -7.86 -18.05
C GLU B 28 -0.75 -6.38 -17.82
N LYS B 29 -1.05 -5.84 -16.63
CA LYS B 29 -0.91 -4.43 -16.36
C LYS B 29 0.41 -4.16 -15.65
N ARG B 30 0.95 -2.98 -15.87
CA ARG B 30 2.15 -2.51 -15.19
C ARG B 30 1.94 -1.05 -14.80
N ILE B 31 2.32 -0.71 -13.57
CA ILE B 31 2.33 0.68 -13.13
C ILE B 31 3.61 1.33 -13.65
N ALA B 32 3.47 2.27 -14.58
CA ALA B 32 4.60 3.04 -15.07
C ALA B 32 4.87 4.30 -14.25
N TYR B 33 3.86 4.83 -13.55
CA TYR B 33 4.08 5.98 -12.67
C TYR B 33 3.04 5.94 -11.57
N LEU B 34 3.49 6.22 -10.35
CA LEU B 34 2.57 6.35 -9.21
C LEU B 34 3.10 7.43 -8.29
N GLY B 35 2.25 8.40 -7.97
CA GLY B 35 2.65 9.49 -7.10
C GLY B 35 1.45 10.08 -6.41
N VAL B 36 1.69 10.66 -5.25
CA VAL B 36 0.62 11.32 -4.51
C VAL B 36 0.35 12.66 -5.16
N LEU B 37 -0.90 13.11 -5.10
CA LEU B 37 -1.25 14.43 -5.65
C LEU B 37 -1.19 15.46 -4.53
N ASP B 38 -0.72 16.66 -4.88
CA ASP B 38 -0.73 17.73 -3.90
C ASP B 38 -2.16 18.12 -3.55
N PRO B 39 -2.40 18.59 -2.33
CA PRO B 39 -3.75 19.07 -1.99
C PRO B 39 -4.15 20.22 -2.90
N ALA B 40 -5.45 20.28 -3.22
CA ALA B 40 -5.97 21.39 -3.99
C ALA B 40 -5.80 22.72 -3.24
N ARG B 41 -5.78 23.81 -3.99
CA ARG B 41 -5.76 25.15 -3.41
C ARG B 41 -6.97 25.33 -2.49
N GLY B 42 -6.71 25.63 -1.23
CA GLY B 42 -7.80 25.70 -0.27
C GLY B 42 -8.15 24.34 0.31
N ALA B 43 -7.15 23.67 0.89
CA ALA B 43 -7.35 22.47 1.69
C ALA B 43 -7.68 22.80 3.13
N GLY B 44 -8.16 24.01 3.40
CA GLY B 44 -8.45 24.48 4.74
C GLY B 44 -9.70 23.86 5.34
N SER B 45 -10.16 22.75 4.74
CA SER B 45 -11.19 21.93 5.34
C SER B 45 -10.64 20.84 6.24
N GLU B 46 -9.37 20.48 6.07
CA GLU B 46 -8.74 19.35 6.75
C GLU B 46 -9.51 18.05 6.55
N ALA B 47 -10.59 18.09 5.77
CA ALA B 47 -11.13 16.88 5.19
C ALA B 47 -10.03 16.29 4.33
N GLU B 48 -9.18 15.47 4.94
CA GLU B 48 -8.02 14.94 4.24
C GLU B 48 -8.45 13.95 3.17
N ASP B 49 -7.94 14.15 1.94
CA ASP B 49 -8.17 13.25 0.83
C ASP B 49 -6.81 12.97 0.20
N ARG B 50 -6.15 11.90 0.63
CA ARG B 50 -4.90 11.48 0.00
C ARG B 50 -5.26 10.83 -1.33
N ARG B 51 -4.92 11.48 -2.43
CA ARG B 51 -5.21 11.01 -3.77
C ARG B 51 -3.91 10.63 -4.46
N PHE B 52 -3.96 9.61 -5.31
CA PHE B 52 -2.76 9.17 -6.04
C PHE B 52 -3.07 9.13 -7.52
N ARG B 53 -2.10 9.53 -8.32
CA ARG B 53 -2.18 9.44 -9.76
C ARG B 53 -1.35 8.25 -10.21
N VAL B 54 -1.90 7.44 -11.13
CA VAL B 54 -1.25 6.23 -11.63
C VAL B 54 -1.32 6.20 -13.15
N PHE B 55 -0.20 5.86 -13.80
CA PHE B 55 -0.18 5.58 -15.23
C PHE B 55 -0.07 4.06 -15.39
N ILE B 56 -1.04 3.44 -16.06
CA ILE B 56 -1.09 1.99 -16.14
C ILE B 56 -0.81 1.57 -17.58
N HIS B 57 0.31 0.88 -17.80
CA HIS B 57 0.69 0.30 -19.08
C HIS B 57 0.10 -1.10 -19.21
N ASP B 58 -0.18 -1.52 -20.45
CA ASP B 58 -0.76 -2.83 -20.76
C ASP B 58 0.20 -3.57 -21.68
N VAL B 59 0.74 -4.70 -21.22
CA VAL B 59 1.78 -5.38 -21.99
C VAL B 59 1.23 -6.17 -23.16
N SER B 60 -0.08 -6.39 -23.21
CA SER B 60 -0.70 -7.08 -24.33
C SER B 60 -1.09 -6.12 -25.45
N GLY B 61 -0.75 -4.84 -25.33
CA GLY B 61 -1.01 -3.88 -26.38
C GLY B 61 -2.31 -3.11 -26.26
N ALA B 62 -3.10 -3.31 -25.21
CA ALA B 62 -4.28 -2.49 -25.07
C ALA B 62 -3.86 -1.06 -24.71
N ARG B 63 -4.81 -0.12 -24.79
CA ARG B 63 -4.44 1.27 -24.54
C ARG B 63 -4.14 1.47 -23.05
N PRO B 64 -3.15 2.28 -22.72
CA PRO B 64 -2.86 2.54 -21.31
C PRO B 64 -3.93 3.44 -20.72
N GLN B 65 -3.83 3.64 -19.41
CA GLN B 65 -4.81 4.42 -18.68
C GLN B 65 -4.11 5.32 -17.68
N GLU B 66 -4.69 6.49 -17.48
CA GLU B 66 -4.37 7.36 -16.35
C GLU B 66 -5.51 7.23 -15.36
N VAL B 67 -5.16 6.92 -14.11
CA VAL B 67 -6.15 6.64 -13.08
C VAL B 67 -5.83 7.50 -11.86
N THR B 68 -6.87 8.09 -11.30
CA THR B 68 -6.76 8.82 -10.04
C THR B 68 -7.53 8.08 -8.95
N VAL B 69 -6.87 7.84 -7.83
CA VAL B 69 -7.39 7.01 -6.76
C VAL B 69 -7.40 7.83 -5.48
N SER B 70 -8.47 7.71 -4.71
CA SER B 70 -8.50 8.24 -3.34
C SER B 70 -8.23 7.09 -2.38
N VAL B 71 -7.07 7.10 -1.72
CA VAL B 71 -6.80 6.04 -0.75
CA VAL B 71 -6.76 6.06 -0.74
C VAL B 71 -7.58 6.27 0.53
N THR B 72 -7.91 7.53 0.84
CA THR B 72 -8.70 7.83 2.04
C THR B 72 -10.07 7.16 1.96
N ASN B 73 -10.71 7.27 0.80
CA ASN B 73 -12.07 6.77 0.59
C ASN B 73 -12.09 5.40 -0.06
N GLY B 74 -10.95 4.89 -0.51
CA GLY B 74 -10.88 3.56 -1.09
C GLY B 74 -11.55 3.43 -2.43
N THR B 75 -11.57 4.49 -3.23
CA THR B 75 -12.32 4.51 -4.47
C THR B 75 -11.44 4.97 -5.62
N VAL B 76 -11.82 4.54 -6.83
CA VAL B 76 -11.26 5.11 -8.05
C VAL B 76 -12.04 6.38 -8.37
N ILE B 77 -11.34 7.49 -8.51
CA ILE B 77 -12.00 8.76 -8.79
C ILE B 77 -12.23 8.93 -10.30
N SER B 78 -11.21 8.65 -11.12
CA SER B 78 -11.35 8.69 -12.57
C SER B 78 -10.37 7.72 -13.22
N ALA B 79 -10.72 7.26 -14.42
CA ALA B 79 -9.90 6.33 -15.19
C ALA B 79 -10.13 6.67 -16.66
N VAL B 80 -9.08 7.09 -17.36
CA VAL B 80 -9.21 7.50 -18.74
C VAL B 80 -8.27 6.67 -19.61
N GLU B 81 -8.80 6.21 -20.73
CA GLU B 81 -7.99 5.58 -21.77
C GLU B 81 -7.20 6.65 -22.50
N LEU B 82 -5.91 6.42 -22.66
CA LEU B 82 -5.03 7.38 -23.34
C LEU B 82 -4.82 6.96 -24.78
N ASP B 83 -4.82 7.95 -25.66
CA ASP B 83 -4.50 7.77 -27.08
C ASP B 83 -3.04 8.20 -27.26
N THR B 84 -2.12 7.25 -27.14
CA THR B 84 -0.71 7.62 -27.09
C THR B 84 -0.21 8.19 -28.40
N ALA B 85 -0.85 7.86 -29.53
CA ALA B 85 -0.47 8.51 -30.79
C ALA B 85 -0.72 10.01 -30.74
N ALA B 86 -1.64 10.44 -29.89
CA ALA B 86 -1.97 11.85 -29.72
C ALA B 86 -1.18 12.51 -28.58
N THR B 87 -1.27 11.96 -27.37
CA THR B 87 -0.78 12.66 -26.20
C THR B 87 0.54 12.12 -25.65
N GLY B 88 1.17 11.15 -26.30
CA GLY B 88 2.46 10.67 -25.89
C GLY B 88 2.40 9.31 -25.20
N GLU B 89 3.55 8.62 -25.19
CA GLU B 89 3.69 7.31 -24.58
C GLU B 89 4.02 7.45 -23.10
N LEU B 90 3.82 6.35 -22.38
CA LEU B 90 4.12 6.32 -20.97
C LEU B 90 5.64 6.25 -20.75
N PRO B 91 6.11 6.58 -19.54
CA PRO B 91 7.55 6.51 -19.27
C PRO B 91 8.12 5.12 -19.50
N VAL B 92 9.42 5.08 -19.76
CA VAL B 92 10.14 3.82 -19.90
C VAL B 92 9.98 3.01 -18.62
N LEU B 93 9.70 1.72 -18.79
CA LEU B 93 9.65 0.81 -17.66
C LEU B 93 11.01 0.22 -17.40
N GLU B 94 11.33 0.02 -16.13
CA GLU B 94 12.59 -0.59 -15.78
C GLU B 94 12.73 -1.97 -16.42
N GLU B 95 11.62 -2.72 -16.54
CA GLU B 95 11.71 -4.07 -17.11
C GLU B 95 11.94 -4.04 -18.61
N GLU B 96 11.79 -2.88 -19.26
CA GLU B 96 12.09 -2.80 -20.68
C GLU B 96 13.58 -2.57 -20.95
N PHE B 97 14.37 -2.24 -19.94
CA PHE B 97 15.80 -1.99 -20.15
C PHE B 97 16.44 -3.17 -20.87
N GLU B 98 16.18 -4.39 -20.39
CA GLU B 98 16.88 -5.56 -20.91
C GLU B 98 16.30 -6.05 -22.22
N VAL B 99 15.08 -5.65 -22.57
CA VAL B 99 14.39 -6.29 -23.68
C VAL B 99 15.07 -5.92 -25.00
N VAL B 100 15.63 -4.72 -25.09
CA VAL B 100 16.30 -4.31 -26.31
C VAL B 100 17.42 -5.28 -26.67
N GLU B 101 18.32 -5.52 -25.70
CA GLU B 101 19.45 -6.40 -25.94
C GLU B 101 19.00 -7.81 -26.30
N GLN B 102 18.02 -8.35 -25.56
CA GLN B 102 17.64 -9.75 -25.78
C GLN B 102 16.89 -9.96 -27.08
N LEU B 103 16.19 -8.96 -27.59
CA LEU B 103 15.56 -9.11 -28.90
C LEU B 103 16.60 -9.06 -30.00
N LEU B 104 17.49 -8.07 -29.93
CA LEU B 104 18.53 -7.93 -30.92
C LEU B 104 19.40 -9.17 -30.99
N ALA B 105 19.57 -9.90 -29.88
CA ALA B 105 20.51 -11.01 -29.85
C ALA B 105 20.10 -12.17 -30.74
N THR B 106 18.84 -12.23 -31.18
CA THR B 106 18.41 -13.26 -32.11
C THR B 106 17.92 -12.69 -33.42
N ASP B 107 18.16 -11.42 -33.69
CA ASP B 107 17.81 -10.82 -34.97
C ASP B 107 18.96 -11.02 -35.95
N GLU B 108 18.64 -11.57 -37.13
N GLU B 108 18.63 -11.56 -37.13
CA GLU B 108 19.68 -11.92 -38.10
CA GLU B 108 19.66 -11.92 -38.11
C GLU B 108 20.43 -10.69 -38.61
C GLU B 108 20.42 -10.70 -38.62
N ARG B 109 19.73 -9.55 -38.76
CA ARG B 109 20.43 -8.35 -39.20
C ARG B 109 21.45 -7.88 -38.16
N TRP B 110 21.07 -7.95 -36.88
CA TRP B 110 21.98 -7.55 -35.81
C TRP B 110 23.21 -8.45 -35.77
N LEU B 111 23.00 -9.77 -35.86
CA LEU B 111 24.09 -10.73 -35.84
C LEU B 111 25.04 -10.56 -37.02
N LYS B 112 24.48 -10.28 -38.21
CA LYS B 112 25.31 -10.01 -39.38
C LYS B 112 26.23 -8.82 -39.14
N ALA B 113 25.68 -7.75 -38.56
CA ALA B 113 26.49 -6.57 -38.27
C ALA B 113 27.57 -6.88 -37.23
N LEU B 114 27.23 -7.63 -36.18
CA LEU B 114 28.26 -8.01 -35.21
C LEU B 114 29.29 -8.94 -35.84
N ALA B 115 28.87 -9.85 -36.71
CA ALA B 115 29.82 -10.77 -37.34
C ALA B 115 30.82 -10.00 -38.20
N ALA B 116 30.35 -8.96 -38.91
CA ALA B 116 31.27 -8.16 -39.72
C ALA B 116 32.35 -7.50 -38.89
N ARG B 117 32.11 -7.33 -37.60
CA ARG B 117 33.02 -6.65 -36.71
C ARG B 117 33.77 -7.63 -35.83
N ASN B 118 33.57 -8.93 -36.03
CA ASN B 118 34.23 -9.98 -35.25
C ASN B 118 33.90 -9.85 -33.76
N LEU B 119 32.65 -9.49 -33.46
CA LEU B 119 32.21 -9.27 -32.09
C LEU B 119 31.33 -10.43 -31.64
N ASP B 120 31.59 -10.92 -30.42
CA ASP B 120 30.75 -11.95 -29.82
C ASP B 120 29.49 -11.32 -29.21
N VAL B 121 28.33 -11.76 -29.70
CA VAL B 121 27.04 -11.21 -29.28
C VAL B 121 26.87 -11.29 -27.77
N SER B 122 27.47 -12.30 -27.13
CA SER B 122 27.36 -12.45 -25.69
C SER B 122 28.12 -11.37 -24.92
N LYS B 123 29.01 -10.63 -25.59
N LYS B 123 29.02 -10.62 -25.58
CA LYS B 123 29.76 -9.54 -24.97
CA LYS B 123 29.75 -9.53 -24.95
C LYS B 123 29.23 -8.16 -25.36
C LYS B 123 29.15 -8.16 -25.25
N VAL B 124 28.10 -8.09 -26.07
CA VAL B 124 27.60 -6.83 -26.58
C VAL B 124 26.41 -6.39 -25.73
N ARG B 125 26.61 -5.30 -24.98
CA ARG B 125 25.53 -4.66 -24.23
C ARG B 125 24.83 -3.65 -25.13
N VAL B 126 23.51 -3.55 -25.00
CA VAL B 126 22.73 -2.59 -25.76
C VAL B 126 22.00 -1.66 -24.80
N ALA B 127 22.21 -0.36 -24.99
CA ALA B 127 21.61 0.64 -24.10
C ALA B 127 20.18 0.90 -24.52
N PRO B 128 19.23 0.87 -23.58
CA PRO B 128 17.83 1.14 -23.93
C PRO B 128 17.54 2.64 -23.93
N LEU B 129 17.53 3.23 -25.11
CA LEU B 129 17.55 4.67 -25.26
C LEU B 129 16.21 5.16 -25.80
N SER B 130 15.72 6.28 -25.27
CA SER B 130 14.42 6.80 -25.70
C SER B 130 14.49 7.25 -27.16
N ALA B 131 13.35 7.18 -27.82
CA ALA B 131 13.32 7.23 -29.27
C ALA B 131 13.09 8.62 -29.82
N GLY B 132 12.37 9.47 -29.10
CA GLY B 132 11.99 10.73 -29.73
C GLY B 132 11.01 10.51 -30.88
N VAL B 133 10.85 11.56 -31.68
CA VAL B 133 9.94 11.55 -32.82
C VAL B 133 10.67 12.14 -34.00
N PHE B 134 10.90 11.32 -35.03
CA PHE B 134 11.62 11.76 -36.22
C PHE B 134 10.85 11.33 -37.46
N GLU B 135 11.53 10.85 -38.49
CA GLU B 135 10.91 10.68 -39.80
C GLU B 135 10.15 9.37 -39.98
N TYR B 136 10.15 8.50 -38.97
CA TYR B 136 9.67 7.12 -39.16
C TYR B 136 8.18 7.04 -38.86
N ALA B 137 7.37 7.14 -39.94
CA ALA B 137 5.92 7.11 -39.81
C ALA B 137 5.42 5.89 -39.07
N GLU B 138 6.10 4.75 -39.20
CA GLU B 138 5.62 3.53 -38.60
C GLU B 138 5.78 3.51 -37.08
N GLU B 139 6.38 4.52 -36.45
CA GLU B 139 6.54 4.51 -35.00
C GLU B 139 5.38 5.18 -34.28
N ARG B 140 4.51 5.88 -35.00
CA ARG B 140 3.43 6.61 -34.35
C ARG B 140 2.43 5.64 -33.73
N GLY B 141 2.22 5.78 -32.42
CA GLY B 141 1.37 4.88 -31.69
C GLY B 141 2.06 3.68 -31.11
N ARG B 142 3.29 3.39 -31.53
CA ARG B 142 4.03 2.28 -30.95
C ARG B 142 5.07 2.76 -29.96
N ARG B 143 5.34 1.89 -29.02
CA ARG B 143 6.28 2.09 -27.93
C ARG B 143 7.64 1.60 -28.43
N ILE B 144 8.51 2.54 -28.81
CA ILE B 144 9.78 2.24 -29.44
C ILE B 144 10.91 2.58 -28.48
N LEU B 145 11.94 1.73 -28.47
CA LEU B 145 13.24 2.09 -27.91
C LEU B 145 14.31 1.91 -28.99
N ARG B 146 15.36 2.73 -28.93
CA ARG B 146 16.48 2.56 -29.83
C ARG B 146 17.67 2.02 -29.05
N GLY B 147 18.54 1.30 -29.74
CA GLY B 147 19.65 0.67 -29.05
C GLY B 147 20.98 1.00 -29.67
N LEU B 148 21.95 1.37 -28.84
CA LEU B 148 23.33 1.51 -29.26
C LEU B 148 24.16 0.51 -28.48
N ALA B 149 25.19 -0.06 -29.12
CA ALA B 149 25.90 -1.20 -28.56
C ALA B 149 27.25 -0.79 -27.98
N PHE B 150 27.68 -1.52 -26.95
CA PHE B 150 28.95 -1.33 -26.27
C PHE B 150 29.47 -2.71 -25.90
N VAL B 151 30.77 -2.92 -26.00
CA VAL B 151 31.36 -4.23 -25.72
C VAL B 151 31.85 -4.26 -24.29
N GLN B 152 31.50 -5.32 -23.57
CA GLN B 152 32.10 -5.61 -22.26
C GLN B 152 33.07 -6.77 -22.47
N ASP B 153 34.37 -6.51 -22.29
CA ASP B 153 35.35 -7.58 -22.48
C ASP B 153 35.19 -8.68 -21.45
N PHE B 154 34.68 -8.34 -20.27
CA PHE B 154 34.44 -9.30 -19.21
C PHE B 154 33.41 -8.67 -18.28
N PRO B 155 32.79 -9.44 -17.38
CA PRO B 155 31.59 -8.93 -16.70
C PRO B 155 31.80 -7.67 -15.86
N GLU B 156 33.02 -7.37 -15.40
CA GLU B 156 33.29 -6.17 -14.62
C GLU B 156 33.92 -5.07 -15.47
N ASP B 157 34.00 -5.26 -16.77
CA ASP B 157 34.51 -4.25 -17.68
C ASP B 157 33.52 -3.10 -17.83
N SER B 158 34.06 -1.89 -17.99
CA SER B 158 33.26 -0.71 -18.30
C SER B 158 32.97 -0.68 -19.79
N ALA B 159 31.73 -0.98 -20.15
CA ALA B 159 31.37 -1.10 -21.57
C ALA B 159 31.52 0.23 -22.29
N TRP B 160 31.38 1.34 -21.55
CA TRP B 160 31.42 2.68 -22.13
C TRP B 160 32.72 2.94 -22.86
N ALA B 161 33.79 2.21 -22.50
CA ALA B 161 35.07 2.39 -23.19
C ALA B 161 35.08 1.77 -24.58
N HIS B 162 34.11 0.93 -24.92
CA HIS B 162 34.13 0.16 -26.16
C HIS B 162 32.84 0.36 -26.95
N PRO B 163 32.54 1.59 -27.36
CA PRO B 163 31.33 1.82 -28.18
C PRO B 163 31.47 1.15 -29.53
N VAL B 164 30.35 0.65 -30.06
CA VAL B 164 30.31 0.06 -31.39
C VAL B 164 29.66 1.09 -32.31
N ASP B 165 30.47 1.89 -33.00
CA ASP B 165 29.90 2.98 -33.78
C ASP B 165 29.41 2.47 -35.14
N GLY B 166 28.59 3.28 -35.78
CA GLY B 166 28.08 2.94 -37.09
C GLY B 166 26.89 2.00 -37.10
N LEU B 167 26.34 1.70 -35.93
CA LEU B 167 25.27 0.70 -35.83
C LEU B 167 24.22 1.17 -34.84
N VAL B 168 22.96 1.14 -35.26
CA VAL B 168 21.85 1.45 -34.36
C VAL B 168 20.67 0.59 -34.78
N ALA B 169 19.85 0.18 -33.80
CA ALA B 169 18.65 -0.59 -34.04
C ALA B 169 17.48 0.05 -33.32
N TYR B 170 16.28 -0.17 -33.86
CA TYR B 170 15.04 0.34 -33.28
C TYR B 170 14.19 -0.87 -32.95
N VAL B 171 13.59 -0.90 -31.76
CA VAL B 171 12.85 -2.06 -31.30
CA VAL B 171 12.87 -2.06 -31.26
C VAL B 171 11.47 -1.62 -30.84
N ASP B 172 10.45 -2.35 -31.28
CA ASP B 172 9.10 -2.22 -30.77
C ASP B 172 9.00 -3.14 -29.57
N VAL B 173 8.86 -2.55 -28.39
CA VAL B 173 9.06 -3.28 -27.14
C VAL B 173 7.79 -3.96 -26.63
N VAL B 174 6.64 -3.73 -27.26
CA VAL B 174 5.41 -4.39 -26.84
C VAL B 174 5.13 -5.62 -27.69
N SER B 175 5.14 -5.44 -29.02
CA SER B 175 5.03 -6.56 -29.92
C SER B 175 6.34 -7.33 -30.07
N LYS B 176 7.45 -6.79 -29.53
CA LYS B 176 8.75 -7.48 -29.54
C LYS B 176 9.20 -7.77 -30.98
N GLU B 177 9.36 -6.71 -31.75
CA GLU B 177 9.91 -6.78 -33.10
C GLU B 177 11.04 -5.79 -33.24
N VAL B 178 12.10 -6.20 -33.92
CA VAL B 178 13.14 -5.28 -34.33
C VAL B 178 12.63 -4.62 -35.61
N THR B 179 12.33 -3.31 -35.54
CA THR B 179 11.77 -2.65 -36.72
C THR B 179 12.86 -2.31 -37.74
N ARG B 180 14.03 -1.86 -37.29
CA ARG B 180 15.08 -1.49 -38.22
C ARG B 180 16.43 -1.76 -37.59
N VAL B 181 17.38 -2.13 -38.44
CA VAL B 181 18.79 -2.20 -38.08
C VAL B 181 19.56 -1.41 -39.11
N ILE B 182 20.22 -0.35 -38.68
CA ILE B 182 20.94 0.57 -39.55
C ILE B 182 22.41 0.33 -39.32
N ASP B 183 23.15 0.09 -40.40
CA ASP B 183 24.60 -0.14 -40.34
C ASP B 183 25.23 0.79 -41.36
N THR B 184 25.77 1.92 -40.91
CA THR B 184 26.38 2.90 -41.79
C THR B 184 27.84 2.58 -42.11
N GLY B 185 28.44 1.61 -41.44
CA GLY B 185 29.81 1.26 -41.75
C GLY B 185 30.59 0.87 -40.52
N VAL B 186 31.73 0.23 -40.72
CA VAL B 186 32.55 -0.29 -39.62
C VAL B 186 33.47 0.80 -39.11
N PHE B 187 33.47 0.99 -37.78
CA PHE B 187 34.47 1.76 -37.08
C PHE B 187 35.24 0.84 -36.15
N PRO B 188 36.54 1.04 -35.98
CA PRO B 188 37.25 0.27 -34.94
C PRO B 188 36.58 0.48 -33.60
N VAL B 189 36.47 -0.60 -32.82
CA VAL B 189 35.95 -0.50 -31.46
C VAL B 189 37.15 -0.10 -30.61
N PRO B 190 37.10 1.05 -29.92
CA PRO B 190 38.22 1.47 -29.06
C PRO B 190 38.60 0.36 -28.10
N ALA B 191 39.91 0.18 -27.91
CA ALA B 191 40.43 -1.01 -27.25
C ALA B 191 40.90 -0.79 -25.83
N GLU B 192 41.43 0.40 -25.50
CA GLU B 192 41.80 0.72 -24.12
C GLU B 192 40.62 0.52 -23.18
N HIS B 193 40.88 -0.04 -22.01
CA HIS B 193 39.80 -0.14 -21.03
C HIS B 193 39.65 1.19 -20.29
N GLY B 194 38.52 1.32 -19.58
CA GLY B 194 38.20 2.50 -18.80
C GLY B 194 37.83 2.09 -17.39
N ASN B 195 38.52 1.07 -16.87
CA ASN B 195 38.22 0.54 -15.55
C ASN B 195 38.96 1.37 -14.50
N TYR B 196 38.22 2.28 -13.84
CA TYR B 196 38.80 3.23 -12.89
C TYR B 196 39.06 2.59 -11.53
N THR B 197 38.77 1.30 -11.36
CA THR B 197 39.21 0.59 -10.15
C THR B 197 40.36 -0.36 -10.41
N ASP B 198 40.85 -0.46 -11.63
CA ASP B 198 41.95 -1.35 -11.96
C ASP B 198 43.27 -0.74 -11.50
N PRO B 199 44.03 -1.38 -10.62
CA PRO B 199 45.30 -0.80 -10.15
C PRO B 199 46.25 -0.46 -11.29
N GLU B 200 46.27 -1.25 -12.35
CA GLU B 200 47.03 -0.92 -13.55
C GLU B 200 46.71 0.47 -14.09
N LEU B 201 45.45 0.92 -13.97
CA LEU B 201 45.09 2.25 -14.45
C LEU B 201 45.23 3.33 -13.37
N THR B 202 44.89 3.03 -12.12
CA THR B 202 44.96 4.05 -11.10
C THR B 202 46.37 4.27 -10.57
N GLY B 203 47.24 3.28 -10.68
CA GLY B 203 48.49 3.31 -9.97
C GLY B 203 48.23 3.04 -8.51
N PRO B 204 49.27 3.13 -7.68
CA PRO B 204 49.08 2.98 -6.24
C PRO B 204 48.20 4.11 -5.72
N LEU B 205 47.36 3.78 -4.75
CA LEU B 205 46.46 4.79 -4.19
C LEU B 205 47.25 5.77 -3.32
N ARG B 206 46.81 7.03 -3.31
CA ARG B 206 47.43 8.02 -2.43
C ARG B 206 47.35 7.60 -0.98
N THR B 207 48.45 7.78 -0.27
CA THR B 207 48.47 7.63 1.17
C THR B 207 48.53 8.99 1.88
N THR B 208 48.38 10.09 1.14
CA THR B 208 48.68 11.40 1.69
C THR B 208 47.49 12.08 2.33
N GLN B 209 46.28 11.63 2.03
CA GLN B 209 45.08 12.25 2.56
C GLN B 209 44.82 11.76 3.96
N LYS B 210 44.71 12.66 4.90
CA LYS B 210 44.32 12.20 6.21
C LYS B 210 42.98 12.77 6.65
N PRO B 211 42.35 12.16 7.65
CA PRO B 211 40.90 12.31 7.76
C PRO B 211 40.46 13.70 8.18
N ILE B 212 39.27 14.04 7.73
CA ILE B 212 38.54 15.21 8.18
C ILE B 212 37.32 14.69 8.92
N SER B 213 37.20 15.05 10.18
CA SER B 213 36.12 14.58 11.04
C SER B 213 35.14 15.72 11.27
N ILE B 214 33.89 15.52 10.85
CA ILE B 214 32.84 16.50 11.05
C ILE B 214 31.80 15.87 11.95
N THR B 215 31.62 16.45 13.13
CA THR B 215 30.73 15.88 14.12
C THR B 215 29.89 17.00 14.73
N GLN B 216 28.75 16.61 15.29
CA GLN B 216 27.90 17.53 16.03
C GLN B 216 27.69 16.95 17.42
N PRO B 217 28.46 17.40 18.41
CA PRO B 217 28.45 16.73 19.72
C PRO B 217 27.10 16.73 20.40
N GLU B 218 26.30 17.79 20.25
CA GLU B 218 24.96 17.80 20.82
C GLU B 218 23.87 17.51 19.78
N GLY B 219 24.20 16.85 18.67
CA GLY B 219 23.22 16.57 17.65
C GLY B 219 22.99 17.77 16.75
N PRO B 220 22.15 17.61 15.73
CA PRO B 220 21.97 18.66 14.73
C PRO B 220 20.95 19.70 15.19
N SER B 221 20.98 20.87 14.55
CA SER B 221 20.15 21.99 14.97
C SER B 221 18.74 21.97 14.39
N PHE B 222 18.44 21.05 13.49
CA PHE B 222 17.11 20.97 12.90
C PHE B 222 16.33 19.85 13.55
N THR B 223 15.02 19.96 13.51
CA THR B 223 14.13 18.92 13.99
C THR B 223 13.30 18.38 12.84
N VAL B 224 13.01 17.09 12.90
CA VAL B 224 12.15 16.42 11.92
C VAL B 224 10.95 15.86 12.69
N THR B 225 9.75 16.31 12.34
CA THR B 225 8.52 15.81 12.92
C THR B 225 7.57 15.39 11.81
N GLY B 226 6.66 14.49 12.16
CA GLY B 226 5.72 13.98 11.18
C GLY B 226 6.37 13.30 10.00
N GLY B 227 7.58 12.76 10.18
CA GLY B 227 8.25 12.03 9.11
C GLY B 227 9.04 12.90 8.15
N ASN B 228 8.53 14.08 7.81
CA ASN B 228 9.21 14.86 6.79
C ASN B 228 9.06 16.37 6.97
N HIS B 229 8.66 16.86 8.14
CA HIS B 229 8.55 18.30 8.38
C HIS B 229 9.83 18.78 9.06
N ILE B 230 10.49 19.76 8.44
CA ILE B 230 11.77 20.28 8.90
C ILE B 230 11.58 21.67 9.48
N GLU B 231 12.17 21.91 10.65
CA GLU B 231 12.33 23.24 11.21
C GLU B 231 13.81 23.47 11.46
N TRP B 232 14.36 24.56 10.91
CA TRP B 232 15.79 24.81 11.04
C TRP B 232 16.06 26.29 10.93
N GLU B 233 16.54 26.89 12.02
CA GLU B 233 17.04 28.26 12.00
C GLU B 233 16.05 29.21 11.32
N LYS B 234 14.80 29.14 11.76
CA LYS B 234 13.64 29.94 11.39
C LYS B 234 13.00 29.44 10.10
N TRP B 235 13.61 28.50 9.40
CA TRP B 235 13.01 27.94 8.19
C TRP B 235 12.04 26.83 8.57
N SER B 236 10.98 26.70 7.76
CA SER B 236 10.03 25.61 7.89
C SER B 236 9.68 25.11 6.50
N LEU B 237 9.64 23.79 6.33
CA LEU B 237 9.28 23.20 5.04
C LEU B 237 8.98 21.72 5.22
N ASP B 238 8.36 21.14 4.21
CA ASP B 238 8.14 19.70 4.14
C ASP B 238 8.91 19.13 2.97
N VAL B 239 9.53 17.98 3.18
CA VAL B 239 10.34 17.33 2.16
C VAL B 239 9.51 16.22 1.52
N GLY B 240 9.08 16.43 0.29
CA GLY B 240 8.35 15.43 -0.46
C GLY B 240 9.25 14.61 -1.36
N PHE B 241 8.71 13.51 -1.88
CA PHE B 241 9.45 12.71 -2.84
C PHE B 241 8.49 12.11 -3.86
N ASP B 242 8.83 12.25 -5.12
CA ASP B 242 7.99 11.82 -6.22
C ASP B 242 8.87 11.02 -7.17
N VAL B 243 8.35 9.90 -7.65
CA VAL B 243 9.19 9.01 -8.44
C VAL B 243 9.64 9.65 -9.75
N ARG B 244 8.89 10.63 -10.25
CA ARG B 244 9.30 11.33 -11.46
C ARG B 244 10.29 12.44 -11.15
N GLU B 245 9.93 13.36 -10.25
CA GLU B 245 10.74 14.56 -10.03
C GLU B 245 11.87 14.35 -9.03
N GLY B 246 11.78 13.37 -8.16
CA GLY B 246 12.75 13.25 -7.09
C GLY B 246 12.32 14.05 -5.88
N VAL B 247 13.30 14.63 -5.18
CA VAL B 247 13.00 15.42 -4.00
C VAL B 247 12.18 16.64 -4.40
N VAL B 248 11.09 16.88 -3.69
CA VAL B 248 10.23 18.04 -3.87
C VAL B 248 10.16 18.78 -2.55
N LEU B 249 10.27 20.11 -2.58
CA LEU B 249 10.14 20.90 -1.37
C LEU B 249 8.78 21.60 -1.36
N HIS B 250 8.06 21.45 -0.25
CA HIS B 250 6.75 22.07 -0.08
C HIS B 250 6.78 23.08 1.07
N ASN B 251 5.97 24.12 0.95
CA ASN B 251 5.69 25.03 2.06
C ASN B 251 6.96 25.62 2.67
N ILE B 252 7.85 26.10 1.81
CA ILE B 252 9.03 26.78 2.32
C ILE B 252 8.59 28.10 2.95
N ALA B 253 8.84 28.27 4.24
CA ALA B 253 8.42 29.47 4.94
C ALA B 253 9.52 29.86 5.91
N PHE B 254 9.46 31.12 6.36
CA PHE B 254 10.48 31.67 7.25
C PHE B 254 9.79 32.36 8.40
N ARG B 255 10.18 32.02 9.62
N ARG B 255 10.16 32.02 9.63
CA ARG B 255 9.61 32.60 10.83
CA ARG B 255 9.53 32.60 10.81
C ARG B 255 10.29 33.93 11.11
C ARG B 255 10.24 33.91 11.15
N ASP B 256 9.58 35.02 10.87
CA ASP B 256 10.12 36.37 11.03
C ASP B 256 9.40 36.94 12.26
N GLY B 257 10.07 36.89 13.40
CA GLY B 257 9.39 37.25 14.65
C GLY B 257 8.34 36.20 14.99
N ASP B 258 7.12 36.64 15.23
CA ASP B 258 6.07 35.72 15.63
C ASP B 258 5.31 35.17 14.43
N ARG B 259 5.69 35.54 13.22
CA ARG B 259 4.85 35.36 12.05
C ARG B 259 5.54 34.41 11.08
N LEU B 260 4.81 33.39 10.65
CA LEU B 260 5.32 32.39 9.72
C LEU B 260 5.06 32.88 8.30
N ARG B 261 6.11 33.24 7.58
CA ARG B 261 5.90 33.90 6.29
C ARG B 261 6.19 32.94 5.14
N PRO B 262 5.23 32.69 4.26
CA PRO B 262 5.48 31.82 3.12
C PRO B 262 6.44 32.46 2.14
N ILE B 263 7.18 31.62 1.43
CA ILE B 263 8.10 32.07 0.40
C ILE B 263 7.84 31.29 -0.88
N ILE B 264 7.95 29.96 -0.82
CA ILE B 264 7.73 29.12 -2.00
C ILE B 264 6.75 28.02 -1.63
N ASN B 265 5.72 27.85 -2.44
CA ASN B 265 4.71 26.84 -2.15
C ASN B 265 5.22 25.45 -2.53
N ARG B 266 5.91 25.34 -3.67
CA ARG B 266 6.42 24.06 -4.14
C ARG B 266 7.63 24.29 -5.03
N ALA B 267 8.72 23.58 -4.74
CA ALA B 267 9.95 23.69 -5.51
C ALA B 267 10.36 22.30 -6.00
N SER B 268 10.57 22.17 -7.31
CA SER B 268 11.05 20.91 -7.84
C SER B 268 11.86 21.17 -9.10
N ILE B 269 12.63 20.16 -9.50
CA ILE B 269 13.22 20.10 -10.83
C ILE B 269 12.23 19.30 -11.68
N ALA B 270 11.50 19.98 -12.55
CA ALA B 270 10.35 19.39 -13.17
C ALA B 270 10.67 18.70 -14.48
N GLU B 271 11.88 18.87 -14.99
CA GLU B 271 12.29 18.20 -16.21
C GLU B 271 13.80 18.36 -16.31
N MET B 272 14.45 17.42 -16.98
CA MET B 272 15.84 17.63 -17.36
C MET B 272 16.10 16.87 -18.65
N VAL B 273 16.79 17.54 -19.57
CA VAL B 273 16.98 17.01 -20.91
C VAL B 273 18.46 17.05 -21.23
N VAL B 274 18.94 16.02 -21.93
CA VAL B 274 20.33 15.90 -22.39
C VAL B 274 20.31 15.74 -23.90
N PRO B 275 20.38 16.84 -24.64
CA PRO B 275 20.45 16.77 -26.11
C PRO B 275 21.90 16.62 -26.57
N TYR B 276 22.10 15.79 -27.59
CA TYR B 276 23.41 15.53 -28.17
C TYR B 276 23.56 16.29 -29.48
N GLY B 277 24.77 16.81 -29.71
CA GLY B 277 25.01 17.68 -30.84
C GLY B 277 25.87 17.08 -31.94
N ASP B 278 25.85 15.75 -32.04
CA ASP B 278 26.60 15.01 -33.07
C ASP B 278 25.64 14.73 -34.22
N PRO B 279 25.92 15.22 -35.43
CA PRO B 279 24.98 15.04 -36.54
C PRO B 279 25.06 13.67 -37.21
N SER B 280 25.85 12.74 -36.71
CA SER B 280 25.85 11.39 -37.27
C SER B 280 24.46 10.77 -37.16
N PRO B 281 23.95 10.13 -38.22
CA PRO B 281 22.65 9.43 -38.11
C PRO B 281 22.61 8.37 -37.01
N ILE B 282 23.76 7.90 -36.54
CA ILE B 282 23.77 6.94 -35.45
C ILE B 282 23.28 7.58 -34.15
N ARG B 283 23.45 8.88 -33.99
CA ARG B 283 23.15 9.51 -32.71
C ARG B 283 22.39 10.83 -32.82
N SER B 284 22.04 11.28 -34.02
CA SER B 284 21.40 12.61 -34.12
C SER B 284 19.98 12.62 -33.57
N TRP B 285 19.40 11.46 -33.25
CA TRP B 285 18.08 11.38 -32.65
C TRP B 285 18.15 11.45 -31.14
N GLN B 286 19.34 11.51 -30.59
CA GLN B 286 19.58 11.21 -29.19
C GLN B 286 19.30 12.46 -28.32
N ASN B 287 18.22 12.39 -27.55
CA ASN B 287 17.90 13.40 -26.53
C ASN B 287 17.20 12.66 -25.40
N TYR B 288 17.76 12.63 -24.20
CA TYR B 288 17.16 11.89 -23.10
CA TYR B 288 17.08 11.90 -23.15
C TYR B 288 16.53 12.87 -22.12
N PHE B 289 15.22 12.70 -21.87
CA PHE B 289 14.54 13.44 -20.83
C PHE B 289 14.63 12.53 -19.61
N ASP B 290 15.67 12.74 -18.81
CA ASP B 290 15.90 11.83 -17.69
C ASP B 290 14.73 11.86 -16.73
N THR B 291 14.17 13.06 -16.50
CA THR B 291 13.03 13.17 -15.59
C THR B 291 11.76 12.65 -16.26
N GLY B 292 11.41 13.19 -17.43
CA GLY B 292 10.11 12.91 -18.00
C GLY B 292 9.98 11.53 -18.62
N GLU B 293 11.07 10.99 -19.15
CA GLU B 293 11.02 9.69 -19.82
C GLU B 293 11.43 8.55 -18.92
N TYR B 294 12.46 8.73 -18.10
CA TYR B 294 12.96 7.62 -17.30
C TYR B 294 12.51 7.66 -15.84
N LEU B 295 12.14 8.85 -15.33
CA LEU B 295 11.73 9.09 -13.94
C LEU B 295 12.94 9.01 -13.00
N VAL B 296 13.50 10.15 -12.60
CA VAL B 296 14.79 10.12 -11.91
C VAL B 296 14.64 9.65 -10.47
N GLY B 297 13.48 9.86 -9.86
CA GLY B 297 13.28 9.40 -8.50
C GLY B 297 13.36 7.89 -8.36
N GLN B 298 12.93 7.15 -9.39
CA GLN B 298 12.98 5.71 -9.18
C GLN B 298 14.40 5.15 -9.28
N TYR B 299 15.37 5.95 -9.70
CA TYR B 299 16.75 5.47 -9.77
C TYR B 299 17.63 6.07 -8.70
N ALA B 300 17.03 6.67 -7.66
CA ALA B 300 17.79 7.26 -6.58
C ALA B 300 18.65 6.20 -5.90
N ASN B 301 19.90 6.57 -5.61
CA ASN B 301 20.83 5.68 -4.93
C ASN B 301 20.50 5.61 -3.44
N SER B 302 20.86 4.50 -2.82
CA SER B 302 21.01 4.51 -1.35
C SER B 302 22.33 5.18 -1.03
N LEU B 303 22.30 6.15 -0.10
CA LEU B 303 23.46 7.00 0.15
C LEU B 303 24.17 6.53 1.40
N GLU B 304 25.48 6.31 1.28
CA GLU B 304 26.27 5.64 2.30
C GLU B 304 26.90 6.66 3.24
N LEU B 305 26.73 6.45 4.55
CA LEU B 305 27.30 7.37 5.53
C LEU B 305 28.82 7.41 5.42
N GLY B 306 29.37 8.63 5.50
CA GLY B 306 30.79 8.84 5.41
C GLY B 306 31.36 8.82 4.01
N CYS B 307 30.58 8.37 3.03
CA CYS B 307 31.02 8.38 1.64
C CYS B 307 30.21 9.38 0.82
N ASP B 308 28.90 9.15 0.70
CA ASP B 308 28.03 10.07 -0.02
C ASP B 308 27.64 11.27 0.83
N CYS B 309 27.39 11.08 2.11
CA CYS B 309 27.00 12.15 3.03
C CYS B 309 27.88 12.06 4.27
N LEU B 310 28.54 13.17 4.58
CA LEU B 310 29.55 13.23 5.63
C LEU B 310 29.08 14.20 6.71
N GLY B 311 29.20 13.79 7.97
CA GLY B 311 28.77 14.61 9.07
C GLY B 311 27.69 13.94 9.88
N ASP B 312 26.89 14.72 10.59
CA ASP B 312 25.76 14.19 11.37
C ASP B 312 24.55 14.15 10.45
N ILE B 313 24.25 12.96 9.91
CA ILE B 313 23.29 12.84 8.80
C ILE B 313 21.96 12.28 9.30
N THR B 314 20.88 12.95 8.91
CA THR B 314 19.53 12.42 9.05
C THR B 314 19.01 11.99 7.68
N TYR B 315 18.52 10.77 7.60
CA TYR B 315 18.08 10.15 6.36
C TYR B 315 16.56 10.08 6.29
N LEU B 316 16.05 10.19 5.07
CA LEU B 316 14.70 9.77 4.75
C LEU B 316 14.78 8.60 3.78
N SER B 317 13.88 7.63 3.93
CA SER B 317 13.80 6.47 3.05
C SER B 317 12.46 6.51 2.35
N PRO B 318 12.37 7.16 1.20
CA PRO B 318 11.06 7.29 0.53
C PRO B 318 10.58 5.95 0.01
N VAL B 319 9.25 5.85 -0.11
CA VAL B 319 8.61 4.64 -0.60
C VAL B 319 8.00 4.94 -1.95
N ILE B 320 8.25 4.07 -2.92
CA ILE B 320 7.64 4.17 -4.24
C ILE B 320 7.02 2.84 -4.59
N SER B 321 6.31 2.81 -5.71
CA SER B 321 5.66 1.59 -6.18
C SER B 321 6.57 0.93 -7.21
N ASP B 322 6.64 -0.40 -7.18
CA ASP B 322 7.24 -1.10 -8.31
C ASP B 322 6.18 -1.25 -9.39
N ALA B 323 6.51 -1.98 -10.46
CA ALA B 323 5.64 -2.06 -11.62
C ALA B 323 4.36 -2.84 -11.36
N PHE B 324 4.24 -3.53 -10.22
CA PHE B 324 3.05 -4.32 -9.89
C PHE B 324 2.26 -3.72 -8.73
N GLY B 325 2.65 -2.54 -8.26
CA GLY B 325 1.98 -1.95 -7.13
C GLY B 325 2.49 -2.38 -5.77
N ASN B 326 3.60 -3.11 -5.73
CA ASN B 326 4.14 -3.42 -4.40
C ASN B 326 5.03 -2.26 -3.92
N PRO B 327 4.97 -1.93 -2.62
CA PRO B 327 5.85 -0.88 -2.09
C PRO B 327 7.31 -1.30 -2.10
N ARG B 328 8.17 -0.40 -2.52
CA ARG B 328 9.61 -0.60 -2.38
C ARG B 328 10.25 0.63 -1.74
N GLU B 329 11.01 0.39 -0.68
CA GLU B 329 11.77 1.41 0.03
C GLU B 329 13.05 1.75 -0.71
N ILE B 330 13.33 3.04 -0.81
CA ILE B 330 14.65 3.49 -1.22
C ILE B 330 15.36 3.84 0.09
N ARG B 331 16.07 2.86 0.65
CA ARG B 331 16.75 3.05 1.91
CA ARG B 331 16.76 3.03 1.91
C ARG B 331 17.79 4.16 1.81
N ASN B 332 17.76 5.08 2.77
CA ASN B 332 18.72 6.18 2.84
C ASN B 332 18.82 6.94 1.51
N GLY B 333 17.65 7.17 0.90
CA GLY B 333 17.61 7.84 -0.39
C GLY B 333 17.79 9.34 -0.32
N ILE B 334 17.50 9.94 0.83
CA ILE B 334 17.59 11.38 1.01
C ILE B 334 18.45 11.64 2.23
N CYS B 335 19.49 12.46 2.07
CA CYS B 335 20.36 12.91 3.15
CA CYS B 335 20.21 12.85 3.26
C CYS B 335 20.03 14.34 3.51
N MET B 336 20.12 14.68 4.79
CA MET B 336 19.69 15.96 5.32
C MET B 336 20.77 16.30 6.32
N HIS B 337 21.40 17.47 6.22
CA HIS B 337 22.34 17.83 7.27
C HIS B 337 22.62 19.32 7.17
N GLU B 338 23.17 19.87 8.25
CA GLU B 338 23.64 21.25 8.17
C GLU B 338 25.15 21.27 8.01
N GLU B 339 25.66 22.36 7.44
CA GLU B 339 27.06 22.50 7.07
C GLU B 339 27.52 23.89 7.48
N ASP B 340 28.73 23.99 8.01
CA ASP B 340 29.34 25.30 8.17
C ASP B 340 29.56 25.95 6.81
N TRP B 341 29.34 27.25 6.73
CA TRP B 341 29.49 27.94 5.45
C TRP B 341 30.26 29.24 5.63
N GLY B 342 31.36 29.18 6.39
CA GLY B 342 32.29 30.31 6.38
C GLY B 342 31.73 31.50 7.12
N ILE B 343 32.20 32.70 6.75
CA ILE B 343 31.82 33.94 7.41
C ILE B 343 30.45 34.40 6.91
N LEU B 344 29.56 34.75 7.84
CA LEU B 344 28.27 35.31 7.48
C LEU B 344 28.34 36.83 7.35
N ALA B 345 29.00 37.49 8.30
CA ALA B 345 29.09 38.94 8.35
C ALA B 345 30.30 39.28 9.19
N LYS B 346 30.99 40.35 8.84
CA LYS B 346 32.20 40.68 9.58
C LYS B 346 32.48 42.16 9.39
N HIS B 347 32.78 42.86 10.49
CA HIS B 347 33.22 44.25 10.41
C HIS B 347 34.08 44.60 11.62
N SER B 348 35.15 45.33 11.35
CA SER B 348 36.03 45.91 12.36
C SER B 348 36.00 47.40 12.15
N ASP B 349 35.43 48.14 13.11
CA ASP B 349 35.12 49.54 12.86
C ASP B 349 36.18 50.46 13.45
N LEU B 350 36.66 51.39 12.63
CA LEU B 350 37.79 52.22 13.04
C LEU B 350 37.39 53.23 14.11
N TRP B 351 36.10 53.56 14.20
CA TRP B 351 35.61 54.63 15.05
C TRP B 351 34.90 54.15 16.31
N SER B 352 34.14 53.07 16.21
CA SER B 352 33.51 52.50 17.39
C SER B 352 34.43 51.54 18.14
N GLY B 353 35.47 51.03 17.49
CA GLY B 353 36.32 50.08 18.16
C GLY B 353 35.71 48.71 18.36
N ILE B 354 34.55 48.42 17.77
CA ILE B 354 33.90 47.12 17.95
C ILE B 354 34.33 46.19 16.82
N ASN B 355 34.75 44.97 17.16
CA ASN B 355 35.09 43.93 16.18
C ASN B 355 33.96 42.91 16.19
N TYR B 356 33.43 42.57 15.01
CA TYR B 356 32.22 41.77 14.90
C TYR B 356 32.43 40.69 13.82
N THR B 357 32.19 39.43 14.20
CA THR B 357 32.29 38.32 13.24
C THR B 357 31.21 37.29 13.56
N ARG B 358 30.53 36.81 12.52
CA ARG B 358 29.52 35.77 12.66
C ARG B 358 29.70 34.74 11.57
N ARG B 359 29.41 33.49 11.90
CA ARG B 359 29.59 32.40 10.95
C ARG B 359 28.27 32.07 10.28
N ASN B 360 28.35 31.63 9.04
CA ASN B 360 27.19 31.19 8.28
C ASN B 360 27.08 29.67 8.34
N ARG B 361 25.90 29.18 7.97
CA ARG B 361 25.73 27.74 7.81
C ARG B 361 24.53 27.50 6.89
N ARG B 362 24.49 26.31 6.31
CA ARG B 362 23.38 25.99 5.44
C ARG B 362 22.84 24.61 5.78
N MET B 363 21.52 24.49 5.64
CA MET B 363 20.80 23.23 5.56
C MET B 363 20.92 22.60 4.17
N VAL B 364 21.29 21.32 4.12
CA VAL B 364 21.47 20.60 2.86
C VAL B 364 20.46 19.47 2.79
N ILE B 365 19.73 19.39 1.69
CA ILE B 365 18.78 18.31 1.41
C ILE B 365 19.18 17.78 0.03
N SER B 366 19.50 16.49 -0.05
CA SER B 366 20.05 16.04 -1.33
C SER B 366 19.70 14.60 -1.61
N PHE B 367 19.72 14.26 -2.90
CA PHE B 367 19.65 12.87 -3.34
C PHE B 367 20.48 12.74 -4.60
N PHE B 368 20.91 11.50 -4.87
CA PHE B 368 21.64 11.11 -6.08
C PHE B 368 20.87 10.08 -6.87
N THR B 369 20.83 10.25 -8.18
CA THR B 369 20.19 9.31 -9.08
C THR B 369 21.18 8.86 -10.15
N THR B 370 20.94 7.67 -10.69
CA THR B 370 21.78 7.08 -11.74
C THR B 370 20.90 6.60 -12.86
N ILE B 371 21.06 7.16 -14.05
CA ILE B 371 20.35 6.70 -15.24
C ILE B 371 21.39 6.29 -16.29
N GLY B 372 21.63 5.00 -16.41
CA GLY B 372 22.58 4.54 -17.42
C GLY B 372 23.98 5.01 -17.06
N ASN B 373 24.57 5.82 -17.93
CA ASN B 373 25.95 6.23 -17.75
C ASN B 373 26.05 7.48 -16.85
N TYQ B 374 24.97 8.23 -16.71
CA TYQ B 374 24.94 9.47 -15.95
CA TYQ B 374 25.07 9.45 -15.94
C TYQ B 374 24.57 9.29 -14.51
O TYQ B 374 23.71 8.50 -14.16
CB TYQ B 374 23.92 10.53 -16.37
CB TYQ B 374 24.35 10.63 -16.61
CG TYQ B 374 23.68 10.67 -17.81
CG TYQ B 374 25.32 11.24 -17.56
CD1 TYQ B 374 24.58 11.39 -18.60
CD1 TYQ B 374 24.99 11.55 -18.88
CD2 TYQ B 374 22.55 10.08 -18.39
CD2 TYQ B 374 26.63 11.46 -17.11
CE1 TYQ B 374 24.37 11.54 -19.98
CE1 TYQ B 374 25.94 12.12 -19.75
CE2 TYQ B 374 22.30 10.21 -19.76
CE2 TYQ B 374 27.61 12.03 -17.95
CZ TYQ B 374 23.23 10.95 -20.54
CZ TYQ B 374 27.24 12.35 -19.28
OZ TYQ B 374 25.71 12.00 -18.08
OZ TYQ B 374 23.75 11.37 -19.43
N5 TYQ B 374 21.18 9.63 -20.39
N5 TYQ B 374 28.93 12.27 -17.50
OH TYQ B 374 23.06 11.12 -21.90
OH TYQ B 374 28.14 12.90 -20.17
N ASP B 375 25.20 10.06 -13.65
CA ASP B 375 24.84 10.14 -12.23
C ASP B 375 24.68 11.62 -11.90
N TYR B 376 23.60 11.99 -11.22
CA TYR B 376 23.33 13.39 -10.89
C TYR B 376 22.98 13.51 -9.43
N GLY B 377 23.60 14.49 -8.77
CA GLY B 377 23.23 14.86 -7.41
C GLY B 377 22.37 16.12 -7.46
N PHE B 378 21.28 16.12 -6.68
CA PHE B 378 20.39 17.26 -6.59
C PHE B 378 20.51 17.80 -5.18
N TYR B 379 20.91 19.07 -5.04
CA TYR B 379 21.18 19.65 -3.73
C TYR B 379 20.35 20.91 -3.56
N TRP B 380 19.55 20.95 -2.49
CA TRP B 380 18.87 22.17 -2.08
C TRP B 380 19.53 22.70 -0.82
N TYR B 381 19.84 24.00 -0.80
CA TYR B 381 20.49 24.64 0.33
C TYR B 381 19.57 25.73 0.87
N LEU B 382 19.43 25.78 2.19
CA LEU B 382 18.83 26.92 2.86
C LEU B 382 19.90 27.60 3.70
N TYR B 383 20.04 28.92 3.57
CA TYR B 383 21.04 29.64 4.34
C TYR B 383 20.42 30.46 5.45
N LEU B 384 21.27 30.80 6.44
CA LEU B 384 20.79 31.58 7.58
C LEU B 384 20.17 32.90 7.14
N ASP B 385 20.68 33.51 6.07
CA ASP B 385 20.28 34.86 5.72
C ASP B 385 19.07 34.91 4.80
N GLY B 386 18.37 33.79 4.62
CA GLY B 386 17.18 33.77 3.80
C GLY B 386 17.43 33.31 2.39
N THR B 387 18.68 33.04 2.00
CA THR B 387 18.99 32.60 0.66
C THR B 387 18.58 31.14 0.46
N ILE B 388 18.02 30.85 -0.72
CA ILE B 388 17.66 29.53 -1.18
C ILE B 388 18.49 29.24 -2.41
N GLU B 389 19.13 28.08 -2.44
CA GLU B 389 19.95 27.78 -3.60
C GLU B 389 19.76 26.33 -4.03
N PHE B 390 19.80 26.11 -5.34
CA PHE B 390 19.81 24.77 -5.90
C PHE B 390 21.13 24.52 -6.62
N GLU B 391 21.63 23.30 -6.53
CA GLU B 391 22.84 22.95 -7.23
C GLU B 391 22.70 21.53 -7.77
N ALA B 392 22.95 21.38 -9.05
CA ALA B 392 23.02 20.05 -9.67
C ALA B 392 24.51 19.70 -9.82
N LYS B 393 24.88 18.46 -9.44
CA LYS B 393 26.24 17.95 -9.59
C LYS B 393 26.21 16.80 -10.59
N ALA B 394 26.84 17.00 -11.74
CA ALA B 394 26.87 16.01 -12.81
C ALA B 394 28.16 15.22 -12.74
N THR B 395 28.05 13.89 -12.77
CA THR B 395 29.24 13.05 -12.81
C THR B 395 28.85 11.78 -13.57
N GLY B 396 29.44 10.64 -13.25
CA GLY B 396 29.21 9.44 -14.06
C GLY B 396 30.25 9.29 -15.15
N VAL B 397 29.86 8.58 -16.20
CA VAL B 397 30.73 8.31 -17.34
C VAL B 397 30.12 9.02 -18.54
N VAL B 398 30.95 9.74 -19.31
CA VAL B 398 30.40 10.39 -20.51
C VAL B 398 29.95 9.33 -21.52
N PHE B 399 28.93 9.68 -22.28
CA PHE B 399 28.49 8.83 -23.38
C PHE B 399 29.48 8.90 -24.54
N THR B 400 29.86 7.75 -25.07
CA THR B 400 31.01 7.66 -25.97
C THR B 400 30.57 7.24 -27.38
N SER B 401 31.53 7.36 -28.29
CA SER B 401 31.39 7.00 -29.69
C SER B 401 32.79 6.70 -30.20
N ALA B 402 32.91 6.28 -31.46
CA ALA B 402 34.24 6.27 -32.05
C ALA B 402 34.69 7.71 -32.28
N PHE B 403 36.00 7.93 -32.26
CA PHE B 403 36.53 9.20 -32.73
C PHE B 403 36.95 9.05 -34.18
N PRO B 404 36.35 9.80 -35.09
CA PRO B 404 36.60 9.54 -36.51
C PRO B 404 38.02 9.87 -36.90
N GLU B 405 38.50 9.12 -37.90
CA GLU B 405 39.74 9.44 -38.59
C GLU B 405 39.64 10.82 -39.22
N GLY B 406 40.61 11.68 -38.95
CA GLY B 406 40.59 13.00 -39.51
C GLY B 406 39.79 14.02 -38.72
N GLY B 407 39.16 13.63 -37.62
CA GLY B 407 38.65 14.61 -36.68
C GLY B 407 37.16 14.81 -36.77
N SER B 408 36.68 15.71 -35.93
CA SER B 408 35.25 15.98 -35.84
C SER B 408 35.05 17.35 -35.21
N ASP B 409 34.04 18.08 -35.69
CA ASP B 409 33.66 19.34 -35.08
C ASP B 409 32.61 19.17 -33.99
N ASN B 410 32.16 17.94 -33.73
CA ASN B 410 31.07 17.71 -32.77
C ASN B 410 31.39 16.63 -31.75
N ILE B 411 32.62 16.10 -31.75
CA ILE B 411 33.02 15.04 -30.84
C ILE B 411 34.40 15.39 -30.30
N SER B 412 34.62 15.14 -29.00
CA SER B 412 35.95 15.24 -28.38
C SER B 412 36.64 13.89 -28.39
N GLN B 413 37.95 13.89 -28.62
CA GLN B 413 38.73 12.67 -28.43
C GLN B 413 39.14 12.55 -26.97
N LEU B 414 38.85 11.40 -26.37
CA LEU B 414 39.16 11.16 -24.96
C LEU B 414 40.32 10.20 -24.79
N ALA B 415 40.47 9.32 -25.75
CA ALA B 415 41.45 8.25 -25.75
C ALA B 415 41.65 7.84 -27.20
N PRO B 416 42.71 7.09 -27.52
CA PRO B 416 42.95 6.77 -28.94
C PRO B 416 41.74 6.03 -29.52
N GLY B 417 41.16 6.62 -30.57
CA GLY B 417 40.00 6.06 -31.20
C GLY B 417 38.68 6.33 -30.48
N LEU B 418 38.70 6.92 -29.29
CA LEU B 418 37.50 7.02 -28.47
C LEU B 418 37.01 8.46 -28.42
N GLY B 419 35.74 8.67 -28.73
CA GLY B 419 35.18 9.99 -28.75
C GLY B 419 34.07 10.21 -27.73
N ALA B 420 33.74 11.47 -27.48
CA ALA B 420 32.57 11.85 -26.67
C ALA B 420 31.83 12.98 -27.38
N PRO B 421 30.61 12.71 -27.88
CA PRO B 421 29.84 13.75 -28.57
C PRO B 421 29.55 14.93 -27.65
N PHE B 422 29.49 16.13 -28.24
CA PHE B 422 29.10 17.31 -27.50
C PHE B 422 27.62 17.21 -27.13
N HIS B 423 27.25 17.82 -26.00
CA HIS B 423 25.90 17.70 -25.50
C HIS B 423 25.68 18.76 -24.44
N GLN B 424 24.41 18.89 -24.02
CA GLN B 424 24.01 19.76 -22.92
C GLN B 424 23.28 18.94 -21.88
N HIS B 425 23.31 19.42 -20.62
CA HIS B 425 22.42 18.94 -19.57
C HIS B 425 21.59 20.16 -19.19
N ILE B 426 20.30 20.16 -19.51
CA ILE B 426 19.47 21.33 -19.26
C ILE B 426 18.34 20.96 -18.30
N PHE B 427 18.19 21.74 -17.24
CA PHE B 427 17.24 21.52 -16.16
C PHE B 427 16.14 22.55 -16.23
N SER B 428 14.97 22.20 -15.72
CA SER B 428 13.86 23.15 -15.53
C SER B 428 13.45 23.12 -14.07
N ALA B 429 13.65 24.23 -13.37
CA ALA B 429 13.16 24.36 -12.01
C ALA B 429 11.74 24.91 -12.05
N ARG B 430 10.82 24.28 -11.33
CA ARG B 430 9.46 24.79 -11.25
C ARG B 430 9.22 25.31 -9.85
N LEU B 431 9.00 26.63 -9.72
CA LEU B 431 8.92 27.31 -8.45
C LEU B 431 7.53 27.91 -8.36
N ASP B 432 6.65 27.21 -7.67
CA ASP B 432 5.30 27.69 -7.41
C ASP B 432 5.44 28.70 -6.29
N MET B 433 5.40 29.99 -6.63
CA MET B 433 5.81 31.00 -5.65
C MET B 433 4.66 31.35 -4.72
N ALA B 434 5.05 31.81 -3.54
CA ALA B 434 4.09 32.27 -2.54
C ALA B 434 4.78 33.29 -1.64
N ILE B 435 5.37 34.33 -2.24
CA ILE B 435 6.05 35.39 -1.49
C ILE B 435 5.06 36.09 -0.57
N ASP B 436 5.13 35.80 0.73
CA ASP B 436 4.16 36.36 1.69
C ASP B 436 2.72 36.04 1.32
N GLY B 437 2.47 34.89 0.73
CA GLY B 437 1.13 34.57 0.25
C GLY B 437 1.11 34.51 -1.27
N PHE B 438 -0.10 34.41 -1.82
CA PHE B 438 -0.22 33.95 -3.19
C PHE B 438 -0.38 35.06 -4.22
N THR B 439 -0.52 36.32 -3.82
CA THR B 439 -0.66 37.42 -4.76
CA THR B 439 -0.66 37.41 -4.78
C THR B 439 0.74 37.92 -5.11
N ASN B 440 1.28 37.45 -6.24
CA ASN B 440 2.66 37.73 -6.60
C ASN B 440 2.76 38.28 -8.00
N ARG B 441 3.91 38.92 -8.29
CA ARG B 441 4.19 39.34 -9.64
CA ARG B 441 4.20 39.40 -9.62
C ARG B 441 5.70 39.25 -9.87
N VAL B 442 6.09 39.19 -11.14
CA VAL B 442 7.49 39.11 -11.53
C VAL B 442 7.88 40.39 -12.27
N GLU B 443 9.01 40.95 -11.86
CA GLU B 443 9.64 42.06 -12.58
C GLU B 443 11.00 41.64 -13.09
N GLU B 444 11.33 42.12 -14.28
CA GLU B 444 12.65 41.93 -14.86
C GLU B 444 13.44 43.19 -14.53
N GLU B 445 14.60 43.02 -13.91
CA GLU B 445 15.42 44.15 -13.52
C GLU B 445 16.70 44.13 -14.34
N ASP B 446 16.96 45.24 -15.05
CA ASP B 446 18.18 45.44 -15.84
C ASP B 446 18.97 46.61 -15.28
N VAL B 447 20.30 46.53 -15.33
CA VAL B 447 21.14 47.68 -15.06
CA VAL B 447 21.12 47.71 -15.04
C VAL B 447 20.95 48.70 -16.18
N VAL B 448 20.96 49.99 -15.83
CA VAL B 448 20.76 51.06 -16.81
C VAL B 448 22.01 51.93 -16.81
N ARG B 449 22.71 51.98 -17.94
CA ARG B 449 23.84 52.88 -18.10
CA ARG B 449 23.84 52.87 -18.12
C ARG B 449 23.36 54.28 -18.48
N GLN B 450 24.02 55.29 -17.95
CA GLN B 450 23.63 56.68 -18.18
C GLN B 450 24.76 57.42 -18.87
N THR B 451 24.42 58.32 -19.80
CA THR B 451 25.40 59.10 -20.52
CA THR B 451 25.42 59.09 -20.50
C THR B 451 25.78 60.34 -19.73
N MET B 452 27.04 60.76 -19.88
CA MET B 452 27.47 62.07 -19.41
C MET B 452 26.63 63.19 -19.97
N GLY B 453 26.21 64.08 -19.10
CA GLY B 453 25.51 65.26 -19.50
C GLY B 453 24.88 65.93 -18.30
N PRO B 454 23.89 66.78 -18.55
CA PRO B 454 23.26 67.52 -17.44
C PRO B 454 22.68 66.58 -16.41
N GLY B 455 22.96 66.87 -15.14
CA GLY B 455 22.54 65.98 -14.08
C GLY B 455 23.38 64.73 -13.92
N ASN B 456 24.36 64.51 -14.79
CA ASN B 456 25.35 63.45 -14.66
C ASN B 456 26.66 63.95 -15.24
N GLU B 457 27.16 65.05 -14.67
CA GLU B 457 28.26 65.81 -15.27
C GLU B 457 29.58 65.07 -15.22
N ARG B 458 29.82 64.25 -14.19
CA ARG B 458 31.06 63.49 -14.11
C ARG B 458 30.95 62.11 -14.76
N GLY B 459 29.79 61.79 -15.32
CA GLY B 459 29.61 60.55 -16.05
C GLY B 459 29.76 59.29 -15.24
N ASN B 460 29.37 59.33 -13.97
CA ASN B 460 29.52 58.20 -13.05
C ASN B 460 28.21 57.50 -12.73
N ALA B 461 27.08 58.12 -13.04
CA ALA B 461 25.80 57.59 -12.59
C ALA B 461 25.45 56.32 -13.34
N PHE B 462 24.85 55.39 -12.63
CA PHE B 462 24.15 54.28 -13.28
C PHE B 462 22.93 53.97 -12.46
N SER B 463 22.00 53.23 -13.05
CA SER B 463 20.72 53.03 -12.40
C SER B 463 20.25 51.61 -12.70
N ARG B 464 18.96 51.39 -12.50
CA ARG B 464 18.35 50.11 -12.85
CA ARG B 464 18.31 50.11 -12.71
C ARG B 464 16.91 50.36 -13.25
N LYS B 465 16.36 49.41 -13.97
CA LYS B 465 14.96 49.57 -14.37
C LYS B 465 14.26 48.25 -14.14
N ARG B 466 12.99 48.33 -13.78
CA ARG B 466 12.20 47.15 -13.49
C ARG B 466 10.98 47.16 -14.38
N THR B 467 10.74 46.05 -15.08
CA THR B 467 9.59 45.91 -15.94
C THR B 467 8.69 44.81 -15.38
N VAL B 468 7.43 45.15 -15.07
CA VAL B 468 6.46 44.16 -14.60
C VAL B 468 6.01 43.31 -15.77
N LEU B 469 6.02 42.00 -15.58
CA LEU B 469 5.43 41.08 -16.56
C LEU B 469 3.95 40.91 -16.18
N THR B 470 3.04 41.36 -17.05
CA THR B 470 1.65 41.43 -16.66
C THR B 470 0.80 40.30 -17.22
N ARG B 471 1.20 39.69 -18.35
CA ARG B 471 0.45 38.63 -18.99
C ARG B 471 1.43 37.56 -19.48
N GLU B 472 0.93 36.33 -19.58
CA GLU B 472 1.77 35.20 -19.95
C GLU B 472 2.42 35.40 -21.31
N SER B 473 1.74 36.09 -22.23
CA SER B 473 2.33 36.30 -23.55
C SER B 473 3.61 37.13 -23.51
N GLU B 474 3.83 37.92 -22.47
CA GLU B 474 5.06 38.67 -22.38
C GLU B 474 6.01 38.10 -21.33
N ALA B 475 5.70 36.91 -20.79
CA ALA B 475 6.46 36.38 -19.68
C ALA B 475 7.42 35.26 -20.12
N VAL B 476 7.90 35.28 -21.36
CA VAL B 476 8.95 34.36 -21.79
C VAL B 476 10.20 35.20 -21.98
N ARG B 477 11.16 35.05 -21.07
CA ARG B 477 12.26 35.99 -20.93
C ARG B 477 13.59 35.28 -21.16
N GLU B 478 14.56 36.05 -21.67
CA GLU B 478 15.90 35.55 -21.87
CA GLU B 478 15.91 35.58 -21.91
C GLU B 478 16.87 36.28 -20.96
N ALA B 479 17.96 35.59 -20.63
CA ALA B 479 19.01 36.16 -19.80
C ALA B 479 19.67 37.32 -20.53
N ASP B 480 20.30 38.19 -19.76
CA ASP B 480 21.22 39.17 -20.38
C ASP B 480 22.28 39.49 -19.34
N ALA B 481 23.35 38.69 -19.34
CA ALA B 481 24.42 38.87 -18.36
C ALA B 481 25.05 40.25 -18.47
N ARG B 482 25.11 40.83 -19.67
CA ARG B 482 25.78 42.10 -19.87
C ARG B 482 25.08 43.23 -19.11
N THR B 483 23.75 43.18 -19.02
CA THR B 483 23.00 44.19 -18.29
CA THR B 483 23.00 44.19 -18.28
C THR B 483 22.64 43.74 -16.88
N GLY B 484 23.31 42.69 -16.37
CA GLY B 484 23.06 42.20 -15.01
C GLY B 484 21.62 41.78 -14.75
N ARG B 485 20.94 41.26 -15.78
CA ARG B 485 19.51 40.99 -15.67
C ARG B 485 19.20 39.95 -14.59
N THR B 486 18.24 40.26 -13.74
CA THR B 486 17.73 39.35 -12.74
C THR B 486 16.22 39.49 -12.74
N TRP B 487 15.54 38.63 -11.99
CA TRP B 487 14.09 38.71 -11.91
C TRP B 487 13.69 38.77 -10.46
N ILE B 488 12.72 39.63 -10.16
CA ILE B 488 12.24 39.83 -8.80
C ILE B 488 10.81 39.35 -8.72
N ILE B 489 10.55 38.43 -7.79
CA ILE B 489 9.20 38.00 -7.47
C ILE B 489 8.77 38.77 -6.23
N SER B 490 7.76 39.62 -6.37
CA SER B 490 7.31 40.43 -5.25
C SER B 490 5.83 40.19 -4.98
N ASN B 491 5.40 40.67 -3.82
CA ASN B 491 3.99 40.66 -3.44
C ASN B 491 3.55 42.12 -3.35
N PRO B 492 2.79 42.63 -4.31
CA PRO B 492 2.45 44.06 -4.29
C PRO B 492 1.56 44.46 -3.14
N GLU B 493 0.97 43.49 -2.43
CA GLU B 493 0.04 43.75 -1.34
C GLU B 493 0.69 43.67 0.03
N SER B 494 1.96 43.33 0.10
CA SER B 494 2.65 43.11 1.36
C SER B 494 3.90 43.98 1.34
N LYS B 495 3.91 45.02 2.18
CA LYS B 495 4.97 46.01 2.16
C LYS B 495 5.90 45.83 3.36
N ASN B 496 7.18 46.16 3.15
CA ASN B 496 8.11 46.18 4.27
C ASN B 496 7.96 47.50 5.01
N ARG B 497 8.78 47.73 6.05
CA ARG B 497 8.58 48.93 6.87
C ARG B 497 8.88 50.22 6.12
N LEU B 498 9.55 50.15 4.97
CA LEU B 498 9.77 51.29 4.08
C LEU B 498 8.65 51.45 3.06
N ASN B 499 7.56 50.70 3.22
CA ASN B 499 6.40 50.76 2.34
CA ASN B 499 6.40 50.77 2.34
C ASN B 499 6.74 50.33 0.91
N GLU B 500 7.74 49.43 0.76
CA GLU B 500 8.02 48.85 -0.54
CA GLU B 500 8.04 48.85 -0.53
C GLU B 500 7.56 47.40 -0.58
N PRO B 501 7.14 46.90 -1.74
CA PRO B 501 6.70 45.49 -1.80
C PRO B 501 7.84 44.55 -1.43
N VAL B 502 7.50 43.52 -0.67
CA VAL B 502 8.48 42.51 -0.29
C VAL B 502 8.79 41.62 -1.49
N GLY B 503 10.02 41.13 -1.55
CA GLY B 503 10.36 40.34 -2.72
C GLY B 503 11.59 39.48 -2.55
N TYR B 504 11.84 38.66 -3.57
CA TYR B 504 12.98 37.75 -3.65
C TYR B 504 13.54 37.88 -5.06
N LYS B 505 14.85 37.88 -5.16
CA LYS B 505 15.52 38.09 -6.43
C LYS B 505 16.11 36.76 -6.89
N LEU B 506 15.84 36.40 -8.14
CA LEU B 506 16.36 35.19 -8.75
CA LEU B 506 16.36 35.18 -8.73
C LEU B 506 17.65 35.50 -9.48
N HIS B 507 18.75 34.88 -9.06
CA HIS B 507 20.07 35.07 -9.69
C HIS B 507 20.35 33.82 -10.51
N ALA B 508 20.43 33.97 -11.83
CA ALA B 508 20.72 32.89 -12.74
C ALA B 508 22.21 32.85 -13.05
N HIS B 509 22.68 31.70 -13.53
CA HIS B 509 24.08 31.57 -13.93
C HIS B 509 24.34 32.02 -15.36
N ASN B 510 23.29 32.23 -16.15
CA ASN B 510 23.40 32.79 -17.49
C ASN B 510 24.24 31.89 -18.41
N GLN B 511 24.13 30.59 -18.24
CA GLN B 511 24.72 29.63 -19.17
C GLN B 511 23.87 29.54 -20.44
N PRO B 512 24.45 29.08 -21.55
CA PRO B 512 23.67 29.00 -22.78
C PRO B 512 22.48 28.06 -22.64
N THR B 513 21.40 28.42 -23.33
CA THR B 513 20.19 27.59 -23.42
C THR B 513 20.31 26.64 -24.62
N LEU B 514 19.21 26.01 -25.00
CA LEU B 514 19.23 24.95 -26.01
C LEU B 514 19.87 25.46 -27.29
N LEU B 515 20.90 24.75 -27.75
CA LEU B 515 21.63 25.20 -28.93
C LEU B 515 21.04 24.68 -30.23
N ALA B 516 20.17 23.68 -30.16
CA ALA B 516 19.67 23.06 -31.39
C ALA B 516 18.96 24.07 -32.28
N ASP B 517 18.91 23.77 -33.58
CA ASP B 517 18.19 24.62 -34.51
C ASP B 517 16.74 24.76 -34.05
N PRO B 518 16.16 25.97 -34.09
CA PRO B 518 14.80 26.15 -33.58
C PRO B 518 13.74 25.36 -34.34
N GLY B 519 14.03 24.87 -35.54
CA GLY B 519 13.12 24.05 -36.30
C GLY B 519 13.26 22.56 -36.06
N SER B 520 14.07 22.17 -35.09
CA SER B 520 14.37 20.76 -34.86
C SER B 520 13.31 20.13 -33.98
N SER B 521 13.25 18.80 -34.05
CA SER B 521 12.37 18.04 -33.17
C SER B 521 12.63 18.38 -31.71
N ILE B 522 13.90 18.39 -31.29
CA ILE B 522 14.16 18.61 -29.87
C ILE B 522 13.74 20.02 -29.44
N ALA B 523 13.89 21.03 -30.31
CA ALA B 523 13.44 22.35 -29.89
C ALA B 523 11.92 22.40 -29.72
N ARG B 524 11.20 21.57 -30.45
CA ARG B 524 9.75 21.48 -30.30
CA ARG B 524 9.75 21.50 -30.29
C ARG B 524 9.36 20.73 -29.04
N ARG B 525 10.10 19.65 -28.73
CA ARG B 525 9.74 18.82 -27.58
C ARG B 525 10.30 19.38 -26.28
N ALA B 526 11.43 20.07 -26.34
CA ALA B 526 12.03 20.70 -25.18
C ALA B 526 11.96 22.21 -25.35
N ALA B 527 10.79 22.76 -25.73
CA ALA B 527 10.70 24.19 -25.96
C ALA B 527 11.07 25.00 -24.72
N PHE B 528 10.75 24.49 -23.52
CA PHE B 528 11.13 25.16 -22.30
C PHE B 528 12.61 25.52 -22.29
N ALA B 529 13.45 24.69 -22.93
CA ALA B 529 14.91 24.82 -22.84
C ALA B 529 15.46 25.95 -23.70
N THR B 530 14.63 26.58 -24.54
CA THR B 530 15.10 27.61 -25.45
C THR B 530 15.07 28.99 -24.83
N LYS B 531 14.48 29.14 -23.64
CA LYS B 531 14.37 30.43 -22.96
C LYS B 531 14.71 30.25 -21.49
N ASP B 532 15.23 31.31 -20.87
CA ASP B 532 15.69 31.19 -19.49
C ASP B 532 14.58 31.25 -18.47
N LEU B 533 13.51 32.00 -18.75
CA LEU B 533 12.55 32.26 -17.70
C LEU B 533 11.16 32.26 -18.27
N TRP B 534 10.28 31.49 -17.65
CA TRP B 534 8.87 31.50 -18.02
C TRP B 534 8.07 31.70 -16.75
N VAL B 535 6.94 32.41 -16.88
CA VAL B 535 6.04 32.65 -15.75
C VAL B 535 4.64 32.26 -16.18
N THR B 536 4.01 31.35 -15.45
CA THR B 536 2.63 31.02 -15.77
C THR B 536 1.72 31.31 -14.57
N ARG B 537 0.43 31.39 -14.88
CA ARG B 537 -0.58 31.40 -13.86
C ARG B 537 -0.78 29.98 -13.33
N TYR B 538 -0.85 29.83 -12.00
CA TYR B 538 -0.99 28.50 -11.41
C TYR B 538 -2.25 27.79 -11.92
N ALA B 539 -2.09 26.52 -12.28
CA ALA B 539 -3.20 25.62 -12.60
C ALA B 539 -2.81 24.23 -12.13
N ASP B 540 -3.76 23.52 -11.52
CA ASP B 540 -3.49 22.22 -10.90
C ASP B 540 -2.84 21.23 -11.87
N ASP B 541 -3.19 21.29 -13.14
CA ASP B 541 -2.76 20.25 -14.08
C ASP B 541 -1.55 20.66 -14.91
N GLU B 542 -1.00 21.85 -14.69
CA GLU B 542 0.18 22.30 -15.45
C GLU B 542 1.41 22.00 -14.59
N ARG B 543 1.83 20.73 -14.60
CA ARG B 543 2.87 20.29 -13.68
C ARG B 543 4.26 20.24 -14.28
N TYR B 544 4.39 19.93 -15.56
CA TYR B 544 5.71 19.71 -16.12
C TYR B 544 5.87 20.58 -17.35
N PRO B 545 7.07 21.12 -17.60
CA PRO B 545 7.25 22.02 -18.74
C PRO B 545 7.14 21.32 -20.08
N THR B 546 7.21 20.00 -20.07
CA THR B 546 7.15 19.19 -21.27
C THR B 546 5.83 18.44 -21.39
N GLY B 547 4.88 18.68 -20.50
CA GLY B 547 3.65 17.90 -20.47
C GLY B 547 3.78 16.60 -19.67
N ASP B 548 2.68 15.84 -19.64
CA ASP B 548 2.58 14.67 -18.75
C ASP B 548 3.27 13.46 -19.34
N PHE B 549 3.19 13.31 -20.65
CA PHE B 549 3.69 12.13 -21.34
C PHE B 549 4.73 12.61 -22.35
N VAL B 550 5.99 12.66 -21.90
CA VAL B 550 7.06 13.20 -22.74
C VAL B 550 7.46 12.18 -23.82
N ASN B 551 7.43 10.88 -23.46
CA ASN B 551 7.98 9.82 -24.30
C ASN B 551 7.26 9.79 -25.65
N GLN B 552 8.02 10.02 -26.72
CA GLN B 552 7.51 9.98 -28.08
C GLN B 552 6.36 10.95 -28.33
N HIS B 553 6.30 12.08 -27.61
CA HIS B 553 5.37 13.12 -27.99
C HIS B 553 5.98 14.01 -29.07
N SER B 554 5.17 14.42 -30.04
CA SER B 554 5.70 15.04 -31.25
C SER B 554 6.12 16.49 -31.06
N GLY B 555 5.69 17.15 -30.00
CA GLY B 555 6.16 18.49 -29.67
C GLY B 555 5.05 19.42 -29.25
N GLY B 556 5.44 20.47 -28.51
CA GLY B 556 4.57 21.59 -28.21
C GLY B 556 3.72 21.44 -26.96
N ALA B 557 4.01 20.44 -26.13
N ALA B 557 3.84 20.32 -26.25
CA ALA B 557 3.07 19.88 -25.13
CA ALA B 557 3.12 20.17 -25.00
C ALA B 557 2.16 20.88 -24.41
C ALA B 557 3.88 20.87 -23.86
N GLY B 558 2.60 21.77 -23.49
N GLY B 558 3.15 21.11 -22.78
CA GLY B 558 3.94 22.01 -22.92
CA GLY B 558 3.74 21.82 -21.68
C GLY B 558 3.86 23.36 -22.19
C GLY B 558 3.82 23.31 -21.94
N LEU B 559 4.95 23.90 -21.64
CA LEU B 559 5.02 25.35 -21.42
C LEU B 559 4.50 26.16 -22.59
N PRO B 560 4.85 25.88 -23.86
CA PRO B 560 4.28 26.69 -24.94
C PRO B 560 2.76 26.69 -24.99
N SER B 561 2.12 25.57 -24.66
CA SER B 561 0.67 25.51 -24.65
CA SER B 561 0.66 25.53 -24.66
C SER B 561 0.07 26.22 -23.43
N TYR B 562 0.74 26.14 -22.28
CA TYR B 562 0.28 26.88 -21.10
C TYR B 562 0.27 28.38 -21.37
N ILE B 563 1.42 28.94 -21.75
CA ILE B 563 1.49 30.41 -21.86
C ILE B 563 0.64 30.93 -23.01
N ALA B 564 0.26 30.06 -23.96
CA ALA B 564 -0.64 30.51 -25.02
C ALA B 564 -2.02 30.89 -24.47
N GLN B 565 -2.34 30.51 -23.24
CA GLN B 565 -3.59 30.99 -22.66
C GLN B 565 -3.55 32.46 -22.30
N ASP B 566 -2.37 33.09 -22.26
CA ASP B 566 -2.24 34.53 -22.06
C ASP B 566 -3.02 35.03 -20.84
N ARG B 567 -2.80 34.39 -19.69
CA ARG B 567 -3.55 34.73 -18.49
C ARG B 567 -2.89 35.87 -17.71
N ASP B 568 -3.69 36.51 -16.87
CA ASP B 568 -3.21 37.57 -15.97
C ASP B 568 -2.24 37.02 -14.95
N ILE B 569 -1.05 37.62 -14.86
CA ILE B 569 -0.06 37.19 -13.87
C ILE B 569 0.42 38.37 -13.03
N ASP B 570 -0.29 39.49 -13.07
CA ASP B 570 0.10 40.65 -12.28
C ASP B 570 -0.62 40.63 -10.94
N GLY B 571 0.03 40.08 -9.91
CA GLY B 571 -0.61 40.02 -8.59
C GLY B 571 -1.54 38.84 -8.46
N GLN B 572 -1.04 37.66 -8.84
CA GLN B 572 -1.84 36.46 -8.96
C GLN B 572 -1.02 35.26 -8.47
N ASP B 573 -1.67 34.10 -8.42
CA ASP B 573 -1.03 32.84 -8.01
C ASP B 573 -0.18 32.37 -9.18
N ILE B 574 1.15 32.52 -9.08
CA ILE B 574 1.98 32.33 -10.26
C ILE B 574 3.05 31.27 -9.99
N VAL B 575 3.65 30.82 -11.10
CA VAL B 575 4.65 29.78 -11.11
C VAL B 575 5.80 30.25 -11.98
N VAL B 576 7.02 30.16 -11.47
CA VAL B 576 8.20 30.56 -12.21
C VAL B 576 8.91 29.28 -12.66
N TRP B 577 9.24 29.20 -13.94
CA TRP B 577 9.96 28.05 -14.51
C TRP B 577 11.30 28.56 -14.97
N HIS B 578 12.38 28.12 -14.35
CA HIS B 578 13.70 28.62 -14.69
C HIS B 578 14.47 27.52 -15.41
N THR B 579 14.92 27.81 -16.63
CA THR B 579 15.77 26.91 -17.39
C THR B 579 17.23 27.23 -17.12
N PHE B 580 18.03 26.20 -16.80
CA PHE B 580 19.47 26.38 -16.59
C PHE B 580 20.18 25.10 -16.98
N GLY B 581 21.43 25.23 -17.43
CA GLY B 581 22.09 24.05 -17.94
C GLY B 581 23.60 24.15 -18.08
N LEU B 582 24.21 23.00 -18.30
CA LEU B 582 25.62 22.91 -18.64
C LEU B 582 25.75 22.51 -20.10
N THR B 583 26.64 23.20 -20.80
CA THR B 583 27.05 22.81 -22.15
C THR B 583 28.39 22.09 -22.03
N HIS B 584 28.42 20.84 -22.43
CA HIS B 584 29.53 19.98 -22.09
C HIS B 584 30.31 19.62 -23.37
N PHE B 585 31.51 20.18 -23.51
CA PHE B 585 32.49 19.76 -24.49
C PHE B 585 33.47 18.84 -23.76
N PRO B 586 33.34 17.54 -23.86
CA PRO B 586 34.09 16.67 -22.94
C PRO B 586 35.60 16.85 -23.10
N ARG B 587 36.29 16.73 -21.98
CA ARG B 587 37.72 16.94 -21.96
C ARG B 587 38.36 15.62 -21.52
N VAL B 588 39.65 15.49 -21.82
CA VAL B 588 40.39 14.28 -21.47
C VAL B 588 40.21 13.95 -19.98
N GLU B 589 40.17 14.99 -19.14
CA GLU B 589 40.05 14.83 -17.69
C GLU B 589 38.69 14.26 -17.26
N ASP B 590 37.69 14.24 -18.15
CA ASP B 590 36.39 13.62 -17.86
C ASP B 590 36.41 12.11 -17.98
N TRP B 591 37.51 11.51 -18.47
CA TRP B 591 37.66 10.11 -18.78
C TRP B 591 38.68 9.46 -17.84
N PRO B 592 38.41 8.26 -17.32
CA PRO B 592 37.32 7.30 -17.58
C PRO B 592 36.08 7.51 -16.70
N ILE B 593 36.18 8.37 -15.69
CA ILE B 593 35.06 8.71 -14.85
C ILE B 593 35.14 10.19 -14.54
N MET B 594 34.02 10.88 -14.66
CA MET B 594 34.00 12.34 -14.76
C MET B 594 34.03 12.99 -13.38
N PRO B 595 34.94 13.93 -13.12
CA PRO B 595 34.80 14.74 -11.90
C PRO B 595 33.58 15.65 -11.99
N VAL B 596 32.96 15.84 -10.83
CA VAL B 596 31.72 16.60 -10.73
C VAL B 596 31.87 17.98 -11.34
N ASP B 597 30.91 18.35 -12.17
CA ASP B 597 30.71 19.74 -12.58
C ASP B 597 29.32 20.16 -12.12
N THR B 598 29.13 21.47 -11.91
CA THR B 598 27.93 21.96 -11.24
C THR B 598 27.26 23.09 -12.01
N VAL B 599 25.96 23.26 -11.74
CA VAL B 599 25.21 24.39 -12.25
C VAL B 599 24.01 24.56 -11.33
N GLY B 600 23.42 25.75 -11.33
CA GLY B 600 22.31 25.99 -10.44
C GLY B 600 21.78 27.42 -10.51
N PHE B 601 21.17 27.86 -9.42
CA PHE B 601 20.56 29.18 -9.36
C PHE B 601 20.31 29.47 -7.90
N LYS B 602 19.99 30.72 -7.60
CA LYS B 602 19.68 31.01 -6.21
C LYS B 602 18.69 32.16 -6.14
N LEU B 603 18.02 32.24 -5.00
CA LEU B 603 17.06 33.29 -4.72
C LEU B 603 17.45 33.95 -3.42
N ARG B 604 17.53 35.29 -3.42
CA ARG B 604 17.94 36.05 -2.26
C ARG B 604 16.84 37.03 -1.89
N PRO B 605 16.58 37.25 -0.60
CA PRO B 605 15.61 38.26 -0.19
C PRO B 605 15.95 39.62 -0.79
N GLU B 606 14.91 40.36 -1.18
CA GLU B 606 15.07 41.70 -1.75
C GLU B 606 14.02 42.60 -1.09
N GLY B 607 14.38 43.19 0.04
CA GLY B 607 13.39 43.93 0.81
C GLY B 607 12.29 43.05 1.37
N PHE B 608 12.55 41.76 1.55
CA PHE B 608 11.57 40.88 2.20
C PHE B 608 11.51 41.16 3.69
N PHE B 609 12.67 41.35 4.31
CA PHE B 609 12.78 41.64 5.73
C PHE B 609 12.93 43.15 5.95
N ASP B 610 12.72 43.59 7.19
CA ASP B 610 12.86 45.01 7.50
C ASP B 610 14.29 45.42 7.81
N ARG B 611 15.22 44.48 7.87
CA ARG B 611 16.65 44.70 8.13
C ARG B 611 17.27 43.32 8.01
N SER B 612 18.58 43.21 8.22
CA SER B 612 19.22 41.91 8.15
C SER B 612 18.50 40.92 9.06
N PRO B 613 18.11 39.75 8.55
CA PRO B 613 17.44 38.76 9.40
C PRO B 613 18.38 37.94 10.27
N VAL B 614 19.68 38.23 10.27
CA VAL B 614 20.63 37.44 11.05
C VAL B 614 21.34 38.28 12.11
N LEU B 615 20.64 39.29 12.63
CA LEU B 615 21.20 40.07 13.73
C LEU B 615 21.21 39.28 15.02
N ASP B 616 20.39 38.24 15.13
CA ASP B 616 20.25 37.49 16.36
C ASP B 616 21.09 36.23 16.39
N VAL B 617 21.99 36.07 15.42
CA VAL B 617 22.88 34.91 15.42
C VAL B 617 23.98 35.14 16.46
N PRO B 618 24.24 34.19 17.36
CA PRO B 618 25.24 34.45 18.40
C PRO B 618 26.64 34.24 17.87
N ALA B 619 27.62 34.74 18.63
CA ALA B 619 29.01 34.47 18.33
C ALA B 619 29.31 33.00 18.58
N ASN B 620 30.08 32.39 17.67
CA ASN B 620 30.34 30.95 17.67
C ASN B 620 30.83 30.36 19.00
NA NA C . -3.44 -25.70 -0.33
C1' HY1 D . -21.55 -6.01 20.52
C2' HY1 D . -20.23 -5.89 21.03
C3' HY1 D . -20.01 -5.59 22.38
C4' HY1 D . -21.10 -5.40 23.22
C5' HY1 D . -22.43 -5.53 22.70
C6' HY1 D . -22.66 -5.84 21.36
CA HY1 D . -21.76 -6.36 18.95
C HY1 D . -20.61 -7.31 18.50
O HY1 D . -20.85 -8.47 18.16
CU CU E . -29.25 -13.98 15.17
NA NA F . 2.05 30.50 -6.83
C1' HY1 G . 21.01 6.10 -20.93
C2' HY1 G . 19.78 5.64 -20.39
C3' HY1 G . 19.62 4.27 -20.10
C4' HY1 G . 20.65 3.37 -20.32
C5' HY1 G . 21.88 3.85 -20.87
C6' HY1 G . 22.06 5.21 -21.16
CA HY1 G . 21.18 7.68 -21.26
C HY1 G . 19.78 8.31 -21.02
O HY1 G . 19.40 8.62 -19.88
CU CU H . 27.92 15.99 -19.87
#